data_2LWP
#
_entry.id   2LWP
#
_cell.length_a   1.000
_cell.length_b   1.000
_cell.length_c   1.000
_cell.angle_alpha   90.00
_cell.angle_beta   90.00
_cell.angle_gamma   90.00
#
_symmetry.space_group_name_H-M   'P 1'
#
_entity_poly.entity_id   1
_entity_poly.type   'polypeptide(L)'
_entity_poly.pdbx_seq_one_letter_code
;MAKTEEMVQTEEMETPRLSVIVTHSNERYDLLVTPQQGNSEPVVQDLAQLVEEATGVPLPFQKLIFKGKSLKEMETPLSA
LGMQNGCRVMLIGEKSN
;
_entity_poly.pdbx_strand_id   A
#
# COMPACT_ATOMS: atom_id res chain seq x y z
N MET A 1 -3.20 -15.77 11.08
CA MET A 1 -4.33 -16.19 10.23
C MET A 1 -4.08 -15.81 8.76
N ALA A 2 -3.31 -14.75 8.54
CA ALA A 2 -3.06 -14.26 7.20
C ALA A 2 -1.73 -13.52 7.13
N LYS A 3 -1.54 -12.76 6.05
CA LYS A 3 -0.33 -11.96 5.88
C LYS A 3 0.01 -11.14 7.12
N THR A 4 1.20 -11.38 7.66
CA THR A 4 1.72 -10.64 8.80
C THR A 4 3.23 -10.88 8.90
N GLU A 5 3.61 -12.11 9.19
CA GLU A 5 5.01 -12.49 9.31
C GLU A 5 5.58 -12.84 7.94
N GLU A 6 5.99 -11.81 7.23
CA GLU A 6 6.55 -11.97 5.89
C GLU A 6 7.75 -11.07 5.70
N MET A 7 7.46 -9.82 5.33
CA MET A 7 8.48 -8.82 5.01
C MET A 7 9.54 -9.36 4.05
N VAL A 8 9.08 -9.88 2.91
CA VAL A 8 9.98 -10.37 1.87
C VAL A 8 9.19 -10.92 0.66
N GLN A 9 8.49 -10.03 -0.04
CA GLN A 9 7.83 -10.41 -1.29
C GLN A 9 8.35 -9.59 -2.48
N THR A 10 8.10 -8.27 -2.48
CA THR A 10 8.56 -7.41 -3.56
C THR A 10 9.67 -6.48 -3.08
N GLU A 11 10.89 -6.73 -3.54
CA GLU A 11 12.06 -5.98 -3.08
C GLU A 11 12.31 -4.71 -3.90
N GLU A 12 13.10 -3.82 -3.30
CA GLU A 12 13.45 -2.50 -3.83
C GLU A 12 14.52 -1.92 -2.90
N MET A 13 15.22 -0.86 -3.33
CA MET A 13 16.44 -0.41 -2.66
C MET A 13 16.28 -0.15 -1.15
N GLU A 14 15.17 0.44 -0.71
CA GLU A 14 14.99 0.66 0.73
C GLU A 14 13.95 -0.29 1.31
N THR A 15 13.11 -0.86 0.46
CA THR A 15 12.08 -1.77 0.93
C THR A 15 12.71 -3.04 1.45
N PRO A 16 12.13 -3.64 2.48
CA PRO A 16 12.62 -4.89 3.02
C PRO A 16 11.97 -6.02 2.25
N ARG A 17 11.83 -5.77 0.95
CA ARG A 17 11.09 -6.64 0.06
C ARG A 17 9.65 -6.73 0.52
N LEU A 18 8.96 -5.61 0.52
CA LEU A 18 7.59 -5.58 0.99
C LEU A 18 6.57 -5.42 -0.13
N SER A 19 5.59 -6.32 -0.15
CA SER A 19 4.57 -6.34 -1.17
C SER A 19 3.18 -6.27 -0.55
N VAL A 20 2.40 -5.33 -1.03
CA VAL A 20 1.07 -5.09 -0.54
C VAL A 20 0.04 -5.65 -1.52
N ILE A 21 -1.12 -5.98 -0.98
CA ILE A 21 -2.22 -6.45 -1.79
C ILE A 21 -3.16 -5.30 -2.07
N VAL A 22 -3.28 -4.93 -3.34
CA VAL A 22 -4.16 -3.83 -3.72
C VAL A 22 -5.35 -4.36 -4.49
N THR A 23 -6.53 -4.24 -3.92
CA THR A 23 -7.71 -4.74 -4.58
C THR A 23 -8.80 -3.67 -4.70
N HIS A 24 -9.62 -3.85 -5.71
CA HIS A 24 -10.80 -3.04 -5.96
C HIS A 24 -11.88 -4.00 -6.45
N SER A 25 -12.90 -4.23 -5.63
CA SER A 25 -13.91 -5.25 -5.93
C SER A 25 -13.33 -6.67 -5.78
N ASN A 26 -12.18 -6.89 -6.40
CA ASN A 26 -11.50 -8.17 -6.44
C ASN A 26 -10.23 -7.98 -7.26
N GLU A 27 -10.36 -7.06 -8.22
CA GLU A 27 -9.28 -6.56 -9.06
C GLU A 27 -8.02 -6.25 -8.23
N ARG A 28 -7.03 -7.14 -8.34
CA ARG A 28 -5.88 -7.11 -7.44
C ARG A 28 -4.59 -6.85 -8.20
N TYR A 29 -3.82 -5.90 -7.71
CA TYR A 29 -2.48 -5.62 -8.22
C TYR A 29 -1.47 -5.69 -7.09
N ASP A 30 -0.33 -6.31 -7.35
CA ASP A 30 0.75 -6.40 -6.38
C ASP A 30 1.51 -5.08 -6.36
N LEU A 31 1.55 -4.45 -5.21
CA LEU A 31 2.17 -3.13 -5.08
C LEU A 31 3.23 -3.19 -3.99
N LEU A 32 4.21 -2.31 -4.05
CA LEU A 32 5.33 -2.42 -3.12
C LEU A 32 5.36 -1.23 -2.18
N VAL A 33 5.70 -1.50 -0.91
CA VAL A 33 5.69 -0.49 0.14
C VAL A 33 6.73 0.58 -0.16
N THR A 34 6.44 1.82 0.26
CA THR A 34 7.18 2.95 -0.25
C THR A 34 8.49 3.14 0.50
N PRO A 35 9.59 2.97 -0.25
CA PRO A 35 10.95 3.05 0.28
C PRO A 35 11.33 4.46 0.71
N GLN A 36 12.35 4.51 1.56
CA GLN A 36 12.95 5.74 2.08
C GLN A 36 12.25 6.20 3.34
N GLN A 37 11.60 5.27 4.02
CA GLN A 37 11.04 5.52 5.34
C GLN A 37 11.95 4.91 6.40
N GLY A 38 11.71 3.63 6.62
CA GLY A 38 12.54 2.82 7.48
C GLY A 38 12.37 1.39 7.08
N ASN A 39 11.98 1.22 5.80
CA ASN A 39 11.57 -0.07 5.18
C ASN A 39 10.42 -0.77 5.90
N SER A 40 10.45 -0.76 7.21
CA SER A 40 9.50 -1.53 7.99
C SER A 40 8.19 -0.77 8.14
N GLU A 41 8.27 0.55 8.08
CA GLU A 41 7.13 1.38 8.37
C GLU A 41 7.02 2.38 7.24
N PRO A 42 6.14 2.10 6.29
CA PRO A 42 5.99 2.90 5.07
C PRO A 42 5.58 4.35 5.36
N VAL A 43 5.74 5.21 4.37
CA VAL A 43 5.44 6.62 4.53
C VAL A 43 3.94 6.88 4.47
N VAL A 44 3.51 8.05 4.94
CA VAL A 44 2.09 8.46 4.88
C VAL A 44 1.57 8.32 3.46
N GLN A 45 2.47 8.53 2.51
CA GLN A 45 2.17 8.46 1.09
C GLN A 45 1.76 7.05 0.69
N ASP A 46 2.37 6.06 1.35
CA ASP A 46 2.36 4.67 0.90
C ASP A 46 0.96 4.09 0.78
N LEU A 47 0.11 4.38 1.74
CA LEU A 47 -1.22 3.80 1.77
C LEU A 47 -2.00 4.22 0.52
N ALA A 48 -1.90 5.50 0.18
CA ALA A 48 -2.48 6.01 -1.05
C ALA A 48 -1.72 5.49 -2.26
N GLN A 49 -0.41 5.41 -2.09
CA GLN A 49 0.50 5.08 -3.17
C GLN A 49 0.23 3.70 -3.71
N LEU A 50 0.10 2.77 -2.81
CA LEU A 50 -0.09 1.38 -3.18
C LEU A 50 -1.37 1.20 -4.01
N VAL A 51 -2.46 1.71 -3.48
CA VAL A 51 -3.76 1.65 -4.15
C VAL A 51 -3.73 2.45 -5.46
N GLU A 52 -2.98 3.56 -5.44
CA GLU A 52 -2.84 4.44 -6.59
C GLU A 52 -2.00 3.79 -7.69
N GLU A 53 -0.83 3.30 -7.30
CA GLU A 53 0.17 2.83 -8.25
C GLU A 53 -0.24 1.51 -8.86
N ALA A 54 -1.11 0.78 -8.16
CA ALA A 54 -1.55 -0.51 -8.64
C ALA A 54 -2.16 -0.41 -10.03
N THR A 55 -2.94 0.63 -10.27
CA THR A 55 -3.51 0.85 -11.59
C THR A 55 -2.99 2.13 -12.24
N GLY A 56 -2.25 2.94 -11.50
CA GLY A 56 -1.76 4.20 -12.04
C GLY A 56 -2.78 5.31 -11.91
N VAL A 57 -3.72 5.10 -11.02
CA VAL A 57 -4.88 5.97 -10.88
C VAL A 57 -4.61 7.08 -9.85
N PRO A 58 -5.06 8.31 -10.13
CA PRO A 58 -4.93 9.45 -9.21
C PRO A 58 -5.72 9.26 -7.92
N LEU A 59 -5.19 9.90 -6.88
CA LEU A 59 -5.72 9.81 -5.51
C LEU A 59 -7.24 10.00 -5.40
N PRO A 60 -7.87 10.97 -6.12
CA PRO A 60 -9.30 11.23 -5.97
C PRO A 60 -10.18 10.09 -6.49
N PHE A 61 -9.64 9.32 -7.42
CA PHE A 61 -10.41 8.28 -8.11
C PHE A 61 -10.49 6.99 -7.31
N GLN A 62 -9.60 6.83 -6.35
CA GLN A 62 -9.63 5.64 -5.52
C GLN A 62 -9.85 6.02 -4.07
N LYS A 63 -10.74 5.31 -3.41
CA LYS A 63 -10.90 5.47 -1.99
C LYS A 63 -10.22 4.30 -1.30
N LEU A 64 -8.96 4.48 -0.95
CA LEU A 64 -8.17 3.42 -0.36
C LEU A 64 -8.51 3.28 1.11
N ILE A 65 -8.98 2.08 1.43
CA ILE A 65 -9.23 1.66 2.79
C ILE A 65 -8.45 0.39 3.06
N PHE A 66 -7.43 0.49 3.88
CA PHE A 66 -6.72 -0.65 4.40
C PHE A 66 -5.81 -0.26 5.53
N LYS A 67 -5.58 -1.17 6.46
CA LYS A 67 -4.67 -0.97 7.61
C LYS A 67 -5.24 0.09 8.52
N GLY A 68 -6.56 0.21 8.51
CA GLY A 68 -7.24 1.25 9.26
C GLY A 68 -6.86 2.62 8.77
N LYS A 69 -6.20 2.64 7.64
CA LYS A 69 -5.70 3.85 7.05
C LYS A 69 -6.41 4.11 5.75
N SER A 70 -6.57 5.36 5.44
CA SER A 70 -7.26 5.75 4.23
C SER A 70 -6.31 6.56 3.36
N LEU A 71 -6.49 6.53 2.05
CA LEU A 71 -5.51 7.16 1.17
C LEU A 71 -5.54 8.69 1.25
N LYS A 72 -4.34 9.24 1.38
CA LYS A 72 -4.08 10.67 1.26
C LYS A 72 -2.59 10.86 1.03
N GLU A 73 -2.14 12.09 0.82
CA GLU A 73 -0.71 12.32 0.62
C GLU A 73 0.02 12.16 1.96
N MET A 74 -0.56 12.73 3.01
CA MET A 74 -0.04 12.57 4.36
C MET A 74 -1.17 12.24 5.30
N GLU A 75 -1.52 10.95 5.39
CA GLU A 75 -2.68 10.55 6.15
C GLU A 75 -2.30 10.13 7.58
N THR A 76 -2.26 8.83 7.86
CA THR A 76 -2.04 8.38 9.24
C THR A 76 -0.63 7.82 9.49
N PRO A 77 -0.17 7.90 10.77
CA PRO A 77 1.16 7.44 11.24
C PRO A 77 1.81 6.33 10.42
N LEU A 78 3.08 6.57 10.10
CA LEU A 78 3.89 5.72 9.24
C LEU A 78 4.18 4.35 9.85
N SER A 79 4.33 4.29 11.17
CA SER A 79 4.54 3.03 11.84
C SER A 79 3.36 2.08 11.57
N ALA A 80 2.17 2.66 11.56
CA ALA A 80 0.94 1.93 11.29
C ALA A 80 0.73 1.71 9.78
N LEU A 81 1.67 2.22 8.98
CA LEU A 81 1.51 2.30 7.53
C LEU A 81 1.62 0.93 6.85
N GLY A 82 1.43 -0.17 7.58
CA GLY A 82 1.57 -1.46 6.93
C GLY A 82 2.87 -2.16 7.23
N MET A 83 3.38 -2.05 8.48
CA MET A 83 4.62 -2.77 8.79
C MET A 83 4.38 -4.28 8.78
N GLN A 84 4.47 -4.79 7.58
CA GLN A 84 4.50 -6.20 7.23
C GLN A 84 4.92 -6.15 5.79
N ASN A 85 5.14 -7.24 5.08
CA ASN A 85 5.39 -7.06 3.66
C ASN A 85 4.20 -6.32 3.08
N GLY A 86 4.41 -5.07 2.74
CA GLY A 86 3.44 -4.21 2.09
C GLY A 86 2.08 -4.05 2.78
N CYS A 87 1.64 -5.06 3.55
CA CYS A 87 0.31 -5.08 4.15
C CYS A 87 -0.77 -5.25 3.08
N ARG A 88 -1.92 -4.66 3.31
CA ARG A 88 -3.00 -4.68 2.35
C ARG A 88 -3.49 -3.25 2.15
N VAL A 89 -4.01 -2.95 0.96
CA VAL A 89 -4.62 -1.66 0.64
C VAL A 89 -5.67 -1.84 -0.44
N MET A 90 -6.92 -1.64 -0.10
CA MET A 90 -7.93 -1.75 -1.13
C MET A 90 -8.75 -0.50 -1.28
N LEU A 91 -8.88 -0.08 -2.52
CA LEU A 91 -9.61 1.11 -2.84
C LEU A 91 -10.95 0.74 -3.43
N ILE A 92 -11.99 1.35 -2.91
CA ILE A 92 -13.28 1.16 -3.49
C ILE A 92 -13.74 2.44 -4.14
N GLY A 93 -13.82 2.37 -5.44
CA GLY A 93 -14.20 3.50 -6.25
C GLY A 93 -13.93 3.21 -7.68
N GLU A 94 -12.76 3.62 -8.17
CA GLU A 94 -12.41 3.35 -9.54
C GLU A 94 -10.90 3.19 -9.72
N LYS A 95 -10.48 2.01 -10.16
CA LYS A 95 -9.11 1.82 -10.63
C LYS A 95 -9.07 2.20 -12.11
N SER A 96 -9.25 3.50 -12.36
CA SER A 96 -9.42 4.03 -13.71
C SER A 96 -8.31 3.64 -14.68
N ASN A 97 -8.70 3.04 -15.78
CA ASN A 97 -7.80 2.75 -16.89
C ASN A 97 -8.44 3.21 -18.18
N MET A 1 -1.70 -15.98 10.44
CA MET A 1 -2.83 -15.24 9.83
C MET A 1 -2.71 -15.26 8.31
N ALA A 2 -3.50 -14.44 7.63
CA ALA A 2 -3.40 -14.33 6.18
C ALA A 2 -2.09 -13.64 5.80
N LYS A 3 -1.91 -12.44 6.30
CA LYS A 3 -0.69 -11.68 6.04
C LYS A 3 -0.17 -11.04 7.30
N THR A 4 1.04 -11.40 7.68
CA THR A 4 1.68 -10.90 8.89
C THR A 4 3.16 -11.30 8.89
N GLU A 5 3.40 -12.61 9.02
CA GLU A 5 4.75 -13.14 9.04
C GLU A 5 5.27 -13.30 7.62
N GLU A 6 5.80 -12.21 7.07
CA GLU A 6 6.27 -12.19 5.70
C GLU A 6 7.48 -11.29 5.54
N MET A 7 7.22 -10.03 5.20
CA MET A 7 8.26 -9.04 4.92
C MET A 7 9.30 -9.56 3.95
N VAL A 8 8.83 -10.01 2.78
CA VAL A 8 9.71 -10.47 1.71
C VAL A 8 8.90 -10.89 0.47
N GLN A 9 8.32 -9.91 -0.21
CA GLN A 9 7.68 -10.17 -1.50
C GLN A 9 8.30 -9.32 -2.62
N THR A 10 8.08 -8.00 -2.58
CA THR A 10 8.64 -7.12 -3.60
C THR A 10 9.65 -6.15 -2.98
N GLU A 11 10.92 -6.31 -3.33
CA GLU A 11 11.95 -5.50 -2.75
C GLU A 11 12.48 -4.42 -3.70
N GLU A 12 12.76 -3.28 -3.10
CA GLU A 12 13.33 -2.12 -3.75
C GLU A 12 14.64 -1.78 -3.02
N MET A 13 15.07 -0.53 -3.04
CA MET A 13 16.32 -0.17 -2.37
C MET A 13 16.17 -0.11 -0.85
N GLU A 14 15.06 0.42 -0.34
CA GLU A 14 14.88 0.53 1.11
C GLU A 14 13.89 -0.50 1.64
N THR A 15 13.05 -1.03 0.78
CA THR A 15 11.99 -1.94 1.22
C THR A 15 12.59 -3.25 1.69
N PRO A 16 12.00 -3.88 2.70
CA PRO A 16 12.45 -5.14 3.21
C PRO A 16 11.76 -6.24 2.41
N ARG A 17 11.70 -5.99 1.11
CA ARG A 17 10.93 -6.81 0.20
C ARG A 17 9.47 -6.82 0.62
N LEU A 18 8.83 -5.68 0.50
CA LEU A 18 7.46 -5.56 0.96
C LEU A 18 6.49 -5.35 -0.20
N SER A 19 5.55 -6.28 -0.32
CA SER A 19 4.51 -6.18 -1.34
C SER A 19 3.13 -6.18 -0.70
N VAL A 20 2.35 -5.20 -1.07
CA VAL A 20 1.04 -4.97 -0.51
C VAL A 20 -0.02 -5.49 -1.45
N ILE A 21 -1.15 -5.84 -0.91
CA ILE A 21 -2.24 -6.36 -1.69
C ILE A 21 -3.22 -5.24 -1.99
N VAL A 22 -3.31 -4.88 -3.26
CA VAL A 22 -4.17 -3.79 -3.68
C VAL A 22 -5.33 -4.32 -4.48
N THR A 23 -6.53 -4.20 -3.95
CA THR A 23 -7.68 -4.71 -4.67
C THR A 23 -8.79 -3.66 -4.81
N HIS A 24 -9.58 -3.86 -5.85
CA HIS A 24 -10.73 -3.04 -6.15
C HIS A 24 -11.82 -3.98 -6.66
N SER A 25 -12.85 -4.19 -5.84
CA SER A 25 -13.94 -5.15 -6.13
C SER A 25 -13.41 -6.60 -6.11
N ASN A 26 -12.22 -6.81 -6.66
CA ASN A 26 -11.60 -8.12 -6.81
C ASN A 26 -10.26 -7.95 -7.51
N GLU A 27 -10.24 -6.98 -8.42
CA GLU A 27 -9.07 -6.61 -9.18
C GLU A 27 -7.88 -6.30 -8.26
N ARG A 28 -6.89 -7.18 -8.27
CA ARG A 28 -5.86 -7.15 -7.24
C ARG A 28 -4.45 -7.17 -7.85
N TYR A 29 -3.64 -6.20 -7.42
CA TYR A 29 -2.26 -6.08 -7.86
C TYR A 29 -1.32 -6.04 -6.67
N ASP A 30 -0.20 -6.74 -6.75
CA ASP A 30 0.83 -6.64 -5.72
C ASP A 30 1.58 -5.33 -5.91
N LEU A 31 1.55 -4.49 -4.91
CA LEU A 31 2.17 -3.17 -4.97
C LEU A 31 3.29 -3.11 -3.94
N LEU A 32 4.29 -2.28 -4.16
CA LEU A 32 5.45 -2.32 -3.27
C LEU A 32 5.44 -1.12 -2.32
N VAL A 33 5.74 -1.41 -1.05
CA VAL A 33 5.71 -0.40 0.01
C VAL A 33 6.80 0.64 -0.27
N THR A 34 6.54 1.87 0.13
CA THR A 34 7.33 2.99 -0.34
C THR A 34 8.62 3.12 0.45
N PRO A 35 9.75 2.97 -0.26
CA PRO A 35 11.09 2.97 0.32
C PRO A 35 11.59 4.37 0.66
N GLN A 36 12.63 4.41 1.49
CA GLN A 36 13.18 5.64 2.07
C GLN A 36 12.35 6.08 3.27
N GLN A 37 12.05 5.11 4.13
CA GLN A 37 11.43 5.37 5.41
C GLN A 37 12.21 4.63 6.49
N GLY A 38 11.79 3.40 6.72
CA GLY A 38 12.48 2.51 7.63
C GLY A 38 12.19 1.10 7.24
N ASN A 39 11.86 0.95 5.93
CA ASN A 39 11.37 -0.30 5.31
C ASN A 39 10.09 -0.84 5.95
N SER A 40 10.06 -0.88 7.26
CA SER A 40 8.95 -1.40 8.01
C SER A 40 7.98 -0.31 8.38
N GLU A 41 8.41 0.91 8.20
CA GLU A 41 7.64 2.05 8.63
C GLU A 41 7.41 2.96 7.45
N PRO A 42 6.57 2.54 6.49
CA PRO A 42 6.37 3.23 5.21
C PRO A 42 5.84 4.65 5.38
N VAL A 43 5.95 5.44 4.32
CA VAL A 43 5.61 6.86 4.40
C VAL A 43 4.11 7.07 4.39
N VAL A 44 3.68 8.22 4.87
CA VAL A 44 2.27 8.62 4.89
C VAL A 44 1.64 8.47 3.50
N GLN A 45 2.46 8.64 2.49
CA GLN A 45 2.04 8.48 1.10
C GLN A 45 1.68 7.04 0.75
N ASP A 46 2.35 6.09 1.40
CA ASP A 46 2.41 4.70 0.93
C ASP A 46 1.03 4.06 0.74
N LEU A 47 0.16 4.21 1.72
CA LEU A 47 -1.13 3.56 1.66
C LEU A 47 -1.93 4.02 0.43
N ALA A 48 -1.91 5.31 0.16
CA ALA A 48 -2.53 5.85 -1.04
C ALA A 48 -1.77 5.41 -2.26
N GLN A 49 -0.46 5.40 -2.10
CA GLN A 49 0.48 5.13 -3.18
C GLN A 49 0.24 3.76 -3.77
N LEU A 50 0.13 2.80 -2.88
CA LEU A 50 -0.04 1.41 -3.27
C LEU A 50 -1.31 1.22 -4.10
N VAL A 51 -2.42 1.67 -3.55
CA VAL A 51 -3.72 1.59 -4.21
C VAL A 51 -3.70 2.40 -5.52
N GLU A 52 -2.97 3.51 -5.49
CA GLU A 52 -2.82 4.40 -6.64
C GLU A 52 -1.95 3.78 -7.73
N GLU A 53 -0.79 3.26 -7.33
CA GLU A 53 0.21 2.77 -8.26
C GLU A 53 -0.25 1.48 -8.93
N ALA A 54 -1.18 0.78 -8.29
CA ALA A 54 -1.66 -0.49 -8.84
C ALA A 54 -2.21 -0.33 -10.26
N THR A 55 -3.05 0.66 -10.47
CA THR A 55 -3.58 0.92 -11.81
C THR A 55 -3.12 2.27 -12.37
N GLY A 56 -2.60 3.13 -11.51
CA GLY A 56 -2.09 4.42 -11.97
C GLY A 56 -3.10 5.54 -11.80
N VAL A 57 -4.09 5.32 -10.95
CA VAL A 57 -5.17 6.29 -10.76
C VAL A 57 -4.84 7.28 -9.66
N PRO A 58 -5.34 8.51 -9.80
CA PRO A 58 -5.18 9.59 -8.82
C PRO A 58 -5.97 9.36 -7.55
N LEU A 59 -5.56 9.98 -6.45
CA LEU A 59 -6.25 9.85 -5.17
C LEU A 59 -7.78 9.99 -5.28
N PRO A 60 -8.33 10.99 -6.04
CA PRO A 60 -9.78 11.19 -6.11
C PRO A 60 -10.52 10.05 -6.81
N PHE A 61 -9.78 9.20 -7.51
CA PHE A 61 -10.40 8.12 -8.27
C PHE A 61 -10.51 6.84 -7.45
N GLN A 62 -9.71 6.75 -6.40
CA GLN A 62 -9.77 5.58 -5.54
C GLN A 62 -10.04 5.99 -4.09
N LYS A 63 -10.89 5.26 -3.39
CA LYS A 63 -10.96 5.43 -1.96
C LYS A 63 -10.23 4.27 -1.31
N LEU A 64 -8.97 4.48 -0.98
CA LEU A 64 -8.15 3.44 -0.42
C LEU A 64 -8.46 3.29 1.05
N ILE A 65 -8.93 2.10 1.37
CA ILE A 65 -9.19 1.70 2.73
C ILE A 65 -8.49 0.37 2.99
N PHE A 66 -7.46 0.42 3.79
CA PHE A 66 -6.82 -0.78 4.28
C PHE A 66 -5.86 -0.45 5.41
N LYS A 67 -5.65 -1.40 6.30
CA LYS A 67 -4.74 -1.27 7.44
C LYS A 67 -5.25 -0.22 8.41
N GLY A 68 -6.57 -0.11 8.44
CA GLY A 68 -7.21 0.90 9.26
C GLY A 68 -6.84 2.29 8.83
N LYS A 69 -6.27 2.36 7.65
CA LYS A 69 -5.80 3.60 7.09
C LYS A 69 -6.52 3.91 5.80
N SER A 70 -6.71 5.18 5.54
CA SER A 70 -7.36 5.63 4.32
C SER A 70 -6.39 6.51 3.53
N LEU A 71 -6.50 6.50 2.21
CA LEU A 71 -5.47 7.10 1.36
C LEU A 71 -5.37 8.62 1.50
N LYS A 72 -4.13 9.10 1.38
CA LYS A 72 -3.82 10.51 1.36
C LYS A 72 -2.35 10.66 1.01
N GLU A 73 -1.89 11.89 0.81
CA GLU A 73 -0.47 12.12 0.57
C GLU A 73 0.28 12.24 1.89
N MET A 74 -0.46 12.55 2.95
CA MET A 74 0.09 12.60 4.29
C MET A 74 -1.00 12.28 5.32
N GLU A 75 -1.41 11.02 5.36
CA GLU A 75 -2.55 10.64 6.16
C GLU A 75 -2.18 10.20 7.58
N THR A 76 -2.16 8.90 7.84
CA THR A 76 -2.00 8.39 9.19
C THR A 76 -0.61 7.80 9.44
N PRO A 77 -0.15 7.83 10.72
CA PRO A 77 1.19 7.41 11.18
C PRO A 77 1.92 6.36 10.31
N LEU A 78 3.17 6.68 10.02
CA LEU A 78 4.06 5.88 9.18
C LEU A 78 4.38 4.52 9.81
N SER A 79 4.54 4.49 11.12
CA SER A 79 4.75 3.23 11.83
C SER A 79 3.59 2.29 11.56
N ALA A 80 2.39 2.87 11.50
CA ALA A 80 1.17 2.15 11.23
C ALA A 80 1.00 1.85 9.75
N LEU A 81 1.97 2.29 8.93
CA LEU A 81 1.81 2.34 7.48
C LEU A 81 1.84 0.96 6.81
N GLY A 82 1.61 -0.13 7.55
CA GLY A 82 1.67 -1.43 6.91
C GLY A 82 2.93 -2.21 7.15
N MET A 83 3.48 -2.15 8.38
CA MET A 83 4.68 -2.94 8.67
C MET A 83 4.38 -4.44 8.64
N GLN A 84 4.42 -4.94 7.42
CA GLN A 84 4.43 -6.33 7.03
C GLN A 84 4.80 -6.25 5.58
N ASN A 85 4.99 -7.35 4.84
CA ASN A 85 5.24 -7.13 3.42
C ASN A 85 4.07 -6.35 2.85
N GLY A 86 4.32 -5.08 2.58
CA GLY A 86 3.35 -4.16 2.00
C GLY A 86 2.02 -4.01 2.76
N CYS A 87 1.58 -5.06 3.47
CA CYS A 87 0.26 -5.14 4.09
C CYS A 87 -0.80 -5.28 3.00
N ARG A 88 -1.98 -4.72 3.24
CA ARG A 88 -3.04 -4.70 2.25
C ARG A 88 -3.55 -3.27 2.12
N VAL A 89 -4.05 -2.93 0.93
CA VAL A 89 -4.66 -1.63 0.64
C VAL A 89 -5.70 -1.80 -0.45
N MET A 90 -6.95 -1.62 -0.12
CA MET A 90 -7.97 -1.75 -1.15
C MET A 90 -8.78 -0.49 -1.31
N LEU A 91 -8.91 -0.09 -2.54
CA LEU A 91 -9.62 1.11 -2.86
C LEU A 91 -10.97 0.76 -3.44
N ILE A 92 -11.99 1.38 -2.90
CA ILE A 92 -13.29 1.23 -3.47
C ILE A 92 -13.64 2.48 -4.24
N GLY A 93 -13.74 2.29 -5.52
CA GLY A 93 -14.04 3.37 -6.42
C GLY A 93 -13.75 2.97 -7.83
N GLU A 94 -12.80 3.65 -8.44
CA GLU A 94 -12.43 3.34 -9.81
C GLU A 94 -10.93 3.13 -9.93
N LYS A 95 -10.53 1.89 -10.23
CA LYS A 95 -9.14 1.60 -10.57
C LYS A 95 -8.95 1.86 -12.05
N SER A 96 -9.29 3.08 -12.47
CA SER A 96 -9.23 3.44 -13.88
C SER A 96 -7.81 3.32 -14.43
N ASN A 97 -7.68 2.70 -15.59
CA ASN A 97 -6.39 2.57 -16.24
C ASN A 97 -6.37 3.38 -17.53
N MET A 1 -6.56 -13.19 3.30
CA MET A 1 -5.17 -13.68 3.18
C MET A 1 -4.42 -13.45 4.48
N ALA A 2 -3.84 -14.51 5.02
CA ALA A 2 -3.09 -14.45 6.26
C ALA A 2 -1.72 -13.82 6.00
N LYS A 3 -1.69 -12.50 5.98
CA LYS A 3 -0.48 -11.76 5.67
C LYS A 3 0.03 -11.05 6.91
N THR A 4 1.25 -11.39 7.32
CA THR A 4 1.86 -10.79 8.50
C THR A 4 3.37 -11.08 8.53
N GLU A 5 3.71 -12.37 8.58
CA GLU A 5 5.06 -12.81 8.90
C GLU A 5 5.93 -12.94 7.64
N GLU A 6 5.70 -12.09 6.67
CA GLU A 6 6.46 -12.13 5.43
C GLU A 6 7.61 -11.12 5.46
N MET A 7 7.27 -9.89 5.08
CA MET A 7 8.26 -8.84 4.86
C MET A 7 9.36 -9.30 3.91
N VAL A 8 8.95 -9.85 2.77
CA VAL A 8 9.90 -10.32 1.78
C VAL A 8 9.18 -10.85 0.52
N GLN A 9 8.56 -9.95 -0.26
CA GLN A 9 7.96 -10.35 -1.54
C GLN A 9 8.49 -9.52 -2.72
N THR A 10 8.28 -8.20 -2.67
CA THR A 10 8.76 -7.33 -3.75
C THR A 10 9.83 -6.38 -3.24
N GLU A 11 11.08 -6.62 -3.63
CA GLU A 11 12.19 -5.82 -3.15
C GLU A 11 12.52 -4.63 -4.04
N GLU A 12 12.88 -3.56 -3.35
CA GLU A 12 13.42 -2.32 -3.91
C GLU A 12 14.42 -1.83 -2.86
N MET A 13 15.26 -0.84 -3.17
CA MET A 13 16.43 -0.54 -2.35
C MET A 13 16.10 -0.24 -0.87
N GLU A 14 15.06 0.53 -0.58
CA GLU A 14 14.73 0.80 0.83
C GLU A 14 13.45 0.08 1.25
N THR A 15 12.96 -0.81 0.43
CA THR A 15 11.94 -1.75 0.87
C THR A 15 12.60 -2.93 1.52
N PRO A 16 11.97 -3.54 2.52
CA PRO A 16 12.47 -4.78 3.08
C PRO A 16 11.88 -5.93 2.28
N ARG A 17 11.82 -5.70 0.97
CA ARG A 17 11.12 -6.57 0.04
C ARG A 17 9.66 -6.68 0.44
N LEU A 18 8.93 -5.59 0.35
CA LEU A 18 7.55 -5.58 0.80
C LEU A 18 6.55 -5.41 -0.32
N SER A 19 5.58 -6.31 -0.34
CA SER A 19 4.55 -6.33 -1.36
C SER A 19 3.16 -6.34 -0.73
N VAL A 20 2.36 -5.40 -1.14
CA VAL A 20 1.03 -5.15 -0.59
C VAL A 20 -0.06 -5.67 -1.53
N ILE A 21 -1.20 -5.96 -0.95
CA ILE A 21 -2.37 -6.39 -1.68
C ILE A 21 -3.24 -5.19 -1.96
N VAL A 22 -3.34 -4.83 -3.23
CA VAL A 22 -4.18 -3.71 -3.62
C VAL A 22 -5.40 -4.22 -4.34
N THR A 23 -6.54 -4.04 -3.74
CA THR A 23 -7.74 -4.66 -4.22
C THR A 23 -8.86 -3.63 -4.44
N HIS A 24 -9.64 -3.87 -5.48
CA HIS A 24 -10.84 -3.12 -5.76
C HIS A 24 -11.94 -4.11 -6.10
N SER A 25 -12.88 -4.30 -5.17
CA SER A 25 -13.92 -5.33 -5.26
C SER A 25 -13.30 -6.75 -5.21
N ASN A 26 -12.29 -6.96 -6.03
CA ASN A 26 -11.62 -8.24 -6.19
C ASN A 26 -10.30 -8.01 -6.92
N GLU A 27 -10.36 -7.04 -7.83
CA GLU A 27 -9.23 -6.67 -8.66
C GLU A 27 -7.99 -6.36 -7.83
N ARG A 28 -7.03 -7.26 -7.88
CA ARG A 28 -5.87 -7.20 -7.00
C ARG A 28 -4.58 -7.08 -7.80
N TYR A 29 -3.78 -6.10 -7.43
CA TYR A 29 -2.48 -5.87 -8.04
C TYR A 29 -1.41 -5.89 -6.96
N ASP A 30 -0.27 -6.50 -7.25
CA ASP A 30 0.84 -6.53 -6.30
C ASP A 30 1.54 -5.18 -6.34
N LEU A 31 1.57 -4.53 -5.20
CA LEU A 31 2.14 -3.21 -5.08
C LEU A 31 3.25 -3.25 -4.02
N LEU A 32 4.22 -2.36 -4.10
CA LEU A 32 5.35 -2.43 -3.21
C LEU A 32 5.37 -1.24 -2.25
N VAL A 33 5.70 -1.53 -0.98
CA VAL A 33 5.70 -0.53 0.08
C VAL A 33 6.76 0.52 -0.19
N THR A 34 6.51 1.75 0.22
CA THR A 34 7.25 2.88 -0.27
C THR A 34 8.55 3.08 0.49
N PRO A 35 9.67 3.02 -0.25
CA PRO A 35 11.01 3.11 0.29
C PRO A 35 11.37 4.52 0.73
N GLN A 36 12.40 4.61 1.57
CA GLN A 36 12.92 5.87 2.11
C GLN A 36 12.19 6.26 3.38
N GLN A 37 11.50 5.29 3.98
CA GLN A 37 10.96 5.48 5.31
C GLN A 37 11.91 4.85 6.32
N GLY A 38 11.61 3.60 6.63
CA GLY A 38 12.48 2.78 7.44
C GLY A 38 12.32 1.36 6.97
N ASN A 39 11.87 1.25 5.71
CA ASN A 39 11.43 0.01 5.04
C ASN A 39 10.33 -0.74 5.78
N SER A 40 10.44 -0.83 7.08
CA SER A 40 9.55 -1.65 7.87
C SER A 40 8.27 -0.89 8.19
N GLU A 41 8.31 0.43 8.04
CA GLU A 41 7.18 1.25 8.38
C GLU A 41 7.05 2.31 7.31
N PRO A 42 6.16 2.07 6.36
CA PRO A 42 6.00 2.89 5.17
C PRO A 42 5.56 4.33 5.47
N VAL A 43 5.72 5.21 4.49
CA VAL A 43 5.38 6.61 4.67
C VAL A 43 3.88 6.84 4.61
N VAL A 44 3.43 7.99 5.09
CA VAL A 44 2.01 8.37 5.00
C VAL A 44 1.53 8.29 3.55
N GLN A 45 2.46 8.53 2.64
CA GLN A 45 2.20 8.48 1.22
C GLN A 45 1.89 7.06 0.77
N ASP A 46 2.54 6.09 1.42
CA ASP A 46 2.58 4.72 0.92
C ASP A 46 1.20 4.11 0.80
N LEU A 47 0.36 4.39 1.77
CA LEU A 47 -0.98 3.84 1.78
C LEU A 47 -1.75 4.27 0.53
N ALA A 48 -1.63 5.55 0.19
CA ALA A 48 -2.22 6.09 -1.02
C ALA A 48 -1.51 5.54 -2.25
N GLN A 49 -0.19 5.43 -2.13
CA GLN A 49 0.67 5.04 -3.25
C GLN A 49 0.33 3.67 -3.74
N LEU A 50 0.19 2.76 -2.82
CA LEU A 50 -0.04 1.38 -3.15
C LEU A 50 -1.33 1.21 -3.97
N VAL A 51 -2.41 1.74 -3.44
CA VAL A 51 -3.70 1.70 -4.11
C VAL A 51 -3.65 2.49 -5.43
N GLU A 52 -2.88 3.57 -5.44
CA GLU A 52 -2.70 4.41 -6.62
C GLU A 52 -1.89 3.70 -7.69
N GLU A 53 -0.75 3.15 -7.29
CA GLU A 53 0.22 2.61 -8.23
C GLU A 53 -0.28 1.33 -8.87
N ALA A 54 -1.24 0.67 -8.21
CA ALA A 54 -1.76 -0.59 -8.71
C ALA A 54 -2.24 -0.47 -10.15
N THR A 55 -3.01 0.57 -10.45
CA THR A 55 -3.40 0.81 -11.84
C THR A 55 -2.81 2.13 -12.37
N GLY A 56 -2.21 2.92 -11.49
CA GLY A 56 -1.71 4.23 -11.89
C GLY A 56 -2.77 5.29 -11.72
N VAL A 57 -3.75 4.98 -10.90
CA VAL A 57 -4.93 5.81 -10.72
C VAL A 57 -4.72 6.86 -9.61
N PRO A 58 -5.15 8.10 -9.87
CA PRO A 58 -5.01 9.23 -8.92
C PRO A 58 -5.84 9.07 -7.66
N LEU A 59 -5.40 9.72 -6.58
CA LEU A 59 -6.07 9.63 -5.27
C LEU A 59 -7.59 9.83 -5.34
N PRO A 60 -8.12 10.85 -6.08
CA PRO A 60 -9.56 11.15 -6.06
C PRO A 60 -10.41 10.07 -6.72
N PHE A 61 -9.78 9.18 -7.46
CA PHE A 61 -10.52 8.15 -8.18
C PHE A 61 -10.66 6.88 -7.36
N GLN A 62 -9.83 6.73 -6.35
CA GLN A 62 -9.90 5.57 -5.49
C GLN A 62 -10.19 5.97 -4.06
N LYS A 63 -10.94 5.15 -3.37
CA LYS A 63 -11.09 5.29 -1.95
C LYS A 63 -10.29 4.19 -1.26
N LEU A 64 -9.02 4.47 -1.00
CA LEU A 64 -8.16 3.48 -0.40
C LEU A 64 -8.46 3.38 1.06
N ILE A 65 -8.91 2.20 1.43
CA ILE A 65 -9.18 1.84 2.79
C ILE A 65 -8.44 0.55 3.11
N PHE A 66 -7.42 0.66 3.92
CA PHE A 66 -6.76 -0.49 4.49
C PHE A 66 -5.84 -0.06 5.60
N LYS A 67 -5.65 -0.91 6.60
CA LYS A 67 -4.66 -0.69 7.68
C LYS A 67 -5.03 0.51 8.53
N GLY A 68 -6.32 0.75 8.66
CA GLY A 68 -6.79 1.94 9.36
C GLY A 68 -6.35 3.20 8.66
N LYS A 69 -5.89 3.01 7.44
CA LYS A 69 -5.46 4.09 6.59
C LYS A 69 -6.44 4.29 5.47
N SER A 70 -6.72 5.54 5.20
CA SER A 70 -7.42 5.91 4.01
C SER A 70 -6.52 6.82 3.21
N LEU A 71 -6.52 6.70 1.90
CA LEU A 71 -5.47 7.34 1.11
C LEU A 71 -5.52 8.88 1.13
N LYS A 72 -4.37 9.45 1.42
CA LYS A 72 -4.13 10.88 1.26
C LYS A 72 -2.64 11.09 1.01
N GLU A 73 -2.22 12.34 0.89
CA GLU A 73 -0.81 12.64 0.69
C GLU A 73 -0.05 12.47 2.00
N MET A 74 -0.67 12.89 3.09
CA MET A 74 -0.10 12.71 4.42
C MET A 74 -1.21 12.30 5.39
N GLU A 75 -1.51 11.01 5.40
CA GLU A 75 -2.63 10.52 6.19
C GLU A 75 -2.21 10.14 7.61
N THR A 76 -2.27 8.87 7.94
CA THR A 76 -2.11 8.41 9.32
C THR A 76 -0.76 7.74 9.59
N PRO A 77 -0.30 7.80 10.87
CA PRO A 77 1.00 7.28 11.37
C PRO A 77 1.68 6.21 10.51
N LEU A 78 2.95 6.47 10.24
CA LEU A 78 3.82 5.64 9.39
C LEU A 78 4.12 4.27 9.98
N SER A 79 4.31 4.21 11.28
CA SER A 79 4.54 2.92 11.94
C SER A 79 3.38 1.97 11.66
N ALA A 80 2.18 2.54 11.65
CA ALA A 80 0.96 1.79 11.38
C ALA A 80 0.78 1.55 9.87
N LEU A 81 1.71 2.06 9.06
CA LEU A 81 1.54 2.15 7.60
C LEU A 81 1.63 0.78 6.91
N GLY A 82 1.44 -0.33 7.63
CA GLY A 82 1.57 -1.62 6.98
C GLY A 82 2.87 -2.32 7.25
N MET A 83 3.37 -2.24 8.49
CA MET A 83 4.62 -2.96 8.79
C MET A 83 4.38 -4.48 8.73
N GLN A 84 4.45 -4.95 7.51
CA GLN A 84 4.48 -6.33 7.10
C GLN A 84 4.85 -6.24 5.65
N ASN A 85 5.05 -7.32 4.91
CA ASN A 85 5.30 -7.09 3.48
C ASN A 85 4.11 -6.34 2.92
N GLY A 86 4.31 -5.06 2.63
CA GLY A 86 3.32 -4.19 2.02
C GLY A 86 1.98 -4.06 2.77
N CYS A 87 1.57 -5.10 3.51
CA CYS A 87 0.27 -5.18 4.15
C CYS A 87 -0.84 -5.25 3.11
N ARG A 88 -1.97 -4.62 3.40
CA ARG A 88 -3.08 -4.56 2.47
C ARG A 88 -3.49 -3.10 2.27
N VAL A 89 -4.01 -2.81 1.08
CA VAL A 89 -4.61 -1.51 0.76
C VAL A 89 -5.66 -1.70 -0.32
N MET A 90 -6.91 -1.51 0.01
CA MET A 90 -7.92 -1.66 -1.02
C MET A 90 -8.75 -0.43 -1.22
N LEU A 91 -8.88 -0.04 -2.45
CA LEU A 91 -9.59 1.15 -2.83
C LEU A 91 -10.92 0.80 -3.43
N ILE A 92 -11.95 1.46 -2.97
CA ILE A 92 -13.26 1.27 -3.54
C ILE A 92 -13.60 2.45 -4.41
N GLY A 93 -13.70 2.17 -5.70
CA GLY A 93 -14.06 3.18 -6.64
C GLY A 93 -13.62 2.83 -8.03
N GLU A 94 -12.63 3.54 -8.53
CA GLU A 94 -12.18 3.37 -9.89
C GLU A 94 -10.67 3.24 -9.95
N LYS A 95 -10.17 2.06 -10.33
CA LYS A 95 -8.76 1.91 -10.63
C LYS A 95 -8.52 2.40 -12.05
N SER A 96 -8.47 3.72 -12.20
CA SER A 96 -8.34 4.36 -13.51
C SER A 96 -6.93 4.20 -14.08
N ASN A 97 -6.85 4.01 -15.38
CA ASN A 97 -5.58 3.90 -16.07
C ASN A 97 -5.31 5.19 -16.84
N MET A 1 -5.15 -15.43 10.40
CA MET A 1 -4.84 -14.32 9.48
C MET A 1 -3.85 -14.76 8.42
N ALA A 2 -3.87 -14.07 7.29
CA ALA A 2 -2.91 -14.30 6.22
C ALA A 2 -2.05 -13.06 6.05
N LYS A 3 -0.77 -13.28 5.72
CA LYS A 3 0.21 -12.21 5.59
C LYS A 3 0.42 -11.46 6.90
N THR A 4 1.62 -11.60 7.46
CA THR A 4 1.99 -10.96 8.71
C THR A 4 3.50 -11.06 8.94
N GLU A 5 4.00 -12.30 8.93
CA GLU A 5 5.38 -12.58 9.33
C GLU A 5 6.33 -12.55 8.13
N GLU A 6 5.82 -12.16 6.98
CA GLU A 6 6.61 -12.12 5.75
C GLU A 6 7.69 -11.04 5.79
N MET A 7 7.33 -9.86 5.30
CA MET A 7 8.26 -8.76 5.12
C MET A 7 9.42 -9.16 4.21
N VAL A 8 9.12 -9.99 3.22
CA VAL A 8 10.08 -10.36 2.17
C VAL A 8 9.37 -10.91 0.93
N GLN A 9 8.71 -10.03 0.17
CA GLN A 9 8.17 -10.44 -1.11
C GLN A 9 8.71 -9.58 -2.26
N THR A 10 8.29 -8.31 -2.33
CA THR A 10 8.70 -7.45 -3.42
C THR A 10 9.71 -6.41 -2.98
N GLU A 11 10.98 -6.65 -3.32
CA GLU A 11 12.08 -5.77 -2.93
C GLU A 11 12.10 -4.48 -3.73
N GLU A 12 12.67 -3.44 -3.12
CA GLU A 12 12.89 -2.16 -3.77
C GLU A 12 14.08 -1.48 -3.10
N MET A 13 14.47 -0.31 -3.59
CA MET A 13 15.70 0.35 -3.16
C MET A 13 15.82 0.52 -1.64
N GLU A 14 14.74 0.90 -0.97
CA GLU A 14 14.77 0.98 0.49
C GLU A 14 13.95 -0.15 1.09
N THR A 15 13.01 -0.66 0.33
CA THR A 15 12.02 -1.56 0.87
C THR A 15 12.55 -2.97 1.00
N PRO A 16 12.12 -3.65 2.07
CA PRO A 16 12.67 -4.91 2.51
C PRO A 16 11.93 -6.07 1.91
N ARG A 17 11.69 -6.00 0.62
CA ARG A 17 10.81 -6.93 -0.04
C ARG A 17 9.42 -6.86 0.59
N LEU A 18 8.73 -5.75 0.43
CA LEU A 18 7.41 -5.63 0.99
C LEU A 18 6.33 -5.48 -0.06
N SER A 19 5.35 -6.35 0.01
CA SER A 19 4.39 -6.50 -1.05
C SER A 19 2.98 -6.40 -0.49
N VAL A 20 2.24 -5.43 -0.96
CA VAL A 20 0.92 -5.15 -0.45
C VAL A 20 -0.13 -5.67 -1.40
N ILE A 21 -1.28 -5.98 -0.83
CA ILE A 21 -2.39 -6.45 -1.61
C ILE A 21 -3.27 -5.26 -1.94
N VAL A 22 -3.31 -4.90 -3.21
CA VAL A 22 -4.12 -3.76 -3.64
C VAL A 22 -5.25 -4.26 -4.50
N THR A 23 -6.47 -4.08 -4.02
CA THR A 23 -7.60 -4.57 -4.75
C THR A 23 -8.72 -3.54 -4.86
N HIS A 24 -9.50 -3.67 -5.92
CA HIS A 24 -10.70 -2.90 -6.13
C HIS A 24 -11.77 -3.88 -6.61
N SER A 25 -12.75 -4.15 -5.76
CA SER A 25 -13.78 -5.18 -6.02
C SER A 25 -13.16 -6.60 -6.01
N ASN A 26 -12.05 -6.74 -6.72
CA ASN A 26 -11.34 -8.02 -6.88
C ASN A 26 -10.05 -7.76 -7.64
N GLU A 27 -10.11 -6.72 -8.47
CA GLU A 27 -8.98 -6.24 -9.25
C GLU A 27 -7.76 -6.01 -8.35
N ARG A 28 -6.84 -6.96 -8.38
CA ARG A 28 -5.74 -6.99 -7.45
C ARG A 28 -4.41 -6.87 -8.17
N TYR A 29 -3.62 -5.92 -7.72
CA TYR A 29 -2.26 -5.75 -8.20
C TYR A 29 -1.31 -5.80 -7.02
N ASP A 30 -0.22 -6.51 -7.16
CA ASP A 30 0.77 -6.58 -6.10
C ASP A 30 1.60 -5.31 -6.12
N LEU A 31 1.57 -4.59 -5.03
CA LEU A 31 2.20 -3.29 -4.94
C LEU A 31 3.28 -3.34 -3.86
N LEU A 32 4.27 -2.49 -3.96
CA LEU A 32 5.37 -2.54 -3.00
C LEU A 32 5.35 -1.28 -2.16
N VAL A 33 5.59 -1.48 -0.87
CA VAL A 33 5.54 -0.43 0.14
C VAL A 33 6.59 0.64 -0.15
N THR A 34 6.30 1.88 0.21
CA THR A 34 7.00 3.01 -0.34
C THR A 34 8.34 3.24 0.35
N PRO A 35 9.42 3.15 -0.44
CA PRO A 35 10.79 3.27 0.02
C PRO A 35 11.13 4.68 0.51
N GLN A 36 12.26 4.77 1.23
CA GLN A 36 12.76 6.01 1.83
C GLN A 36 12.06 6.30 3.16
N GLN A 37 11.78 5.22 3.90
CA GLN A 37 11.32 5.35 5.28
C GLN A 37 12.28 4.63 6.20
N GLY A 38 11.88 3.43 6.59
CA GLY A 38 12.72 2.55 7.36
C GLY A 38 12.45 1.16 6.88
N ASN A 39 11.93 1.11 5.65
CA ASN A 39 11.45 -0.09 4.94
C ASN A 39 10.38 -0.88 5.69
N SER A 40 10.47 -0.94 7.01
CA SER A 40 9.53 -1.70 7.80
C SER A 40 8.23 -0.93 8.01
N GLU A 41 8.33 0.38 8.04
CA GLU A 41 7.20 1.23 8.31
C GLU A 41 7.15 2.30 7.25
N PRO A 42 6.26 2.13 6.30
CA PRO A 42 6.13 2.95 5.09
C PRO A 42 5.80 4.41 5.37
N VAL A 43 5.98 5.26 4.36
CA VAL A 43 5.76 6.69 4.50
C VAL A 43 4.27 7.01 4.49
N VAL A 44 3.90 8.22 4.92
CA VAL A 44 2.49 8.62 4.98
C VAL A 44 1.81 8.41 3.63
N GLN A 45 2.60 8.56 2.60
CA GLN A 45 2.15 8.48 1.21
C GLN A 45 1.69 7.07 0.85
N ASP A 46 2.30 6.07 1.49
CA ASP A 46 2.30 4.68 1.05
C ASP A 46 0.90 4.09 0.90
N LEU A 47 0.03 4.34 1.86
CA LEU A 47 -1.29 3.74 1.84
C LEU A 47 -2.04 4.17 0.57
N ALA A 48 -1.95 5.45 0.25
CA ALA A 48 -2.52 5.98 -0.98
C ALA A 48 -1.72 5.47 -2.17
N GLN A 49 -0.42 5.38 -1.97
CA GLN A 49 0.52 5.06 -3.02
C GLN A 49 0.26 3.70 -3.61
N LEU A 50 0.12 2.74 -2.72
CA LEU A 50 -0.05 1.35 -3.11
C LEU A 50 -1.30 1.17 -3.97
N VAL A 51 -2.40 1.67 -3.43
CA VAL A 51 -3.68 1.61 -4.11
C VAL A 51 -3.63 2.40 -5.43
N GLU A 52 -2.88 3.50 -5.42
CA GLU A 52 -2.70 4.34 -6.60
C GLU A 52 -1.82 3.67 -7.66
N GLU A 53 -0.67 3.17 -7.21
CA GLU A 53 0.37 2.64 -8.08
C GLU A 53 -0.09 1.36 -8.75
N ALA A 54 -1.07 0.69 -8.15
CA ALA A 54 -1.55 -0.57 -8.68
C ALA A 54 -1.99 -0.45 -10.14
N THR A 55 -2.80 0.54 -10.47
CA THR A 55 -3.19 0.76 -11.85
C THR A 55 -2.64 2.08 -12.41
N GLY A 56 -2.27 2.99 -11.53
CA GLY A 56 -1.85 4.31 -11.98
C GLY A 56 -2.94 5.34 -11.78
N VAL A 57 -3.87 5.02 -10.90
CA VAL A 57 -5.04 5.84 -10.65
C VAL A 57 -4.76 6.94 -9.63
N PRO A 58 -5.24 8.17 -9.91
CA PRO A 58 -5.07 9.32 -9.02
C PRO A 58 -5.83 9.20 -7.71
N LEU A 59 -5.35 9.89 -6.68
CA LEU A 59 -5.95 9.81 -5.34
C LEU A 59 -7.49 9.95 -5.35
N PRO A 60 -8.09 10.93 -6.09
CA PRO A 60 -9.53 11.19 -6.01
C PRO A 60 -10.39 10.06 -6.59
N PHE A 61 -9.78 9.22 -7.42
CA PHE A 61 -10.51 8.16 -8.09
C PHE A 61 -10.55 6.89 -7.25
N GLN A 62 -9.66 6.80 -6.28
CA GLN A 62 -9.62 5.63 -5.44
C GLN A 62 -9.92 5.98 -4.00
N LYS A 63 -10.87 5.29 -3.41
CA LYS A 63 -11.05 5.39 -1.98
C LYS A 63 -10.31 4.23 -1.33
N LEU A 64 -9.04 4.47 -0.98
CA LEU A 64 -8.23 3.43 -0.40
C LEU A 64 -8.58 3.29 1.05
N ILE A 65 -9.06 2.10 1.36
CA ILE A 65 -9.37 1.68 2.70
C ILE A 65 -8.62 0.39 2.99
N PHE A 66 -7.62 0.46 3.83
CA PHE A 66 -6.96 -0.71 4.35
C PHE A 66 -6.05 -0.34 5.49
N LYS A 67 -5.85 -1.27 6.42
CA LYS A 67 -4.95 -1.10 7.56
C LYS A 67 -5.43 -0.01 8.49
N GLY A 68 -6.75 0.14 8.57
CA GLY A 68 -7.34 1.16 9.39
C GLY A 68 -6.93 2.54 8.93
N LYS A 69 -6.40 2.59 7.73
CA LYS A 69 -5.93 3.82 7.15
C LYS A 69 -6.67 4.09 5.85
N SER A 70 -6.89 5.35 5.57
CA SER A 70 -7.55 5.76 4.34
C SER A 70 -6.60 6.65 3.56
N LEU A 71 -6.63 6.56 2.24
CA LEU A 71 -5.59 7.22 1.42
C LEU A 71 -5.65 8.74 1.49
N LYS A 72 -4.46 9.35 1.45
CA LYS A 72 -4.30 10.79 1.40
C LYS A 72 -2.81 11.09 1.26
N GLU A 73 -2.46 12.35 0.99
CA GLU A 73 -1.06 12.75 0.83
C GLU A 73 -0.25 12.37 2.08
N MET A 74 -0.43 13.13 3.15
CA MET A 74 0.17 12.77 4.43
C MET A 74 -0.93 12.36 5.40
N GLU A 75 -1.16 11.06 5.48
CA GLU A 75 -2.25 10.53 6.28
C GLU A 75 -1.73 9.97 7.62
N THR A 76 -2.37 8.92 8.11
CA THR A 76 -2.07 8.39 9.44
C THR A 76 -0.65 7.83 9.57
N PRO A 77 -0.09 7.86 10.81
CA PRO A 77 1.31 7.50 11.15
C PRO A 77 1.94 6.37 10.33
N LEU A 78 3.24 6.57 10.10
CA LEU A 78 4.09 5.71 9.28
C LEU A 78 4.33 4.33 9.89
N SER A 79 4.47 4.28 11.20
CA SER A 79 4.59 2.99 11.88
C SER A 79 3.38 2.11 11.59
N ALA A 80 2.22 2.75 11.56
CA ALA A 80 0.96 2.08 11.25
C ALA A 80 0.81 1.83 9.74
N LEU A 81 1.81 2.27 8.97
CA LEU A 81 1.69 2.33 7.52
C LEU A 81 1.75 0.95 6.84
N GLY A 82 1.52 -0.14 7.57
CA GLY A 82 1.63 -1.44 6.92
C GLY A 82 2.91 -2.19 7.21
N MET A 83 3.41 -2.13 8.47
CA MET A 83 4.63 -2.88 8.78
C MET A 83 4.37 -4.40 8.74
N GLN A 84 4.46 -4.89 7.53
CA GLN A 84 4.51 -6.29 7.15
C GLN A 84 4.93 -6.22 5.71
N ASN A 85 5.17 -7.31 4.98
CA ASN A 85 5.40 -7.11 3.56
C ASN A 85 4.20 -6.38 3.01
N GLY A 86 4.40 -5.12 2.68
CA GLY A 86 3.41 -4.25 2.05
C GLY A 86 2.07 -4.07 2.77
N CYS A 87 1.64 -5.08 3.53
CA CYS A 87 0.32 -5.09 4.18
C CYS A 87 -0.79 -5.23 3.14
N ARG A 88 -1.92 -4.58 3.38
CA ARG A 88 -3.04 -4.61 2.46
C ARG A 88 -3.59 -3.19 2.29
N VAL A 89 -4.08 -2.89 1.08
CA VAL A 89 -4.70 -1.60 0.75
C VAL A 89 -5.72 -1.78 -0.38
N MET A 90 -6.99 -1.58 -0.10
CA MET A 90 -7.97 -1.69 -1.18
C MET A 90 -8.76 -0.42 -1.37
N LEU A 91 -8.86 -0.02 -2.60
CA LEU A 91 -9.56 1.18 -2.96
C LEU A 91 -10.88 0.84 -3.60
N ILE A 92 -11.92 1.50 -3.16
CA ILE A 92 -13.21 1.29 -3.77
C ILE A 92 -13.67 2.55 -4.46
N GLY A 93 -13.73 2.44 -5.76
CA GLY A 93 -14.17 3.53 -6.61
C GLY A 93 -13.82 3.23 -8.03
N GLU A 94 -12.63 3.62 -8.44
CA GLU A 94 -12.12 3.28 -9.75
C GLU A 94 -10.60 3.13 -9.71
N LYS A 95 -10.10 2.07 -10.30
CA LYS A 95 -8.66 1.93 -10.52
C LYS A 95 -8.32 2.43 -11.91
N SER A 96 -8.32 3.73 -12.07
CA SER A 96 -8.01 4.35 -13.35
C SER A 96 -6.65 3.90 -13.89
N ASN A 97 -6.63 3.60 -15.17
CA ASN A 97 -5.38 3.25 -15.83
C ASN A 97 -4.99 4.39 -16.76
N MET A 1 -2.90 -15.46 4.42
CA MET A 1 -3.32 -15.25 5.83
C MET A 1 -2.34 -14.34 6.58
N ALA A 2 -1.29 -14.94 7.12
CA ALA A 2 -0.34 -14.23 7.95
C ALA A 2 0.77 -13.60 7.13
N LYS A 3 0.46 -12.49 6.48
CA LYS A 3 1.48 -11.78 5.71
C LYS A 3 2.29 -10.89 6.65
N THR A 4 1.82 -10.76 7.87
CA THR A 4 2.50 -9.99 8.91
C THR A 4 3.93 -10.48 9.06
N GLU A 5 4.07 -11.74 9.47
CA GLU A 5 5.39 -12.36 9.60
C GLU A 5 5.85 -12.83 8.23
N GLU A 6 6.53 -11.95 7.52
CA GLU A 6 6.97 -12.21 6.16
C GLU A 6 8.10 -11.27 5.83
N MET A 7 7.67 -10.14 5.30
CA MET A 7 8.55 -9.06 4.88
C MET A 7 9.60 -9.54 3.89
N VAL A 8 9.16 -10.25 2.84
CA VAL A 8 10.02 -10.58 1.70
C VAL A 8 9.19 -11.01 0.48
N GLN A 9 8.39 -10.11 -0.07
CA GLN A 9 7.65 -10.39 -1.31
C GLN A 9 8.18 -9.58 -2.49
N THR A 10 8.24 -8.26 -2.36
CA THR A 10 8.73 -7.39 -3.45
C THR A 10 9.78 -6.41 -2.92
N GLU A 11 11.03 -6.63 -3.30
CA GLU A 11 12.13 -5.81 -2.78
C GLU A 11 12.53 -4.71 -3.77
N GLU A 12 12.94 -3.57 -3.21
CA GLU A 12 13.42 -2.44 -3.95
C GLU A 12 14.68 -1.92 -3.26
N MET A 13 14.97 -0.63 -3.35
CA MET A 13 16.21 -0.11 -2.78
C MET A 13 16.15 -0.01 -1.25
N GLU A 14 15.04 0.46 -0.70
CA GLU A 14 14.93 0.55 0.76
C GLU A 14 13.93 -0.47 1.32
N THR A 15 13.05 -0.99 0.47
CA THR A 15 12.01 -1.88 0.95
C THR A 15 12.61 -3.21 1.35
N PRO A 16 12.07 -3.83 2.40
CA PRO A 16 12.58 -5.09 2.90
C PRO A 16 11.90 -6.21 2.17
N ARG A 17 11.71 -5.99 0.88
CA ARG A 17 10.94 -6.88 0.04
C ARG A 17 9.51 -6.92 0.56
N LEU A 18 8.85 -5.77 0.55
CA LEU A 18 7.47 -5.71 1.02
C LEU A 18 6.47 -5.44 -0.08
N SER A 19 5.56 -6.39 -0.25
CA SER A 19 4.54 -6.33 -1.28
C SER A 19 3.15 -6.31 -0.67
N VAL A 20 2.37 -5.35 -1.09
CA VAL A 20 1.04 -5.10 -0.55
C VAL A 20 -0.02 -5.62 -1.50
N ILE A 21 -1.17 -5.92 -0.93
CA ILE A 21 -2.31 -6.35 -1.68
C ILE A 21 -3.18 -5.15 -1.97
N VAL A 22 -3.27 -4.79 -3.24
CA VAL A 22 -4.13 -3.71 -3.66
C VAL A 22 -5.32 -4.30 -4.38
N THR A 23 -6.49 -3.88 -3.99
CA THR A 23 -7.67 -4.49 -4.50
C THR A 23 -8.79 -3.46 -4.71
N HIS A 24 -9.38 -3.53 -5.88
CA HIS A 24 -10.65 -2.86 -6.13
C HIS A 24 -11.64 -3.95 -6.46
N SER A 25 -12.58 -4.16 -5.55
CA SER A 25 -13.56 -5.23 -5.67
C SER A 25 -12.92 -6.60 -5.41
N ASN A 26 -11.98 -6.95 -6.28
CA ASN A 26 -11.29 -8.25 -6.26
C ASN A 26 -10.00 -8.09 -7.04
N GLU A 27 -10.09 -7.19 -8.03
CA GLU A 27 -8.96 -6.75 -8.85
C GLU A 27 -7.74 -6.51 -7.98
N ARG A 28 -6.75 -7.37 -8.14
CA ARG A 28 -5.63 -7.41 -7.21
C ARG A 28 -4.30 -7.15 -7.92
N TYR A 29 -3.57 -6.18 -7.41
CA TYR A 29 -2.27 -5.78 -7.93
C TYR A 29 -1.21 -5.84 -6.83
N ASP A 30 -0.03 -6.33 -7.16
CA ASP A 30 1.09 -6.32 -6.23
C ASP A 30 1.69 -4.91 -6.21
N LEU A 31 1.69 -4.29 -5.05
CA LEU A 31 2.25 -2.96 -4.91
C LEU A 31 3.30 -3.00 -3.82
N LEU A 32 4.27 -2.11 -3.85
CA LEU A 32 5.37 -2.20 -2.92
C LEU A 32 5.42 -0.98 -2.01
N VAL A 33 5.80 -1.22 -0.74
CA VAL A 33 5.79 -0.20 0.31
C VAL A 33 6.77 0.90 -0.02
N THR A 34 6.48 2.12 0.42
CA THR A 34 7.25 3.26 -0.05
C THR A 34 8.54 3.39 0.72
N PRO A 35 9.66 3.19 0.00
CA PRO A 35 10.99 3.12 0.57
C PRO A 35 11.48 4.46 1.08
N GLN A 36 12.48 4.37 1.96
CA GLN A 36 13.20 5.52 2.50
C GLN A 36 12.50 6.09 3.73
N GLN A 37 11.72 5.23 4.38
CA GLN A 37 11.21 5.50 5.71
C GLN A 37 12.10 4.78 6.69
N GLY A 38 11.97 3.46 6.66
CA GLY A 38 12.89 2.56 7.32
C GLY A 38 13.01 1.36 6.43
N ASN A 39 11.84 0.77 6.21
CA ASN A 39 11.58 -0.28 5.24
C ASN A 39 10.32 -0.98 5.66
N SER A 40 10.14 -1.05 6.96
CA SER A 40 9.05 -1.75 7.57
C SER A 40 7.86 -0.82 7.73
N GLU A 41 8.17 0.44 7.93
CA GLU A 41 7.17 1.42 8.28
C GLU A 41 7.10 2.47 7.19
N PRO A 42 6.29 2.22 6.17
CA PRO A 42 6.19 3.08 4.99
C PRO A 42 5.72 4.50 5.33
N VAL A 43 5.90 5.41 4.38
CA VAL A 43 5.59 6.81 4.60
C VAL A 43 4.09 7.07 4.51
N VAL A 44 3.66 8.27 4.91
CA VAL A 44 2.25 8.66 4.83
C VAL A 44 1.71 8.46 3.41
N GLN A 45 2.60 8.63 2.45
CA GLN A 45 2.27 8.50 1.04
C GLN A 45 1.83 7.09 0.70
N ASP A 46 2.43 6.12 1.37
CA ASP A 46 2.41 4.72 0.95
C ASP A 46 1.00 4.15 0.83
N LEU A 47 0.18 4.40 1.83
CA LEU A 47 -1.12 3.81 1.89
C LEU A 47 -1.96 4.22 0.68
N ALA A 48 -1.93 5.50 0.35
CA ALA A 48 -2.58 6.01 -0.84
C ALA A 48 -1.84 5.52 -2.08
N GLN A 49 -0.52 5.50 -1.96
CA GLN A 49 0.37 5.21 -3.06
C GLN A 49 0.14 3.83 -3.60
N LEU A 50 0.04 2.90 -2.70
CA LEU A 50 -0.12 1.50 -3.06
C LEU A 50 -1.38 1.30 -3.90
N VAL A 51 -2.50 1.79 -3.38
CA VAL A 51 -3.77 1.73 -4.08
C VAL A 51 -3.71 2.53 -5.38
N GLU A 52 -2.98 3.65 -5.35
CA GLU A 52 -2.85 4.54 -6.50
C GLU A 52 -1.98 3.91 -7.59
N GLU A 53 -0.82 3.41 -7.20
CA GLU A 53 0.19 2.95 -8.14
C GLU A 53 -0.21 1.63 -8.76
N ALA A 54 -1.08 0.88 -8.08
CA ALA A 54 -1.49 -0.42 -8.56
C ALA A 54 -2.07 -0.34 -9.96
N THR A 55 -2.91 0.66 -10.22
CA THR A 55 -3.43 0.84 -11.58
C THR A 55 -2.92 2.13 -12.22
N GLY A 56 -2.31 3.00 -11.42
CA GLY A 56 -1.87 4.28 -11.94
C GLY A 56 -2.98 5.31 -11.90
N VAL A 57 -3.97 5.01 -11.07
CA VAL A 57 -5.17 5.84 -10.97
C VAL A 57 -5.03 6.87 -9.85
N PRO A 58 -5.48 8.12 -10.11
CA PRO A 58 -5.36 9.25 -9.17
C PRO A 58 -6.21 9.10 -7.91
N LEU A 59 -5.75 9.81 -6.87
CA LEU A 59 -6.38 9.87 -5.55
C LEU A 59 -7.91 10.08 -5.58
N PRO A 60 -8.46 10.98 -6.42
CA PRO A 60 -9.91 11.23 -6.45
C PRO A 60 -10.71 10.05 -7.01
N PHE A 61 -10.04 9.15 -7.72
CA PHE A 61 -10.73 8.04 -8.37
C PHE A 61 -10.77 6.80 -7.51
N GLN A 62 -9.89 6.71 -6.53
CA GLN A 62 -9.90 5.57 -5.64
C GLN A 62 -10.24 6.00 -4.23
N LYS A 63 -10.89 5.13 -3.49
CA LYS A 63 -11.11 5.35 -2.07
C LYS A 63 -10.41 4.25 -1.31
N LEU A 64 -9.14 4.48 -0.97
CA LEU A 64 -8.32 3.45 -0.38
C LEU A 64 -8.63 3.32 1.10
N ILE A 65 -9.07 2.11 1.44
CA ILE A 65 -9.28 1.69 2.81
C ILE A 65 -8.53 0.39 3.04
N PHE A 66 -7.48 0.45 3.82
CA PHE A 66 -6.84 -0.74 4.34
C PHE A 66 -5.87 -0.36 5.43
N LYS A 67 -5.68 -1.24 6.40
CA LYS A 67 -4.69 -1.06 7.49
C LYS A 67 -5.01 0.14 8.35
N GLY A 68 -6.30 0.45 8.48
CA GLY A 68 -6.71 1.64 9.20
C GLY A 68 -6.21 2.89 8.54
N LYS A 69 -5.73 2.70 7.33
CA LYS A 69 -5.25 3.77 6.51
C LYS A 69 -6.23 4.03 5.41
N SER A 70 -6.63 5.26 5.31
CA SER A 70 -7.44 5.69 4.23
C SER A 70 -6.66 6.73 3.44
N LEU A 71 -6.74 6.66 2.12
CA LEU A 71 -5.71 7.27 1.27
C LEU A 71 -5.64 8.79 1.34
N LYS A 72 -4.39 9.27 1.35
CA LYS A 72 -4.04 10.67 1.23
C LYS A 72 -2.53 10.75 1.05
N GLU A 73 -2.02 11.91 0.64
CA GLU A 73 -0.59 12.05 0.42
C GLU A 73 0.15 12.06 1.76
N MET A 74 -0.42 12.75 2.73
CA MET A 74 0.15 12.79 4.07
C MET A 74 -0.94 12.49 5.10
N GLU A 75 -1.32 11.22 5.19
CA GLU A 75 -2.46 10.85 6.01
C GLU A 75 -2.06 10.41 7.42
N THR A 76 -2.12 9.10 7.68
CA THR A 76 -2.01 8.59 9.05
C THR A 76 -0.66 7.93 9.35
N PRO A 77 -0.26 7.93 10.65
CA PRO A 77 1.03 7.43 11.17
C PRO A 77 1.75 6.38 10.32
N LEU A 78 3.02 6.68 10.06
CA LEU A 78 3.91 5.87 9.22
C LEU A 78 4.24 4.53 9.85
N SER A 79 4.36 4.48 11.17
CA SER A 79 4.65 3.23 11.85
C SER A 79 3.55 2.22 11.58
N ALA A 80 2.32 2.72 11.53
CA ALA A 80 1.16 1.90 11.25
C ALA A 80 1.00 1.64 9.75
N LEU A 81 1.93 2.18 8.95
CA LEU A 81 1.77 2.28 7.50
C LEU A 81 1.86 0.92 6.78
N GLY A 82 1.67 -0.19 7.49
CA GLY A 82 1.76 -1.47 6.81
C GLY A 82 3.02 -2.24 7.07
N MET A 83 3.56 -2.20 8.30
CA MET A 83 4.75 -2.99 8.58
C MET A 83 4.43 -4.49 8.55
N GLN A 84 4.47 -5.00 7.34
CA GLN A 84 4.41 -6.40 6.99
C GLN A 84 4.81 -6.40 5.54
N ASN A 85 5.00 -7.51 4.83
CA ASN A 85 5.23 -7.34 3.40
C ASN A 85 4.04 -6.57 2.86
N GLY A 86 4.30 -5.32 2.52
CA GLY A 86 3.34 -4.39 1.94
C GLY A 86 2.04 -4.15 2.71
N CYS A 87 1.59 -5.14 3.49
CA CYS A 87 0.28 -5.11 4.15
C CYS A 87 -0.84 -5.24 3.11
N ARG A 88 -1.95 -4.56 3.36
CA ARG A 88 -3.08 -4.57 2.45
C ARG A 88 -3.55 -3.14 2.22
N VAL A 89 -4.07 -2.86 1.02
CA VAL A 89 -4.68 -1.57 0.68
C VAL A 89 -5.73 -1.76 -0.41
N MET A 90 -7.00 -1.59 -0.08
CA MET A 90 -8.01 -1.71 -1.12
C MET A 90 -8.85 -0.46 -1.25
N LEU A 91 -9.00 -0.03 -2.47
CA LEU A 91 -9.72 1.17 -2.80
C LEU A 91 -11.05 0.82 -3.41
N ILE A 92 -12.09 1.46 -2.94
CA ILE A 92 -13.39 1.25 -3.52
C ILE A 92 -13.83 2.47 -4.28
N GLY A 93 -13.90 2.31 -5.57
CA GLY A 93 -14.34 3.38 -6.44
C GLY A 93 -14.06 3.04 -7.87
N GLU A 94 -12.88 3.41 -8.33
CA GLU A 94 -12.45 3.07 -9.68
C GLU A 94 -10.94 2.91 -9.73
N LYS A 95 -10.49 1.88 -10.43
CA LYS A 95 -9.08 1.68 -10.68
C LYS A 95 -8.76 1.98 -12.12
N SER A 96 -8.95 3.23 -12.51
CA SER A 96 -8.70 3.65 -13.89
C SER A 96 -7.25 3.38 -14.30
N ASN A 97 -7.09 2.60 -15.37
CA ASN A 97 -5.78 2.30 -15.91
C ASN A 97 -5.81 2.46 -17.42
N MET A 1 -2.60 -16.16 1.04
CA MET A 1 -3.20 -16.56 2.33
C MET A 1 -2.96 -15.49 3.38
N ALA A 2 -2.92 -15.89 4.64
CA ALA A 2 -2.69 -14.95 5.75
C ALA A 2 -1.40 -14.17 5.56
N LYS A 3 -1.37 -12.95 6.09
CA LYS A 3 -0.24 -12.06 5.91
C LYS A 3 0.20 -11.45 7.23
N THR A 4 1.50 -11.55 7.50
CA THR A 4 2.12 -10.90 8.66
C THR A 4 3.50 -11.54 8.95
N GLU A 5 3.75 -12.69 8.36
CA GLU A 5 4.99 -13.42 8.63
C GLU A 5 5.94 -13.35 7.44
N GLU A 6 5.57 -12.56 6.45
CA GLU A 6 6.36 -12.45 5.24
C GLU A 6 7.47 -11.43 5.38
N MET A 7 7.17 -10.21 4.94
CA MET A 7 8.15 -9.14 4.80
C MET A 7 9.22 -9.51 3.78
N VAL A 8 8.79 -10.20 2.72
CA VAL A 8 9.66 -10.53 1.58
C VAL A 8 8.84 -10.97 0.34
N GLN A 9 8.28 -10.00 -0.39
CA GLN A 9 7.58 -10.34 -1.64
C GLN A 9 8.00 -9.45 -2.82
N THR A 10 8.21 -8.15 -2.60
CA THR A 10 8.67 -7.27 -3.68
C THR A 10 9.82 -6.37 -3.21
N GLU A 11 11.02 -6.71 -3.63
CA GLU A 11 12.25 -6.06 -3.14
C GLU A 11 12.55 -4.75 -3.88
N GLU A 12 13.19 -3.84 -3.16
CA GLU A 12 13.64 -2.57 -3.70
C GLU A 12 14.89 -2.14 -2.91
N MET A 13 15.35 -0.91 -3.07
CA MET A 13 16.59 -0.51 -2.41
C MET A 13 16.41 -0.30 -0.93
N GLU A 14 15.30 0.32 -0.51
CA GLU A 14 15.06 0.46 0.92
C GLU A 14 13.93 -0.44 1.39
N THR A 15 13.09 -0.91 0.47
CA THR A 15 12.00 -1.80 0.86
C THR A 15 12.58 -3.16 1.20
N PRO A 16 12.02 -3.84 2.20
CA PRO A 16 12.57 -5.10 2.65
C PRO A 16 11.93 -6.23 1.91
N ARG A 17 11.88 -6.06 0.59
CA ARG A 17 11.10 -6.94 -0.27
C ARG A 17 9.67 -6.96 0.25
N LEU A 18 9.00 -5.84 0.15
CA LEU A 18 7.71 -5.72 0.76
C LEU A 18 6.60 -5.44 -0.27
N SER A 19 5.62 -6.33 -0.31
CA SER A 19 4.56 -6.26 -1.30
C SER A 19 3.18 -6.27 -0.63
N VAL A 20 2.36 -5.33 -1.05
CA VAL A 20 1.03 -5.11 -0.48
C VAL A 20 -0.06 -5.64 -1.40
N ILE A 21 -1.19 -5.97 -0.82
CA ILE A 21 -2.34 -6.41 -1.59
C ILE A 21 -3.21 -5.21 -1.90
N VAL A 22 -3.28 -4.85 -3.18
CA VAL A 22 -4.15 -3.78 -3.63
C VAL A 22 -5.31 -4.36 -4.38
N THR A 23 -6.50 -4.12 -3.87
CA THR A 23 -7.66 -4.74 -4.43
C THR A 23 -8.76 -3.72 -4.71
N HIS A 24 -9.33 -3.81 -5.91
CA HIS A 24 -10.53 -3.10 -6.28
C HIS A 24 -11.55 -4.11 -6.79
N SER A 25 -12.58 -4.34 -6.01
CA SER A 25 -13.62 -5.30 -6.37
C SER A 25 -13.04 -6.64 -6.84
N ASN A 26 -12.35 -7.33 -5.92
CA ASN A 26 -11.74 -8.66 -6.16
C ASN A 26 -10.44 -8.57 -6.96
N GLU A 27 -10.32 -7.55 -7.81
CA GLU A 27 -9.10 -7.29 -8.57
C GLU A 27 -7.90 -7.17 -7.63
N ARG A 28 -6.74 -7.64 -8.06
CA ARG A 28 -5.56 -7.63 -7.20
C ARG A 28 -4.30 -7.23 -7.98
N TYR A 29 -3.62 -6.21 -7.49
CA TYR A 29 -2.26 -5.89 -7.92
C TYR A 29 -1.36 -5.88 -6.71
N ASP A 30 -0.18 -6.49 -6.81
CA ASP A 30 0.78 -6.42 -5.73
C ASP A 30 1.61 -5.16 -5.89
N LEU A 31 1.56 -4.33 -4.87
CA LEU A 31 2.21 -3.03 -4.91
C LEU A 31 3.34 -3.02 -3.90
N LEU A 32 4.38 -2.24 -4.12
CA LEU A 32 5.52 -2.28 -3.24
C LEU A 32 5.51 -1.08 -2.30
N VAL A 33 5.75 -1.36 -1.03
CA VAL A 33 5.67 -0.37 0.03
C VAL A 33 6.79 0.63 -0.12
N THR A 34 6.54 1.86 0.29
CA THR A 34 7.34 2.98 -0.18
C THR A 34 8.64 3.09 0.60
N PRO A 35 9.75 2.86 -0.12
CA PRO A 35 11.08 2.86 0.44
C PRO A 35 11.51 4.22 0.96
N GLN A 36 12.51 4.18 1.83
CA GLN A 36 13.17 5.37 2.41
C GLN A 36 12.47 5.82 3.68
N GLN A 37 11.61 4.97 4.22
CA GLN A 37 11.01 5.22 5.51
C GLN A 37 11.72 4.39 6.58
N GLY A 38 12.38 3.34 6.14
CA GLY A 38 12.91 2.37 7.06
C GLY A 38 12.38 0.99 6.74
N ASN A 39 11.99 0.81 5.47
CA ASN A 39 11.45 -0.42 4.88
C ASN A 39 10.19 -0.94 5.55
N SER A 40 10.17 -0.93 6.86
CA SER A 40 9.10 -1.54 7.61
C SER A 40 7.93 -0.58 7.77
N GLU A 41 8.21 0.68 8.04
CA GLU A 41 7.16 1.61 8.42
C GLU A 41 7.08 2.74 7.42
N PRO A 42 6.29 2.52 6.36
CA PRO A 42 6.21 3.41 5.19
C PRO A 42 5.70 4.81 5.51
N VAL A 43 5.86 5.71 4.54
CA VAL A 43 5.47 7.11 4.72
C VAL A 43 3.97 7.26 4.64
N VAL A 44 3.46 8.42 5.07
CA VAL A 44 2.03 8.71 5.00
C VAL A 44 1.51 8.51 3.58
N GLN A 45 2.40 8.74 2.64
CA GLN A 45 2.09 8.64 1.22
C GLN A 45 1.73 7.21 0.84
N ASP A 46 2.42 6.27 1.47
CA ASP A 46 2.46 4.89 0.98
C ASP A 46 1.09 4.23 0.91
N LEU A 47 0.25 4.50 1.90
CA LEU A 47 -1.05 3.90 1.93
C LEU A 47 -1.86 4.29 0.69
N ALA A 48 -1.78 5.58 0.35
CA ALA A 48 -2.40 6.09 -0.85
C ALA A 48 -1.67 5.55 -2.07
N GLN A 49 -0.35 5.48 -1.95
CA GLN A 49 0.52 5.12 -3.07
C GLN A 49 0.22 3.74 -3.59
N LEU A 50 0.11 2.83 -2.67
CA LEU A 50 -0.07 1.43 -3.02
C LEU A 50 -1.34 1.23 -3.85
N VAL A 51 -2.45 1.74 -3.35
CA VAL A 51 -3.72 1.68 -4.07
C VAL A 51 -3.63 2.50 -5.38
N GLU A 52 -2.95 3.64 -5.32
CA GLU A 52 -2.81 4.56 -6.46
C GLU A 52 -1.96 3.94 -7.56
N GLU A 53 -0.80 3.43 -7.17
CA GLU A 53 0.20 2.97 -8.13
C GLU A 53 -0.20 1.64 -8.74
N ALA A 54 -1.00 0.85 -8.02
CA ALA A 54 -1.44 -0.44 -8.52
C ALA A 54 -2.20 -0.30 -9.83
N THR A 55 -2.88 0.82 -9.99
CA THR A 55 -3.60 1.07 -11.21
C THR A 55 -3.02 2.26 -12.00
N GLY A 56 -2.34 3.16 -11.29
CA GLY A 56 -1.80 4.35 -11.93
C GLY A 56 -2.80 5.49 -11.97
N VAL A 57 -3.81 5.38 -11.12
CA VAL A 57 -4.95 6.29 -11.12
C VAL A 57 -4.86 7.26 -9.94
N PRO A 58 -5.29 8.51 -10.14
CA PRO A 58 -5.20 9.58 -9.12
C PRO A 58 -6.01 9.30 -7.86
N LEU A 59 -5.54 9.91 -6.78
CA LEU A 59 -6.09 9.76 -5.43
C LEU A 59 -7.63 9.92 -5.36
N PRO A 60 -8.24 10.90 -6.05
CA PRO A 60 -9.70 11.12 -5.96
C PRO A 60 -10.51 9.99 -6.59
N PHE A 61 -9.88 9.20 -7.46
CA PHE A 61 -10.59 8.15 -8.19
C PHE A 61 -10.65 6.86 -7.39
N GLN A 62 -9.76 6.70 -6.43
CA GLN A 62 -9.76 5.52 -5.61
C GLN A 62 -10.06 5.88 -4.16
N LYS A 63 -10.89 5.08 -3.53
CA LYS A 63 -11.10 5.22 -2.11
C LYS A 63 -10.36 4.10 -1.40
N LEU A 64 -9.11 4.35 -1.05
CA LEU A 64 -8.29 3.33 -0.42
C LEU A 64 -8.66 3.22 1.03
N ILE A 65 -9.09 2.01 1.36
CA ILE A 65 -9.38 1.62 2.72
C ILE A 65 -8.60 0.34 3.03
N PHE A 66 -7.58 0.47 3.84
CA PHE A 66 -6.87 -0.67 4.39
C PHE A 66 -5.94 -0.24 5.49
N LYS A 67 -5.68 -1.12 6.44
CA LYS A 67 -4.78 -0.87 7.57
C LYS A 67 -5.34 0.23 8.45
N GLY A 68 -6.66 0.28 8.52
CA GLY A 68 -7.35 1.32 9.27
C GLY A 68 -7.05 2.68 8.69
N LYS A 69 -6.47 2.66 7.51
CA LYS A 69 -6.06 3.85 6.83
C LYS A 69 -6.85 4.05 5.57
N SER A 70 -7.10 5.30 5.27
CA SER A 70 -7.72 5.67 4.03
C SER A 70 -6.75 6.58 3.28
N LEU A 71 -6.78 6.52 1.95
CA LEU A 71 -5.73 7.16 1.15
C LEU A 71 -5.76 8.69 1.24
N LYS A 72 -4.56 9.25 1.31
CA LYS A 72 -4.34 10.68 1.27
C LYS A 72 -2.84 10.93 1.22
N GLU A 73 -2.43 12.07 0.64
CA GLU A 73 -1.02 12.42 0.52
C GLU A 73 -0.28 12.24 1.84
N MET A 74 -0.73 12.96 2.86
CA MET A 74 -0.20 12.80 4.21
C MET A 74 -1.33 12.44 5.16
N GLU A 75 -1.58 11.15 5.31
CA GLU A 75 -2.71 10.69 6.09
C GLU A 75 -2.29 10.24 7.49
N THR A 76 -2.19 8.94 7.69
CA THR A 76 -2.04 8.36 9.03
C THR A 76 -0.64 7.87 9.35
N PRO A 77 -0.27 7.87 10.66
CA PRO A 77 1.03 7.43 11.20
C PRO A 77 1.82 6.41 10.37
N LEU A 78 3.07 6.77 10.13
CA LEU A 78 4.00 6.02 9.28
C LEU A 78 4.38 4.65 9.86
N SER A 79 4.61 4.58 11.15
CA SER A 79 4.93 3.32 11.78
C SER A 79 3.77 2.34 11.59
N ALA A 80 2.57 2.88 11.65
CA ALA A 80 1.35 2.13 11.44
C ALA A 80 1.06 1.89 9.95
N LEU A 81 1.96 2.38 9.08
CA LEU A 81 1.74 2.43 7.63
C LEU A 81 1.79 1.03 6.97
N GLY A 82 1.64 -0.05 7.74
CA GLY A 82 1.65 -1.37 7.11
C GLY A 82 2.95 -2.13 7.25
N MET A 83 3.63 -2.02 8.39
CA MET A 83 4.87 -2.76 8.57
C MET A 83 4.62 -4.26 8.63
N GLN A 84 4.58 -4.84 7.43
CA GLN A 84 4.53 -6.27 7.12
C GLN A 84 4.90 -6.24 5.67
N ASN A 85 5.05 -7.34 4.94
CA ASN A 85 5.21 -7.15 3.50
C ASN A 85 4.01 -6.38 3.01
N GLY A 86 4.23 -5.10 2.72
CA GLY A 86 3.24 -4.20 2.18
C GLY A 86 1.93 -4.05 2.94
N CYS A 87 1.57 -5.07 3.71
CA CYS A 87 0.27 -5.22 4.33
C CYS A 87 -0.85 -5.22 3.28
N ARG A 88 -1.94 -4.51 3.53
CA ARG A 88 -3.07 -4.51 2.62
C ARG A 88 -3.52 -3.08 2.36
N VAL A 89 -4.00 -2.82 1.14
CA VAL A 89 -4.62 -1.55 0.76
C VAL A 89 -5.64 -1.78 -0.35
N MET A 90 -6.91 -1.62 -0.05
CA MET A 90 -7.90 -1.79 -1.09
C MET A 90 -8.75 -0.58 -1.31
N LEU A 91 -8.88 -0.20 -2.55
CA LEU A 91 -9.61 0.98 -2.91
C LEU A 91 -10.91 0.59 -3.56
N ILE A 92 -11.98 1.16 -3.07
CA ILE A 92 -13.25 0.92 -3.69
C ILE A 92 -13.73 2.17 -4.38
N GLY A 93 -13.76 2.08 -5.68
CA GLY A 93 -14.16 3.18 -6.52
C GLY A 93 -13.77 2.92 -7.94
N GLU A 94 -12.74 3.60 -8.41
CA GLU A 94 -12.29 3.44 -9.77
C GLU A 94 -10.79 3.16 -9.84
N LYS A 95 -10.44 2.01 -10.38
CA LYS A 95 -9.07 1.78 -10.83
C LYS A 95 -9.04 2.12 -12.32
N SER A 96 -9.33 3.39 -12.61
CA SER A 96 -9.51 3.85 -14.00
C SER A 96 -8.26 3.70 -14.86
N ASN A 97 -8.07 2.50 -15.38
CA ASN A 97 -6.99 2.22 -16.32
C ASN A 97 -7.22 0.87 -16.96
N MET A 1 -2.20 -15.31 10.98
CA MET A 1 -2.57 -14.15 10.13
C MET A 1 -2.40 -14.47 8.65
N ALA A 2 -3.34 -13.98 7.85
CA ALA A 2 -3.30 -14.16 6.40
C ALA A 2 -2.15 -13.37 5.80
N LYS A 3 -1.81 -12.27 6.44
CA LYS A 3 -0.64 -11.49 6.06
C LYS A 3 -0.08 -10.77 7.26
N THR A 4 1.14 -11.10 7.62
CA THR A 4 1.85 -10.52 8.75
C THR A 4 3.29 -11.02 8.75
N GLU A 5 3.43 -12.34 8.72
CA GLU A 5 4.74 -12.96 8.82
C GLU A 5 5.32 -13.23 7.44
N GLU A 6 5.92 -12.19 6.86
CA GLU A 6 6.57 -12.28 5.57
C GLU A 6 7.70 -11.27 5.48
N MET A 7 7.35 -10.06 5.07
CA MET A 7 8.31 -8.99 4.84
C MET A 7 9.38 -9.41 3.85
N VAL A 8 8.97 -10.14 2.80
CA VAL A 8 9.86 -10.47 1.69
C VAL A 8 9.07 -10.92 0.45
N GLN A 9 8.43 -9.98 -0.24
CA GLN A 9 7.82 -10.30 -1.54
C GLN A 9 8.44 -9.46 -2.67
N THR A 10 8.23 -8.15 -2.64
CA THR A 10 8.77 -7.28 -3.69
C THR A 10 9.86 -6.35 -3.16
N GLU A 11 11.09 -6.59 -3.56
CA GLU A 11 12.24 -5.80 -3.10
C GLU A 11 12.52 -4.59 -4.00
N GLU A 12 13.06 -3.54 -3.39
CA GLU A 12 13.52 -2.34 -4.09
C GLU A 12 14.63 -1.68 -3.26
N MET A 13 14.89 -0.39 -3.47
CA MET A 13 16.08 0.25 -2.89
C MET A 13 16.00 0.38 -1.37
N GLU A 14 14.85 0.75 -0.82
CA GLU A 14 14.71 0.84 0.63
C GLU A 14 13.87 -0.30 1.18
N THR A 15 13.04 -0.89 0.34
CA THR A 15 12.02 -1.80 0.82
C THR A 15 12.64 -3.09 1.31
N PRO A 16 12.06 -3.68 2.36
CA PRO A 16 12.55 -4.93 2.91
C PRO A 16 11.94 -6.07 2.16
N ARG A 17 11.77 -5.85 0.85
CA ARG A 17 11.05 -6.75 -0.02
C ARG A 17 9.60 -6.82 0.46
N LEU A 18 8.88 -5.71 0.37
CA LEU A 18 7.52 -5.66 0.86
C LEU A 18 6.49 -5.47 -0.26
N SER A 19 5.51 -6.36 -0.29
CA SER A 19 4.47 -6.33 -1.31
C SER A 19 3.08 -6.36 -0.68
N VAL A 20 2.24 -5.43 -1.11
CA VAL A 20 0.92 -5.22 -0.57
C VAL A 20 -0.16 -5.75 -1.51
N ILE A 21 -1.31 -6.05 -0.94
CA ILE A 21 -2.47 -6.47 -1.71
C ILE A 21 -3.32 -5.25 -2.00
N VAL A 22 -3.37 -4.87 -3.27
CA VAL A 22 -4.17 -3.73 -3.70
C VAL A 22 -5.37 -4.21 -4.46
N THR A 23 -6.54 -3.98 -3.90
CA THR A 23 -7.74 -4.57 -4.45
C THR A 23 -8.85 -3.55 -4.66
N HIS A 24 -9.55 -3.68 -5.78
CA HIS A 24 -10.78 -2.96 -6.04
C HIS A 24 -11.80 -4.00 -6.48
N SER A 25 -12.75 -4.29 -5.60
CA SER A 25 -13.76 -5.35 -5.82
C SER A 25 -13.10 -6.75 -5.86
N ASN A 26 -12.05 -6.87 -6.66
CA ASN A 26 -11.37 -8.15 -6.90
C ASN A 26 -10.05 -7.90 -7.62
N GLU A 27 -10.02 -6.81 -8.39
CA GLU A 27 -8.82 -6.34 -9.07
C GLU A 27 -7.68 -6.22 -8.06
N ARG A 28 -6.68 -7.06 -8.20
CA ARG A 28 -5.59 -7.07 -7.26
C ARG A 28 -4.24 -7.03 -7.97
N TYR A 29 -3.44 -6.06 -7.57
CA TYR A 29 -2.07 -5.93 -8.02
C TYR A 29 -1.16 -5.99 -6.82
N ASP A 30 -0.04 -6.69 -6.94
CA ASP A 30 0.94 -6.66 -5.89
C ASP A 30 1.71 -5.36 -6.01
N LEU A 31 1.63 -4.57 -4.97
CA LEU A 31 2.23 -3.24 -4.97
C LEU A 31 3.31 -3.21 -3.91
N LEU A 32 4.30 -2.36 -4.07
CA LEU A 32 5.44 -2.42 -3.18
C LEU A 32 5.42 -1.23 -2.22
N VAL A 33 5.74 -1.53 -0.95
CA VAL A 33 5.67 -0.54 0.12
C VAL A 33 6.66 0.59 -0.16
N THR A 34 6.32 1.79 0.27
CA THR A 34 6.96 2.97 -0.27
C THR A 34 8.29 3.21 0.43
N PRO A 35 9.37 3.11 -0.36
CA PRO A 35 10.74 3.21 0.13
C PRO A 35 11.09 4.61 0.60
N GLN A 36 12.17 4.69 1.37
CA GLN A 36 12.61 5.92 2.02
C GLN A 36 11.78 6.19 3.28
N GLN A 37 11.94 5.32 4.27
CA GLN A 37 11.29 5.48 5.57
C GLN A 37 12.13 4.78 6.61
N GLY A 38 11.88 3.49 6.71
CA GLY A 38 12.69 2.60 7.50
C GLY A 38 12.44 1.20 7.03
N ASN A 39 12.02 1.13 5.75
CA ASN A 39 11.51 -0.08 5.06
C ASN A 39 10.36 -0.78 5.79
N SER A 40 10.39 -0.81 7.11
CA SER A 40 9.41 -1.57 7.87
C SER A 40 8.15 -0.75 8.08
N GLU A 41 8.29 0.57 8.17
CA GLU A 41 7.16 1.43 8.46
C GLU A 41 7.08 2.48 7.38
N PRO A 42 6.25 2.22 6.37
CA PRO A 42 6.12 3.05 5.17
C PRO A 42 5.67 4.48 5.48
N VAL A 43 5.82 5.36 4.49
CA VAL A 43 5.47 6.76 4.67
C VAL A 43 3.96 6.96 4.61
N VAL A 44 3.49 8.09 5.10
CA VAL A 44 2.06 8.46 5.06
C VAL A 44 1.50 8.32 3.65
N GLN A 45 2.37 8.50 2.67
CA GLN A 45 2.00 8.38 1.27
C GLN A 45 1.64 6.94 0.88
N ASP A 46 2.28 5.97 1.53
CA ASP A 46 2.34 4.58 1.05
C ASP A 46 0.97 3.95 0.82
N LEU A 47 0.08 4.07 1.79
CA LEU A 47 -1.20 3.44 1.68
C LEU A 47 -1.97 3.95 0.46
N ALA A 48 -1.87 5.25 0.22
CA ALA A 48 -2.44 5.86 -0.96
C ALA A 48 -1.67 5.42 -2.20
N GLN A 49 -0.37 5.33 -2.02
CA GLN A 49 0.56 5.03 -3.09
C GLN A 49 0.30 3.67 -3.67
N LEU A 50 0.17 2.72 -2.79
CA LEU A 50 -0.02 1.33 -3.19
C LEU A 50 -1.28 1.16 -4.03
N VAL A 51 -2.39 1.63 -3.49
CA VAL A 51 -3.68 1.55 -4.15
C VAL A 51 -3.67 2.34 -5.46
N GLU A 52 -2.93 3.45 -5.45
CA GLU A 52 -2.80 4.32 -6.61
C GLU A 52 -1.92 3.67 -7.68
N GLU A 53 -0.76 3.18 -7.26
CA GLU A 53 0.26 2.70 -8.17
C GLU A 53 -0.16 1.41 -8.84
N ALA A 54 -1.08 0.69 -8.23
CA ALA A 54 -1.56 -0.56 -8.78
C ALA A 54 -2.12 -0.36 -10.20
N THR A 55 -3.00 0.61 -10.36
CA THR A 55 -3.59 0.86 -11.67
C THR A 55 -3.10 2.18 -12.26
N GLY A 56 -2.27 2.90 -11.52
CA GLY A 56 -1.71 4.15 -12.03
C GLY A 56 -2.71 5.29 -12.00
N VAL A 57 -3.74 5.15 -11.17
CA VAL A 57 -4.78 6.16 -11.09
C VAL A 57 -4.55 7.11 -9.92
N PRO A 58 -4.99 8.37 -10.08
CA PRO A 58 -4.76 9.46 -9.12
C PRO A 58 -5.49 9.26 -7.81
N LEU A 59 -4.98 9.90 -6.75
CA LEU A 59 -5.55 9.76 -5.41
C LEU A 59 -7.08 9.88 -5.38
N PRO A 60 -7.70 10.89 -6.07
CA PRO A 60 -9.15 11.10 -6.03
C PRO A 60 -9.95 9.97 -6.71
N PHE A 61 -9.30 9.22 -7.59
CA PHE A 61 -9.99 8.19 -8.35
C PHE A 61 -10.21 6.94 -7.52
N GLN A 62 -9.44 6.79 -6.47
CA GLN A 62 -9.60 5.65 -5.60
C GLN A 62 -9.96 6.11 -4.20
N LYS A 63 -10.66 5.27 -3.46
CA LYS A 63 -10.80 5.48 -2.05
C LYS A 63 -10.19 4.30 -1.33
N LEU A 64 -8.93 4.46 -0.96
CA LEU A 64 -8.17 3.39 -0.38
C LEU A 64 -8.52 3.27 1.09
N ILE A 65 -9.01 2.09 1.41
CA ILE A 65 -9.30 1.69 2.77
C ILE A 65 -8.56 0.40 3.06
N PHE A 66 -7.55 0.47 3.88
CA PHE A 66 -6.90 -0.72 4.40
C PHE A 66 -5.98 -0.37 5.54
N LYS A 67 -5.80 -1.32 6.45
CA LYS A 67 -4.90 -1.19 7.59
C LYS A 67 -5.41 -0.12 8.54
N GLY A 68 -6.74 0.00 8.57
CA GLY A 68 -7.38 1.03 9.37
C GLY A 68 -6.99 2.41 8.91
N LYS A 69 -6.42 2.48 7.73
CA LYS A 69 -5.94 3.73 7.19
C LYS A 69 -6.57 3.98 5.83
N SER A 70 -6.78 5.25 5.52
CA SER A 70 -7.42 5.64 4.28
C SER A 70 -6.49 6.56 3.49
N LEU A 71 -6.52 6.45 2.16
CA LEU A 71 -5.57 7.22 1.34
C LEU A 71 -5.84 8.71 1.42
N LYS A 72 -4.77 9.48 1.54
CA LYS A 72 -4.82 10.93 1.41
C LYS A 72 -3.41 11.46 1.23
N GLU A 73 -3.28 12.77 1.18
CA GLU A 73 -1.98 13.41 1.07
C GLU A 73 -1.32 13.50 2.44
N MET A 74 -0.40 12.59 2.72
CA MET A 74 0.36 12.58 3.98
C MET A 74 -0.58 12.35 5.15
N GLU A 75 -1.35 11.26 5.11
CA GLU A 75 -2.39 11.02 6.08
C GLU A 75 -1.89 10.59 7.48
N THR A 76 -2.04 9.33 7.86
CA THR A 76 -1.88 8.94 9.26
C THR A 76 -0.58 8.15 9.54
N PRO A 77 -0.11 8.18 10.81
CA PRO A 77 1.14 7.56 11.30
C PRO A 77 1.80 6.49 10.43
N LEU A 78 3.06 6.75 10.13
CA LEU A 78 3.92 5.90 9.29
C LEU A 78 4.24 4.55 9.93
N SER A 79 4.40 4.52 11.24
CA SER A 79 4.60 3.28 11.97
C SER A 79 3.43 2.32 11.71
N ALA A 80 2.24 2.89 11.63
CA ALA A 80 1.02 2.15 11.35
C ALA A 80 0.87 1.84 9.86
N LEU A 81 1.84 2.28 9.07
CA LEU A 81 1.71 2.32 7.61
C LEU A 81 1.78 0.94 6.93
N GLY A 82 1.59 -0.15 7.66
CA GLY A 82 1.65 -1.44 6.98
C GLY A 82 2.92 -2.20 7.24
N MET A 83 3.48 -2.15 8.47
CA MET A 83 4.68 -2.93 8.74
C MET A 83 4.37 -4.44 8.71
N GLN A 84 4.41 -4.93 7.49
CA GLN A 84 4.41 -6.32 7.10
C GLN A 84 4.81 -6.24 5.67
N ASN A 85 4.99 -7.33 4.93
CA ASN A 85 5.25 -7.15 3.50
C ASN A 85 4.08 -6.36 2.94
N GLY A 86 4.32 -5.10 2.64
CA GLY A 86 3.35 -4.20 2.03
C GLY A 86 2.00 -4.05 2.76
N CYS A 87 1.58 -5.06 3.52
CA CYS A 87 0.28 -5.10 4.17
C CYS A 87 -0.84 -5.23 3.14
N ARG A 88 -1.99 -4.65 3.42
CA ARG A 88 -3.10 -4.66 2.50
C ARG A 88 -3.60 -3.24 2.29
N VAL A 89 -4.09 -2.95 1.08
CA VAL A 89 -4.70 -1.67 0.74
C VAL A 89 -5.74 -1.86 -0.36
N MET A 90 -7.00 -1.70 -0.05
CA MET A 90 -7.98 -1.80 -1.12
C MET A 90 -8.83 -0.56 -1.26
N LEU A 91 -8.92 -0.10 -2.48
CA LEU A 91 -9.63 1.11 -2.79
C LEU A 91 -10.97 0.79 -3.39
N ILE A 92 -12.00 1.44 -2.89
CA ILE A 92 -13.29 1.30 -3.49
C ILE A 92 -13.66 2.61 -4.16
N GLY A 93 -13.73 2.55 -5.47
CA GLY A 93 -14.01 3.70 -6.27
C GLY A 93 -13.81 3.37 -7.72
N GLU A 94 -12.65 3.71 -8.25
CA GLU A 94 -12.35 3.39 -9.63
C GLU A 94 -10.86 3.14 -9.84
N LYS A 95 -10.52 1.90 -10.15
CA LYS A 95 -9.18 1.58 -10.62
C LYS A 95 -9.15 1.77 -12.12
N SER A 96 -9.39 3.00 -12.53
CA SER A 96 -9.57 3.34 -13.95
C SER A 96 -8.40 2.85 -14.80
N ASN A 97 -8.72 2.26 -15.94
CA ASN A 97 -7.71 1.78 -16.86
C ASN A 97 -7.65 2.69 -18.08
N MET A 1 -5.98 -15.82 5.40
CA MET A 1 -4.56 -15.56 5.02
C MET A 1 -3.85 -14.89 6.18
N ALA A 2 -2.55 -15.16 6.32
CA ALA A 2 -1.80 -14.66 7.45
C ALA A 2 -0.65 -13.77 6.99
N LYS A 3 -0.99 -12.64 6.38
CA LYS A 3 0.02 -11.71 5.92
C LYS A 3 0.50 -10.84 7.06
N THR A 4 1.77 -10.98 7.41
CA THR A 4 2.41 -10.19 8.45
C THR A 4 3.91 -10.47 8.50
N GLU A 5 4.24 -11.71 8.80
CA GLU A 5 5.61 -12.09 9.14
C GLU A 5 6.48 -12.30 7.90
N GLU A 6 5.92 -12.04 6.73
CA GLU A 6 6.68 -12.14 5.48
C GLU A 6 7.79 -11.12 5.45
N MET A 7 7.43 -9.90 5.07
CA MET A 7 8.38 -8.83 4.86
C MET A 7 9.48 -9.25 3.90
N VAL A 8 9.07 -9.98 2.85
CA VAL A 8 9.94 -10.34 1.73
C VAL A 8 9.12 -10.83 0.53
N GLN A 9 8.50 -9.90 -0.20
CA GLN A 9 7.85 -10.24 -1.45
C GLN A 9 8.40 -9.42 -2.62
N THR A 10 8.17 -8.11 -2.62
CA THR A 10 8.68 -7.26 -3.70
C THR A 10 9.78 -6.32 -3.20
N GLU A 11 11.02 -6.61 -3.61
CA GLU A 11 12.18 -5.86 -3.14
C GLU A 11 12.48 -4.62 -3.99
N GLU A 12 13.25 -3.72 -3.39
CA GLU A 12 13.67 -2.45 -3.96
C GLU A 12 14.63 -1.86 -2.93
N MET A 13 15.31 -0.76 -3.25
CA MET A 13 16.46 -0.32 -2.45
C MET A 13 16.12 0.02 -0.99
N GLU A 14 15.02 0.72 -0.72
CA GLU A 14 14.67 0.98 0.68
C GLU A 14 13.43 0.20 1.11
N THR A 15 12.95 -0.68 0.26
CA THR A 15 11.94 -1.62 0.70
C THR A 15 12.63 -2.82 1.32
N PRO A 16 12.03 -3.43 2.34
CA PRO A 16 12.55 -4.65 2.91
C PRO A 16 11.97 -5.83 2.16
N ARG A 17 11.82 -5.63 0.84
CA ARG A 17 11.13 -6.56 -0.02
C ARG A 17 9.68 -6.69 0.45
N LEU A 18 8.93 -5.60 0.37
CA LEU A 18 7.56 -5.62 0.89
C LEU A 18 6.53 -5.43 -0.22
N SER A 19 5.54 -6.31 -0.21
CA SER A 19 4.48 -6.30 -1.22
C SER A 19 3.10 -6.29 -0.56
N VAL A 20 2.26 -5.39 -1.02
CA VAL A 20 0.93 -5.15 -0.49
C VAL A 20 -0.14 -5.72 -1.41
N ILE A 21 -1.29 -5.99 -0.83
CA ILE A 21 -2.44 -6.43 -1.59
C ILE A 21 -3.30 -5.23 -1.94
N VAL A 22 -3.38 -4.90 -3.23
CA VAL A 22 -4.26 -3.82 -3.67
C VAL A 22 -5.44 -4.41 -4.41
N THR A 23 -6.63 -4.14 -3.93
CA THR A 23 -7.81 -4.62 -4.59
C THR A 23 -8.87 -3.53 -4.77
N HIS A 24 -9.52 -3.62 -5.90
CA HIS A 24 -10.69 -2.83 -6.23
C HIS A 24 -11.70 -3.80 -6.83
N SER A 25 -12.82 -3.98 -6.15
CA SER A 25 -13.82 -4.97 -6.57
C SER A 25 -13.37 -6.41 -6.28
N ASN A 26 -12.12 -6.69 -6.66
CA ASN A 26 -11.50 -8.02 -6.57
C ASN A 26 -10.20 -7.98 -7.35
N GLU A 27 -10.16 -7.05 -8.31
CA GLU A 27 -8.97 -6.78 -9.08
C GLU A 27 -7.78 -6.51 -8.16
N ARG A 28 -6.66 -7.14 -8.46
CA ARG A 28 -5.54 -7.20 -7.53
C ARG A 28 -4.22 -6.98 -8.25
N TYR A 29 -3.48 -6.02 -7.74
CA TYR A 29 -2.08 -5.83 -8.13
C TYR A 29 -1.23 -5.88 -6.88
N ASP A 30 -0.12 -6.59 -6.94
CA ASP A 30 0.80 -6.58 -5.82
C ASP A 30 1.68 -5.34 -5.93
N LEU A 31 1.58 -4.52 -4.91
CA LEU A 31 2.22 -3.22 -4.89
C LEU A 31 3.30 -3.23 -3.83
N LEU A 32 4.32 -2.42 -3.96
CA LEU A 32 5.42 -2.53 -3.02
C LEU A 32 5.44 -1.33 -2.08
N VAL A 33 5.78 -1.59 -0.82
CA VAL A 33 5.73 -0.57 0.22
C VAL A 33 6.75 0.51 -0.08
N THR A 34 6.45 1.74 0.31
CA THR A 34 7.14 2.88 -0.24
C THR A 34 8.46 3.14 0.46
N PRO A 35 9.54 3.05 -0.34
CA PRO A 35 10.91 3.23 0.14
C PRO A 35 11.19 4.64 0.62
N GLN A 36 12.26 4.76 1.40
CA GLN A 36 12.75 6.01 1.96
C GLN A 36 12.09 6.33 3.28
N GLN A 37 11.44 5.34 3.87
CA GLN A 37 10.95 5.47 5.23
C GLN A 37 11.94 4.83 6.19
N GLY A 38 11.60 3.63 6.59
CA GLY A 38 12.48 2.81 7.39
C GLY A 38 12.32 1.40 6.92
N ASN A 39 11.90 1.31 5.65
CA ASN A 39 11.49 0.08 4.94
C ASN A 39 10.37 -0.68 5.64
N SER A 40 10.50 -0.87 6.93
CA SER A 40 9.61 -1.72 7.69
C SER A 40 8.33 -0.97 8.06
N GLU A 41 8.38 0.34 7.93
CA GLU A 41 7.30 1.19 8.37
C GLU A 41 7.12 2.28 7.33
N PRO A 42 6.21 2.04 6.40
CA PRO A 42 6.04 2.86 5.19
C PRO A 42 5.67 4.31 5.48
N VAL A 43 5.81 5.17 4.47
CA VAL A 43 5.55 6.59 4.61
C VAL A 43 4.05 6.89 4.59
N VAL A 44 3.67 8.09 5.05
CA VAL A 44 2.28 8.54 5.01
C VAL A 44 1.71 8.41 3.60
N GLN A 45 2.58 8.54 2.62
CA GLN A 45 2.23 8.44 1.21
C GLN A 45 1.82 7.02 0.83
N ASP A 46 2.44 6.05 1.49
CA ASP A 46 2.46 4.66 1.02
C ASP A 46 1.08 4.04 0.87
N LEU A 47 0.20 4.28 1.83
CA LEU A 47 -1.11 3.67 1.78
C LEU A 47 -1.86 4.11 0.52
N ALA A 48 -1.75 5.40 0.19
CA ALA A 48 -2.33 5.94 -1.01
C ALA A 48 -1.60 5.42 -2.23
N GLN A 49 -0.28 5.36 -2.10
CA GLN A 49 0.58 5.02 -3.21
C GLN A 49 0.28 3.65 -3.74
N LEU A 50 0.15 2.71 -2.83
CA LEU A 50 -0.06 1.32 -3.20
C LEU A 50 -1.34 1.15 -4.02
N VAL A 51 -2.44 1.64 -3.48
CA VAL A 51 -3.75 1.58 -4.15
C VAL A 51 -3.73 2.39 -5.45
N GLU A 52 -2.98 3.50 -5.43
CA GLU A 52 -2.84 4.37 -6.60
C GLU A 52 -2.00 3.69 -7.68
N GLU A 53 -0.86 3.17 -7.28
CA GLU A 53 0.13 2.63 -8.22
C GLU A 53 -0.37 1.37 -8.90
N ALA A 54 -1.27 0.66 -8.22
CA ALA A 54 -1.69 -0.65 -8.70
C ALA A 54 -2.21 -0.61 -10.13
N THR A 55 -3.14 0.29 -10.43
CA THR A 55 -3.63 0.40 -11.80
C THR A 55 -3.25 1.76 -12.41
N GLY A 56 -2.50 2.55 -11.65
CA GLY A 56 -2.12 3.87 -12.14
C GLY A 56 -3.20 4.90 -11.88
N VAL A 57 -4.07 4.58 -10.94
CA VAL A 57 -5.20 5.45 -10.62
C VAL A 57 -4.77 6.56 -9.66
N PRO A 58 -5.05 7.81 -10.02
CA PRO A 58 -4.69 8.97 -9.19
C PRO A 58 -5.49 9.06 -7.89
N LEU A 59 -4.91 9.72 -6.89
CA LEU A 59 -5.52 9.84 -5.57
C LEU A 59 -7.02 10.21 -5.61
N PRO A 60 -7.44 11.20 -6.44
CA PRO A 60 -8.84 11.66 -6.43
C PRO A 60 -9.82 10.59 -6.96
N PHE A 61 -9.30 9.57 -7.63
CA PHE A 61 -10.14 8.56 -8.26
C PHE A 61 -10.29 7.31 -7.42
N GLN A 62 -9.38 7.09 -6.48
CA GLN A 62 -9.46 5.92 -5.63
C GLN A 62 -9.93 6.34 -4.24
N LYS A 63 -10.48 5.39 -3.52
CA LYS A 63 -10.72 5.58 -2.10
C LYS A 63 -10.15 4.40 -1.35
N LEU A 64 -8.89 4.53 -0.98
CA LEU A 64 -8.16 3.45 -0.36
C LEU A 64 -8.54 3.31 1.09
N ILE A 65 -9.04 2.13 1.40
CA ILE A 65 -9.33 1.72 2.74
C ILE A 65 -8.64 0.39 3.00
N PHE A 66 -7.62 0.42 3.81
CA PHE A 66 -6.99 -0.79 4.31
C PHE A 66 -6.02 -0.44 5.42
N LYS A 67 -5.80 -1.35 6.36
CA LYS A 67 -4.89 -1.16 7.50
C LYS A 67 -5.40 -0.06 8.41
N GLY A 68 -6.72 0.05 8.49
CA GLY A 68 -7.34 1.09 9.28
C GLY A 68 -7.00 2.45 8.78
N LYS A 69 -6.43 2.47 7.59
CA LYS A 69 -5.98 3.68 6.97
C LYS A 69 -6.77 3.97 5.71
N SER A 70 -6.99 5.23 5.47
CA SER A 70 -7.58 5.66 4.24
C SER A 70 -6.62 6.60 3.53
N LEU A 71 -6.54 6.51 2.21
CA LEU A 71 -5.45 7.14 1.46
C LEU A 71 -5.51 8.67 1.46
N LYS A 72 -4.33 9.26 1.58
CA LYS A 72 -4.09 10.69 1.41
C LYS A 72 -2.60 10.92 1.27
N GLU A 73 -2.17 12.16 1.03
CA GLU A 73 -0.75 12.45 0.88
C GLU A 73 -0.01 12.19 2.18
N MET A 74 -0.44 12.88 3.24
CA MET A 74 0.14 12.68 4.55
C MET A 74 -0.95 12.34 5.55
N GLU A 75 -1.37 11.07 5.55
CA GLU A 75 -2.50 10.64 6.34
C GLU A 75 -2.09 10.26 7.77
N THR A 76 -2.14 8.98 8.09
CA THR A 76 -1.97 8.52 9.46
C THR A 76 -0.59 7.88 9.69
N PRO A 77 -0.09 7.95 10.94
CA PRO A 77 1.27 7.50 11.34
C PRO A 77 1.87 6.37 10.53
N LEU A 78 3.15 6.59 10.23
CA LEU A 78 3.96 5.73 9.37
C LEU A 78 4.25 4.38 10.01
N SER A 79 4.36 4.36 11.32
CA SER A 79 4.55 3.11 12.03
C SER A 79 3.39 2.16 11.75
N ALA A 80 2.20 2.74 11.68
CA ALA A 80 0.98 2.00 11.39
C ALA A 80 0.81 1.74 9.89
N LEU A 81 1.77 2.21 9.09
CA LEU A 81 1.63 2.28 7.64
C LEU A 81 1.68 0.91 6.94
N GLY A 82 1.47 -0.19 7.66
CA GLY A 82 1.58 -1.47 6.98
C GLY A 82 2.86 -2.21 7.28
N MET A 83 3.37 -2.14 8.52
CA MET A 83 4.60 -2.85 8.82
C MET A 83 4.35 -4.38 8.81
N GLN A 84 4.41 -4.88 7.60
CA GLN A 84 4.44 -6.26 7.23
C GLN A 84 4.85 -6.19 5.80
N ASN A 85 5.09 -7.29 5.09
CA ASN A 85 5.27 -7.12 3.64
C ASN A 85 4.07 -6.35 3.12
N GLY A 86 4.30 -5.09 2.75
CA GLY A 86 3.32 -4.23 2.10
C GLY A 86 1.98 -4.03 2.81
N CYS A 87 1.54 -5.02 3.60
CA CYS A 87 0.21 -5.03 4.22
C CYS A 87 -0.88 -5.18 3.16
N ARG A 88 -2.01 -4.54 3.41
CA ARG A 88 -3.13 -4.58 2.48
C ARG A 88 -3.65 -3.16 2.26
N VAL A 89 -4.12 -2.88 1.05
CA VAL A 89 -4.72 -1.59 0.69
C VAL A 89 -5.76 -1.77 -0.41
N MET A 90 -7.02 -1.56 -0.09
CA MET A 90 -8.03 -1.66 -1.13
C MET A 90 -8.84 -0.39 -1.28
N LEU A 91 -8.96 0.03 -2.51
CA LEU A 91 -9.64 1.25 -2.82
C LEU A 91 -11.01 0.95 -3.38
N ILE A 92 -12.01 1.60 -2.82
CA ILE A 92 -13.33 1.45 -3.34
C ILE A 92 -13.67 2.67 -4.16
N GLY A 93 -13.77 2.46 -5.45
CA GLY A 93 -14.06 3.54 -6.35
C GLY A 93 -13.69 3.17 -7.76
N GLU A 94 -12.57 3.71 -8.21
CA GLU A 94 -12.12 3.48 -9.57
C GLU A 94 -10.62 3.21 -9.59
N LYS A 95 -10.21 2.27 -10.42
CA LYS A 95 -8.81 2.05 -10.70
C LYS A 95 -8.52 2.61 -12.09
N SER A 96 -8.93 3.86 -12.29
CA SER A 96 -8.86 4.52 -13.58
C SER A 96 -7.44 4.50 -14.15
N ASN A 97 -7.32 3.92 -15.34
CA ASN A 97 -6.04 3.86 -16.03
C ASN A 97 -6.01 4.92 -17.14
N MET A 1 -1.54 -17.99 5.48
CA MET A 1 -0.95 -16.80 4.82
C MET A 1 -1.66 -15.52 5.27
N ALA A 2 -1.35 -15.06 6.48
CA ALA A 2 -1.96 -13.85 7.00
C ALA A 2 -1.22 -12.61 6.52
N LYS A 3 -0.12 -12.84 5.77
CA LYS A 3 0.70 -11.78 5.20
C LYS A 3 1.59 -11.10 6.25
N THR A 4 1.05 -10.84 7.42
CA THR A 4 1.80 -10.24 8.52
C THR A 4 3.03 -11.08 8.84
N GLU A 5 2.98 -12.35 8.44
CA GLU A 5 4.04 -13.32 8.72
C GLU A 5 5.15 -13.25 7.67
N GLU A 6 4.94 -12.43 6.63
CA GLU A 6 5.88 -12.37 5.51
C GLU A 6 6.97 -11.33 5.71
N MET A 7 6.78 -10.15 5.10
CA MET A 7 7.78 -9.09 5.06
C MET A 7 8.98 -9.48 4.18
N VAL A 8 8.70 -10.25 3.12
CA VAL A 8 9.73 -10.60 2.12
C VAL A 8 9.09 -11.04 0.80
N GLN A 9 8.46 -10.11 0.08
CA GLN A 9 7.90 -10.45 -1.23
C GLN A 9 8.56 -9.64 -2.37
N THR A 10 8.40 -8.32 -2.37
CA THR A 10 9.00 -7.50 -3.42
C THR A 10 10.06 -6.56 -2.86
N GLU A 11 11.32 -6.88 -3.11
CA GLU A 11 12.44 -6.10 -2.59
C GLU A 11 12.81 -4.95 -3.52
N GLU A 12 13.35 -3.89 -2.94
CA GLU A 12 13.82 -2.72 -3.68
C GLU A 12 14.98 -2.07 -2.88
N MET A 13 15.20 -0.77 -3.04
CA MET A 13 16.37 -0.13 -2.43
C MET A 13 16.21 0.06 -0.93
N GLU A 14 15.04 0.49 -0.45
CA GLU A 14 14.83 0.57 0.99
C GLU A 14 13.93 -0.53 1.50
N THR A 15 13.11 -1.09 0.63
CA THR A 15 12.05 -1.98 1.08
C THR A 15 12.64 -3.27 1.60
N PRO A 16 12.06 -3.83 2.65
CA PRO A 16 12.54 -5.06 3.24
C PRO A 16 11.92 -6.22 2.52
N ARG A 17 11.82 -6.04 1.20
CA ARG A 17 11.12 -6.95 0.32
C ARG A 17 9.64 -6.96 0.70
N LEU A 18 8.97 -5.83 0.49
CA LEU A 18 7.58 -5.70 0.90
C LEU A 18 6.62 -5.47 -0.26
N SER A 19 5.68 -6.41 -0.41
CA SER A 19 4.66 -6.35 -1.46
C SER A 19 3.26 -6.34 -0.85
N VAL A 20 2.47 -5.37 -1.26
CA VAL A 20 1.14 -5.13 -0.72
C VAL A 20 0.07 -5.63 -1.68
N ILE A 21 -1.09 -5.93 -1.12
CA ILE A 21 -2.25 -6.32 -1.91
C ILE A 21 -3.09 -5.09 -2.16
N VAL A 22 -3.20 -4.70 -3.42
CA VAL A 22 -4.01 -3.56 -3.79
C VAL A 22 -5.25 -4.05 -4.49
N THR A 23 -6.37 -3.87 -3.86
CA THR A 23 -7.58 -4.49 -4.31
C THR A 23 -8.70 -3.49 -4.56
N HIS A 24 -9.43 -3.75 -5.62
CA HIS A 24 -10.68 -3.07 -5.94
C HIS A 24 -11.67 -4.15 -6.32
N SER A 25 -12.67 -4.38 -5.49
CA SER A 25 -13.62 -5.49 -5.66
C SER A 25 -12.93 -6.86 -5.43
N ASN A 26 -11.84 -7.06 -6.13
CA ASN A 26 -11.07 -8.30 -6.12
C ASN A 26 -9.83 -8.08 -6.97
N GLU A 27 -10.04 -7.25 -7.99
CA GLU A 27 -9.00 -6.79 -8.88
C GLU A 27 -7.78 -6.27 -8.10
N ARG A 28 -6.72 -7.05 -8.09
CA ARG A 28 -5.57 -6.72 -7.27
C ARG A 28 -4.28 -6.68 -8.08
N TYR A 29 -3.45 -5.71 -7.75
CA TYR A 29 -2.11 -5.59 -8.31
C TYR A 29 -1.14 -5.58 -7.15
N ASP A 30 -0.05 -6.32 -7.27
CA ASP A 30 0.92 -6.33 -6.19
C ASP A 30 1.76 -5.06 -6.26
N LEU A 31 1.68 -4.31 -5.19
CA LEU A 31 2.30 -3.01 -5.11
C LEU A 31 3.40 -3.06 -4.06
N LEU A 32 4.40 -2.24 -4.17
CA LEU A 32 5.52 -2.33 -3.24
C LEU A 32 5.51 -1.16 -2.28
N VAL A 33 5.83 -1.44 -1.01
CA VAL A 33 5.77 -0.44 0.04
C VAL A 33 6.81 0.63 -0.23
N THR A 34 6.51 1.87 0.16
CA THR A 34 7.25 3.00 -0.33
C THR A 34 8.54 3.19 0.45
N PRO A 35 9.65 3.07 -0.27
CA PRO A 35 11.00 3.11 0.28
C PRO A 35 11.40 4.50 0.75
N GLN A 36 12.44 4.54 1.58
CA GLN A 36 12.91 5.75 2.26
C GLN A 36 12.01 6.08 3.45
N GLN A 37 12.07 5.22 4.45
CA GLN A 37 11.35 5.42 5.70
C GLN A 37 12.09 4.67 6.81
N GLY A 38 11.75 3.40 6.92
CA GLY A 38 12.45 2.50 7.81
C GLY A 38 12.21 1.10 7.33
N ASN A 39 11.86 1.00 6.04
CA ASN A 39 11.37 -0.20 5.34
C ASN A 39 10.18 -0.89 6.01
N SER A 40 10.12 -0.86 7.32
CA SER A 40 9.04 -1.50 8.05
C SER A 40 7.87 -0.54 8.21
N GLU A 41 8.18 0.73 8.24
CA GLU A 41 7.20 1.75 8.53
C GLU A 41 7.14 2.74 7.38
N PRO A 42 6.33 2.42 6.36
CA PRO A 42 6.21 3.21 5.14
C PRO A 42 5.70 4.63 5.40
N VAL A 43 5.85 5.49 4.41
CA VAL A 43 5.50 6.90 4.56
C VAL A 43 4.00 7.07 4.50
N VAL A 44 3.49 8.21 4.96
CA VAL A 44 2.06 8.51 4.91
C VAL A 44 1.53 8.30 3.50
N GLN A 45 2.38 8.59 2.54
CA GLN A 45 2.04 8.53 1.13
C GLN A 45 1.76 7.10 0.70
N ASP A 46 2.44 6.14 1.33
CA ASP A 46 2.47 4.76 0.87
C ASP A 46 1.07 4.17 0.75
N LEU A 47 0.21 4.47 1.70
CA LEU A 47 -1.12 3.91 1.72
C LEU A 47 -1.90 4.32 0.46
N ALA A 48 -1.80 5.60 0.12
CA ALA A 48 -2.42 6.13 -1.08
C ALA A 48 -1.71 5.60 -2.31
N GLN A 49 -0.40 5.52 -2.18
CA GLN A 49 0.49 5.19 -3.27
C GLN A 49 0.21 3.82 -3.81
N LEU A 50 0.11 2.88 -2.91
CA LEU A 50 -0.06 1.50 -3.27
C LEU A 50 -1.35 1.30 -4.09
N VAL A 51 -2.46 1.77 -3.56
CA VAL A 51 -3.74 1.64 -4.23
C VAL A 51 -3.72 2.43 -5.55
N GLU A 52 -3.01 3.56 -5.53
CA GLU A 52 -2.88 4.44 -6.69
C GLU A 52 -2.06 3.80 -7.79
N GLU A 53 -0.89 3.28 -7.42
CA GLU A 53 0.07 2.78 -8.38
C GLU A 53 -0.43 1.51 -9.05
N ALA A 54 -1.32 0.79 -8.38
CA ALA A 54 -1.82 -0.47 -8.90
C ALA A 54 -2.40 -0.30 -10.30
N THR A 55 -3.24 0.70 -10.48
CA THR A 55 -3.80 0.96 -11.80
C THR A 55 -3.35 2.29 -12.40
N GLY A 56 -2.59 3.08 -11.64
CA GLY A 56 -2.16 4.37 -12.14
C GLY A 56 -3.21 5.44 -11.90
N VAL A 57 -4.08 5.17 -10.94
CA VAL A 57 -5.25 6.01 -10.68
C VAL A 57 -4.92 7.11 -9.68
N PRO A 58 -5.44 8.33 -9.90
CA PRO A 58 -5.29 9.45 -8.97
C PRO A 58 -6.13 9.29 -7.70
N LEU A 59 -5.73 9.98 -6.64
CA LEU A 59 -6.45 9.94 -5.35
C LEU A 59 -7.99 10.06 -5.49
N PRO A 60 -8.54 10.99 -6.32
CA PRO A 60 -9.99 11.23 -6.32
C PRO A 60 -10.83 10.07 -6.90
N PHE A 61 -10.19 9.07 -7.50
CA PHE A 61 -10.94 8.01 -8.16
C PHE A 61 -10.86 6.74 -7.38
N GLN A 62 -9.99 6.73 -6.41
CA GLN A 62 -9.88 5.60 -5.55
C GLN A 62 -10.02 6.02 -4.11
N LYS A 63 -10.87 5.33 -3.36
CA LYS A 63 -10.87 5.53 -1.93
C LYS A 63 -10.18 4.37 -1.28
N LEU A 64 -8.91 4.56 -0.98
CA LEU A 64 -8.10 3.50 -0.43
C LEU A 64 -8.42 3.35 1.03
N ILE A 65 -8.87 2.15 1.37
CA ILE A 65 -9.12 1.75 2.73
C ILE A 65 -8.36 0.46 3.01
N PHE A 66 -7.33 0.56 3.82
CA PHE A 66 -6.65 -0.59 4.35
C PHE A 66 -5.68 -0.18 5.44
N LYS A 67 -5.43 -1.06 6.40
CA LYS A 67 -4.50 -0.80 7.51
C LYS A 67 -5.03 0.31 8.39
N GLY A 68 -6.35 0.37 8.47
CA GLY A 68 -7.04 1.42 9.20
C GLY A 68 -6.77 2.76 8.60
N LYS A 69 -6.19 2.73 7.42
CA LYS A 69 -5.76 3.93 6.74
C LYS A 69 -6.54 4.12 5.47
N SER A 70 -6.81 5.36 5.17
CA SER A 70 -7.45 5.71 3.94
C SER A 70 -6.52 6.65 3.17
N LEU A 71 -6.58 6.62 1.85
CA LEU A 71 -5.62 7.40 1.06
C LEU A 71 -5.84 8.89 1.24
N LYS A 72 -4.74 9.63 1.36
CA LYS A 72 -4.84 11.08 1.48
C LYS A 72 -3.44 11.72 1.42
N GLU A 73 -2.50 11.02 0.79
CA GLU A 73 -1.08 11.40 0.84
C GLU A 73 -0.60 11.44 2.28
N MET A 74 -0.55 12.63 2.86
CA MET A 74 -0.11 12.78 4.26
C MET A 74 -1.26 12.46 5.21
N GLU A 75 -1.48 11.16 5.42
CA GLU A 75 -2.60 10.69 6.20
C GLU A 75 -2.18 10.13 7.58
N THR A 76 -2.21 8.81 7.72
CA THR A 76 -2.07 8.17 9.04
C THR A 76 -0.62 7.73 9.36
N PRO A 77 -0.25 7.71 10.68
CA PRO A 77 1.06 7.29 11.21
C PRO A 77 1.82 6.24 10.39
N LEU A 78 3.08 6.55 10.14
CA LEU A 78 3.97 5.78 9.27
C LEU A 78 4.33 4.39 9.82
N SER A 79 4.58 4.28 11.10
CA SER A 79 4.88 2.99 11.69
C SER A 79 3.71 2.02 11.45
N ALA A 80 2.52 2.57 11.53
CA ALA A 80 1.29 1.83 11.28
C ALA A 80 1.01 1.68 9.78
N LEU A 81 1.90 2.20 8.95
CA LEU A 81 1.70 2.29 7.50
C LEU A 81 1.79 0.93 6.80
N GLY A 82 1.60 -0.18 7.51
CA GLY A 82 1.69 -1.46 6.84
C GLY A 82 2.97 -2.24 7.12
N MET A 83 3.48 -2.23 8.35
CA MET A 83 4.66 -3.06 8.64
C MET A 83 4.31 -4.54 8.56
N GLN A 84 4.36 -5.01 7.34
CA GLN A 84 4.32 -6.41 6.93
C GLN A 84 4.74 -6.34 5.50
N ASN A 85 4.95 -7.43 4.76
CA ASN A 85 5.21 -7.22 3.34
C ASN A 85 4.05 -6.42 2.76
N GLY A 86 4.34 -5.15 2.46
CA GLY A 86 3.39 -4.21 1.88
C GLY A 86 2.07 -4.01 2.65
N CYS A 87 1.64 -5.03 3.40
CA CYS A 87 0.33 -5.07 4.04
C CYS A 87 -0.77 -5.16 2.99
N ARG A 88 -1.92 -4.59 3.29
CA ARG A 88 -3.02 -4.58 2.36
C ARG A 88 -3.45 -3.13 2.13
N VAL A 89 -3.96 -2.85 0.94
CA VAL A 89 -4.54 -1.55 0.60
C VAL A 89 -5.60 -1.73 -0.48
N MET A 90 -6.85 -1.54 -0.13
CA MET A 90 -7.88 -1.67 -1.14
C MET A 90 -8.70 -0.42 -1.29
N LEU A 91 -8.82 0.04 -2.51
CA LEU A 91 -9.59 1.20 -2.78
C LEU A 91 -10.96 0.83 -3.25
N ILE A 92 -11.95 1.41 -2.61
CA ILE A 92 -13.29 1.15 -2.99
C ILE A 92 -13.77 2.30 -3.85
N GLY A 93 -13.96 2.01 -5.11
CA GLY A 93 -14.41 3.02 -6.04
C GLY A 93 -14.12 2.64 -7.46
N GLU A 94 -13.05 3.19 -8.01
CA GLU A 94 -12.72 2.95 -9.39
C GLU A 94 -11.21 2.88 -9.59
N LYS A 95 -10.74 1.76 -10.10
CA LYS A 95 -9.38 1.67 -10.56
C LYS A 95 -9.35 2.12 -12.03
N SER A 96 -9.51 3.42 -12.22
CA SER A 96 -9.58 4.02 -13.55
C SER A 96 -8.35 3.68 -14.39
N ASN A 97 -8.55 2.84 -15.39
CA ASN A 97 -7.48 2.45 -16.28
C ASN A 97 -7.98 2.47 -17.72
N MET A 1 -1.67 -14.52 9.85
CA MET A 1 -3.10 -14.15 9.90
C MET A 1 -3.42 -13.14 8.80
N ALA A 2 -4.00 -13.63 7.70
CA ALA A 2 -4.34 -12.82 6.53
C ALA A 2 -3.08 -12.37 5.80
N LYS A 3 -2.21 -11.65 6.50
CA LYS A 3 -0.94 -11.19 5.96
C LYS A 3 -0.13 -10.55 7.07
N THR A 4 0.99 -11.17 7.42
CA THR A 4 1.73 -10.76 8.60
C THR A 4 3.16 -11.32 8.60
N GLU A 5 3.27 -12.65 8.69
CA GLU A 5 4.55 -13.33 8.85
C GLU A 5 5.29 -13.40 7.51
N GLU A 6 5.56 -12.25 6.92
CA GLU A 6 6.12 -12.20 5.58
C GLU A 6 7.37 -11.31 5.54
N MET A 7 7.17 -10.10 5.02
CA MET A 7 8.23 -9.10 4.87
C MET A 7 9.38 -9.56 3.98
N VAL A 8 9.05 -10.18 2.84
CA VAL A 8 10.04 -10.50 1.79
C VAL A 8 9.33 -10.93 0.50
N GLN A 9 8.55 -10.03 -0.10
CA GLN A 9 7.81 -10.37 -1.31
C GLN A 9 8.28 -9.53 -2.53
N THR A 10 8.17 -8.21 -2.45
CA THR A 10 8.62 -7.34 -3.55
C THR A 10 9.74 -6.39 -3.09
N GLU A 11 10.96 -6.69 -3.49
CA GLU A 11 12.12 -5.91 -3.05
C GLU A 11 12.32 -4.63 -3.88
N GLU A 12 13.02 -3.69 -3.26
CA GLU A 12 13.36 -2.39 -3.85
C GLU A 12 14.55 -1.85 -3.05
N MET A 13 15.07 -0.68 -3.40
CA MET A 13 16.31 -0.21 -2.78
C MET A 13 16.25 -0.08 -1.27
N GLU A 14 15.13 0.40 -0.70
CA GLU A 14 15.04 0.44 0.76
C GLU A 14 14.10 -0.63 1.30
N THR A 15 13.19 -1.10 0.46
CA THR A 15 12.12 -1.96 0.94
C THR A 15 12.67 -3.30 1.36
N PRO A 16 12.11 -3.91 2.40
CA PRO A 16 12.58 -5.16 2.92
C PRO A 16 11.91 -6.29 2.17
N ARG A 17 11.80 -6.05 0.86
CA ARG A 17 11.00 -6.89 -0.02
C ARG A 17 9.56 -6.90 0.49
N LEU A 18 8.88 -5.79 0.30
CA LEU A 18 7.52 -5.68 0.82
C LEU A 18 6.48 -5.47 -0.29
N SER A 19 5.53 -6.39 -0.33
CA SER A 19 4.46 -6.38 -1.30
C SER A 19 3.09 -6.28 -0.64
N VAL A 20 2.32 -5.32 -1.09
CA VAL A 20 1.00 -5.04 -0.56
C VAL A 20 -0.08 -5.55 -1.51
N ILE A 21 -1.24 -5.83 -0.94
CA ILE A 21 -2.39 -6.26 -1.69
C ILE A 21 -3.25 -5.07 -2.00
N VAL A 22 -3.34 -4.73 -3.27
CA VAL A 22 -4.20 -3.67 -3.71
C VAL A 22 -5.37 -4.26 -4.45
N THR A 23 -6.55 -4.00 -3.94
CA THR A 23 -7.73 -4.62 -4.46
C THR A 23 -8.84 -3.59 -4.74
N HIS A 24 -9.46 -3.74 -5.90
CA HIS A 24 -10.63 -2.96 -6.26
C HIS A 24 -11.74 -3.92 -6.61
N SER A 25 -12.74 -4.00 -5.73
CA SER A 25 -13.83 -4.99 -5.83
C SER A 25 -13.30 -6.43 -5.65
N ASN A 26 -12.25 -6.75 -6.37
CA ASN A 26 -11.63 -8.08 -6.36
C ASN A 26 -10.31 -8.00 -7.11
N GLU A 27 -10.28 -7.08 -8.07
CA GLU A 27 -9.09 -6.73 -8.85
C GLU A 27 -7.86 -6.56 -7.97
N ARG A 28 -6.95 -7.52 -8.05
CA ARG A 28 -5.78 -7.56 -7.19
C ARG A 28 -4.53 -7.18 -7.98
N TYR A 29 -3.81 -6.20 -7.45
CA TYR A 29 -2.52 -5.81 -7.99
C TYR A 29 -1.47 -5.89 -6.90
N ASP A 30 -0.33 -6.44 -7.24
CA ASP A 30 0.81 -6.49 -6.33
C ASP A 30 1.51 -5.14 -6.36
N LEU A 31 1.59 -4.51 -5.21
CA LEU A 31 2.17 -3.18 -5.09
C LEU A 31 3.22 -3.20 -4.01
N LEU A 32 4.20 -2.31 -4.07
CA LEU A 32 5.31 -2.40 -3.14
C LEU A 32 5.34 -1.19 -2.20
N VAL A 33 5.69 -1.46 -0.95
CA VAL A 33 5.68 -0.46 0.12
C VAL A 33 6.72 0.62 -0.17
N THR A 34 6.45 1.85 0.28
CA THR A 34 7.18 3.00 -0.19
C THR A 34 8.50 3.18 0.55
N PRO A 35 9.61 3.05 -0.21
CA PRO A 35 10.97 3.11 0.31
C PRO A 35 11.39 4.53 0.73
N GLN A 36 12.44 4.59 1.54
CA GLN A 36 13.04 5.84 2.05
C GLN A 36 12.38 6.25 3.36
N GLN A 37 11.93 5.24 4.10
CA GLN A 37 11.35 5.44 5.41
C GLN A 37 12.13 4.67 6.47
N GLY A 38 12.43 3.43 6.14
CA GLY A 38 12.92 2.48 7.13
C GLY A 38 12.58 1.06 6.75
N ASN A 39 11.81 0.92 5.65
CA ASN A 39 11.39 -0.36 5.05
C ASN A 39 10.28 -1.03 5.84
N SER A 40 10.25 -0.80 7.12
CA SER A 40 9.22 -1.41 7.94
C SER A 40 8.07 -0.43 8.14
N GLU A 41 8.36 0.85 8.09
CA GLU A 41 7.36 1.84 8.45
C GLU A 41 7.24 2.88 7.35
N PRO A 42 6.45 2.56 6.31
CA PRO A 42 6.30 3.39 5.10
C PRO A 42 5.75 4.78 5.39
N VAL A 43 5.89 5.68 4.42
CA VAL A 43 5.52 7.08 4.61
C VAL A 43 4.00 7.25 4.58
N VAL A 44 3.52 8.41 5.05
CA VAL A 44 2.08 8.70 5.09
C VAL A 44 1.43 8.45 3.74
N GLN A 45 2.20 8.70 2.70
CA GLN A 45 1.79 8.58 1.33
C GLN A 45 1.49 7.12 0.93
N ASP A 46 2.22 6.18 1.54
CA ASP A 46 2.32 4.80 1.06
C ASP A 46 0.97 4.12 0.86
N LEU A 47 0.08 4.26 1.83
CA LEU A 47 -1.20 3.61 1.74
C LEU A 47 -1.95 4.06 0.48
N ALA A 48 -1.85 5.36 0.20
CA ALA A 48 -2.41 5.95 -0.99
C ALA A 48 -1.64 5.50 -2.22
N GLN A 49 -0.32 5.44 -2.05
CA GLN A 49 0.60 5.13 -3.12
C GLN A 49 0.34 3.76 -3.70
N LEU A 50 0.21 2.83 -2.80
CA LEU A 50 0.01 1.44 -3.14
C LEU A 50 -1.26 1.27 -3.98
N VAL A 51 -2.36 1.79 -3.47
CA VAL A 51 -3.64 1.72 -4.13
C VAL A 51 -3.61 2.50 -5.45
N GLU A 52 -2.84 3.59 -5.44
CA GLU A 52 -2.70 4.44 -6.61
C GLU A 52 -1.85 3.77 -7.69
N GLU A 53 -0.68 3.28 -7.30
CA GLU A 53 0.30 2.78 -8.26
C GLU A 53 -0.17 1.48 -8.89
N ALA A 54 -1.00 0.74 -8.15
CA ALA A 54 -1.50 -0.53 -8.64
C ALA A 54 -2.28 -0.36 -9.95
N THR A 55 -2.94 0.78 -10.10
CA THR A 55 -3.66 1.04 -11.33
C THR A 55 -3.07 2.23 -12.09
N GLY A 56 -2.18 2.98 -11.44
CA GLY A 56 -1.62 4.18 -12.06
C GLY A 56 -2.59 5.34 -12.03
N VAL A 57 -3.60 5.21 -11.17
CA VAL A 57 -4.70 6.14 -11.11
C VAL A 57 -4.59 7.03 -9.87
N PRO A 58 -4.93 8.32 -10.01
CA PRO A 58 -4.80 9.34 -8.95
C PRO A 58 -5.67 9.08 -7.73
N LEU A 59 -5.21 9.62 -6.62
CA LEU A 59 -5.85 9.48 -5.31
C LEU A 59 -7.36 9.76 -5.31
N PRO A 60 -7.86 10.83 -5.99
CA PRO A 60 -9.30 11.16 -5.94
C PRO A 60 -10.17 10.13 -6.63
N PHE A 61 -9.55 9.27 -7.43
CA PHE A 61 -10.30 8.26 -8.17
C PHE A 61 -10.46 6.98 -7.38
N GLN A 62 -9.62 6.79 -6.37
CA GLN A 62 -9.73 5.59 -5.55
C GLN A 62 -10.05 5.97 -4.12
N LYS A 63 -10.91 5.18 -3.49
CA LYS A 63 -11.11 5.30 -2.06
C LYS A 63 -10.38 4.16 -1.38
N LEU A 64 -9.12 4.39 -1.04
CA LEU A 64 -8.28 3.36 -0.46
C LEU A 64 -8.61 3.21 1.01
N ILE A 65 -9.06 2.00 1.33
CA ILE A 65 -9.32 1.60 2.69
C ILE A 65 -8.59 0.29 2.97
N PHE A 66 -7.57 0.36 3.78
CA PHE A 66 -6.92 -0.82 4.31
C PHE A 66 -5.99 -0.46 5.43
N LYS A 67 -5.79 -1.37 6.37
CA LYS A 67 -4.88 -1.18 7.51
C LYS A 67 -5.38 -0.08 8.43
N GLY A 68 -6.70 0.05 8.48
CA GLY A 68 -7.31 1.10 9.28
C GLY A 68 -6.93 2.46 8.79
N LYS A 69 -6.33 2.49 7.62
CA LYS A 69 -5.82 3.70 7.03
C LYS A 69 -6.57 3.99 5.74
N SER A 70 -6.81 5.26 5.49
CA SER A 70 -7.51 5.67 4.29
C SER A 70 -6.62 6.60 3.47
N LEU A 71 -6.61 6.45 2.16
CA LEU A 71 -5.55 7.08 1.35
C LEU A 71 -5.60 8.60 1.39
N LYS A 72 -4.41 9.19 1.50
CA LYS A 72 -4.22 10.61 1.33
C LYS A 72 -2.72 10.88 1.27
N GLU A 73 -2.33 12.05 0.81
CA GLU A 73 -0.91 12.41 0.72
C GLU A 73 -0.20 12.22 2.06
N MET A 74 -0.75 12.81 3.10
CA MET A 74 -0.16 12.72 4.42
C MET A 74 -1.23 12.43 5.47
N GLU A 75 -1.67 11.17 5.54
CA GLU A 75 -2.66 10.79 6.50
C GLU A 75 -2.04 10.12 7.75
N THR A 76 -2.52 8.95 8.18
CA THR A 76 -2.17 8.45 9.51
C THR A 76 -0.76 7.84 9.60
N PRO A 77 -0.16 7.89 10.82
CA PRO A 77 1.24 7.52 11.13
C PRO A 77 1.90 6.44 10.27
N LEU A 78 3.18 6.69 10.04
CA LEU A 78 4.07 5.88 9.21
C LEU A 78 4.35 4.51 9.84
N SER A 79 4.51 4.48 11.14
CA SER A 79 4.66 3.22 11.85
C SER A 79 3.46 2.31 11.59
N ALA A 80 2.29 2.93 11.51
CA ALA A 80 1.04 2.24 11.22
C ALA A 80 0.91 1.96 9.72
N LEU A 81 1.90 2.38 8.94
CA LEU A 81 1.80 2.40 7.49
C LEU A 81 1.89 1.00 6.85
N GLY A 82 1.66 -0.07 7.61
CA GLY A 82 1.69 -1.38 6.98
C GLY A 82 2.96 -2.16 7.22
N MET A 83 3.54 -2.11 8.44
CA MET A 83 4.74 -2.89 8.68
C MET A 83 4.44 -4.39 8.73
N GLN A 84 4.39 -4.93 7.53
CA GLN A 84 4.37 -6.35 7.17
C GLN A 84 4.77 -6.26 5.71
N ASN A 85 4.92 -7.35 4.95
CA ASN A 85 5.22 -7.10 3.54
C ASN A 85 4.08 -6.27 2.96
N GLY A 86 4.37 -5.01 2.69
CA GLY A 86 3.42 -4.07 2.09
C GLY A 86 2.08 -3.90 2.82
N CYS A 87 1.66 -4.93 3.56
CA CYS A 87 0.33 -4.99 4.18
C CYS A 87 -0.74 -5.11 3.10
N ARG A 88 -1.90 -4.55 3.37
CA ARG A 88 -2.99 -4.57 2.42
C ARG A 88 -3.56 -3.17 2.27
N VAL A 89 -4.02 -2.85 1.05
CA VAL A 89 -4.66 -1.56 0.73
C VAL A 89 -5.67 -1.74 -0.40
N MET A 90 -6.94 -1.62 -0.11
CA MET A 90 -7.91 -1.77 -1.17
C MET A 90 -8.81 -0.56 -1.33
N LEU A 91 -8.93 -0.14 -2.56
CA LEU A 91 -9.69 1.03 -2.89
C LEU A 91 -11.01 0.63 -3.53
N ILE A 92 -12.07 1.19 -3.03
CA ILE A 92 -13.35 0.97 -3.64
C ILE A 92 -13.82 2.25 -4.30
N GLY A 93 -13.85 2.21 -5.60
CA GLY A 93 -14.26 3.34 -6.37
C GLY A 93 -13.93 3.16 -7.83
N GLU A 94 -12.72 3.55 -8.20
CA GLU A 94 -12.28 3.38 -9.57
C GLU A 94 -10.78 3.14 -9.67
N LYS A 95 -10.42 2.00 -10.22
CA LYS A 95 -9.08 1.80 -10.73
C LYS A 95 -9.13 2.08 -12.22
N SER A 96 -9.37 3.35 -12.54
CA SER A 96 -9.61 3.81 -13.91
C SER A 96 -8.48 3.41 -14.86
N ASN A 97 -8.60 2.21 -15.42
CA ASN A 97 -7.58 1.66 -16.28
C ASN A 97 -8.23 0.99 -17.48
N MET A 1 -5.36 -14.67 2.86
CA MET A 1 -5.21 -13.84 4.07
C MET A 1 -3.76 -13.88 4.56
N ALA A 2 -3.12 -15.04 4.42
CA ALA A 2 -1.74 -15.24 4.87
C ALA A 2 -0.80 -14.22 4.25
N LYS A 3 -0.14 -13.43 5.10
CA LYS A 3 0.76 -12.40 4.64
C LYS A 3 1.71 -11.94 5.74
N THR A 4 1.17 -11.73 6.94
CA THR A 4 1.90 -11.15 8.06
C THR A 4 3.35 -11.63 8.17
N GLU A 5 3.54 -12.94 8.27
CA GLU A 5 4.88 -13.50 8.42
C GLU A 5 5.58 -13.66 7.07
N GLU A 6 5.87 -12.54 6.44
CA GLU A 6 6.62 -12.52 5.19
C GLU A 6 7.75 -11.51 5.27
N MET A 7 7.40 -10.27 4.90
CA MET A 7 8.38 -9.20 4.71
C MET A 7 9.48 -9.66 3.77
N VAL A 8 9.07 -10.12 2.58
CA VAL A 8 10.02 -10.56 1.57
C VAL A 8 9.27 -10.96 0.27
N GLN A 9 8.53 -10.01 -0.31
CA GLN A 9 7.85 -10.23 -1.57
C GLN A 9 8.46 -9.38 -2.70
N THR A 10 8.39 -8.06 -2.58
CA THR A 10 8.96 -7.15 -3.59
C THR A 10 9.98 -6.21 -2.95
N GLU A 11 11.25 -6.37 -3.27
CA GLU A 11 12.31 -5.61 -2.63
C GLU A 11 12.81 -4.45 -3.48
N GLU A 12 13.25 -3.40 -2.79
CA GLU A 12 13.68 -2.16 -3.38
C GLU A 12 14.75 -1.57 -2.46
N MET A 13 15.32 -0.43 -2.81
CA MET A 13 16.47 0.12 -2.09
C MET A 13 16.23 0.26 -0.58
N GLU A 14 15.04 0.70 -0.16
CA GLU A 14 14.77 0.75 1.28
C GLU A 14 13.80 -0.34 1.74
N THR A 15 13.04 -0.94 0.83
CA THR A 15 12.02 -1.90 1.24
C THR A 15 12.65 -3.21 1.68
N PRO A 16 12.03 -3.87 2.67
CA PRO A 16 12.50 -5.15 3.16
C PRO A 16 11.86 -6.24 2.35
N ARG A 17 11.75 -5.97 1.05
CA ARG A 17 11.02 -6.80 0.13
C ARG A 17 9.57 -6.88 0.56
N LEU A 18 8.88 -5.75 0.53
CA LEU A 18 7.50 -5.72 0.98
C LEU A 18 6.53 -5.42 -0.14
N SER A 19 5.59 -6.34 -0.35
CA SER A 19 4.59 -6.22 -1.38
C SER A 19 3.18 -6.29 -0.79
N VAL A 20 2.35 -5.35 -1.18
CA VAL A 20 1.03 -5.14 -0.63
C VAL A 20 -0.04 -5.67 -1.57
N ILE A 21 -1.18 -5.98 -0.99
CA ILE A 21 -2.33 -6.39 -1.76
C ILE A 21 -3.19 -5.17 -2.04
N VAL A 22 -3.28 -4.80 -3.30
CA VAL A 22 -4.13 -3.69 -3.71
C VAL A 22 -5.34 -4.25 -4.41
N THR A 23 -6.49 -4.03 -3.82
CA THR A 23 -7.69 -4.61 -4.32
C THR A 23 -8.79 -3.57 -4.51
N HIS A 24 -9.47 -3.70 -5.64
CA HIS A 24 -10.68 -2.94 -5.90
C HIS A 24 -11.75 -3.91 -6.34
N SER A 25 -12.73 -4.11 -5.48
CA SER A 25 -13.82 -5.07 -5.72
C SER A 25 -13.30 -6.52 -5.66
N ASN A 26 -12.14 -6.76 -6.28
CA ASN A 26 -11.58 -8.10 -6.44
C ASN A 26 -10.25 -7.98 -7.17
N GLU A 27 -10.17 -7.00 -8.09
CA GLU A 27 -8.94 -6.69 -8.82
C GLU A 27 -7.79 -6.56 -7.85
N ARG A 28 -6.67 -7.18 -8.18
CA ARG A 28 -5.56 -7.27 -7.26
C ARG A 28 -4.26 -7.03 -7.99
N TYR A 29 -3.50 -6.07 -7.50
CA TYR A 29 -2.15 -5.81 -7.99
C TYR A 29 -1.19 -5.82 -6.81
N ASP A 30 -0.04 -6.47 -6.99
CA ASP A 30 1.00 -6.42 -5.97
C ASP A 30 1.76 -5.11 -6.07
N LEU A 31 1.73 -4.36 -4.99
CA LEU A 31 2.32 -3.04 -4.93
C LEU A 31 3.40 -3.01 -3.86
N LEU A 32 4.38 -2.15 -4.00
CA LEU A 32 5.52 -2.18 -3.10
C LEU A 32 5.50 -1.00 -2.13
N VAL A 33 5.87 -1.27 -0.87
CA VAL A 33 5.86 -0.27 0.19
C VAL A 33 6.86 0.82 -0.13
N THR A 34 6.59 2.04 0.29
CA THR A 34 7.35 3.17 -0.21
C THR A 34 8.66 3.30 0.54
N PRO A 35 9.76 3.00 -0.19
CA PRO A 35 11.09 2.96 0.38
C PRO A 35 11.65 4.36 0.60
N GLN A 36 12.15 4.57 1.80
CA GLN A 36 12.72 5.85 2.28
C GLN A 36 12.59 5.90 3.79
N GLN A 37 11.44 5.42 4.26
CA GLN A 37 11.09 5.47 5.66
C GLN A 37 12.03 4.65 6.54
N GLY A 38 11.68 3.39 6.71
CA GLY A 38 12.44 2.50 7.55
C GLY A 38 12.14 1.07 7.19
N ASN A 39 11.84 0.88 5.90
CA ASN A 39 11.39 -0.39 5.29
C ASN A 39 10.13 -0.97 5.94
N SER A 40 10.10 -1.03 7.25
CA SER A 40 9.03 -1.66 7.98
C SER A 40 7.86 -0.71 8.15
N GLU A 41 8.16 0.57 8.22
CA GLU A 41 7.16 1.57 8.51
C GLU A 41 7.05 2.51 7.34
N PRO A 42 6.26 2.15 6.32
CA PRO A 42 6.14 2.93 5.08
C PRO A 42 5.66 4.36 5.33
N VAL A 43 5.84 5.23 4.33
CA VAL A 43 5.55 6.64 4.49
C VAL A 43 4.05 6.89 4.45
N VAL A 44 3.62 8.05 4.95
CA VAL A 44 2.21 8.44 4.92
C VAL A 44 1.63 8.35 3.51
N GLN A 45 2.50 8.58 2.55
CA GLN A 45 2.14 8.51 1.14
C GLN A 45 1.74 7.10 0.73
N ASP A 46 2.39 6.11 1.35
CA ASP A 46 2.39 4.73 0.88
C ASP A 46 1.00 4.14 0.75
N LEU A 47 0.15 4.44 1.71
CA LEU A 47 -1.20 3.90 1.72
C LEU A 47 -1.96 4.34 0.46
N ALA A 48 -1.84 5.61 0.11
CA ALA A 48 -2.41 6.14 -1.11
C ALA A 48 -1.67 5.61 -2.32
N GLN A 49 -0.36 5.51 -2.16
CA GLN A 49 0.55 5.15 -3.23
C GLN A 49 0.26 3.77 -3.76
N LEU A 50 0.12 2.84 -2.85
CA LEU A 50 -0.08 1.45 -3.20
C LEU A 50 -1.36 1.26 -4.01
N VAL A 51 -2.46 1.76 -3.48
CA VAL A 51 -3.76 1.70 -4.15
C VAL A 51 -3.71 2.46 -5.49
N GLU A 52 -2.95 3.56 -5.53
CA GLU A 52 -2.82 4.36 -6.74
C GLU A 52 -1.96 3.67 -7.79
N GLU A 53 -0.79 3.22 -7.36
CA GLU A 53 0.23 2.67 -8.25
C GLU A 53 -0.24 1.35 -8.85
N ALA A 54 -1.17 0.69 -8.19
CA ALA A 54 -1.66 -0.60 -8.65
C ALA A 54 -2.19 -0.53 -10.08
N THR A 55 -3.06 0.44 -10.37
CA THR A 55 -3.59 0.57 -11.72
C THR A 55 -3.15 1.90 -12.38
N GLY A 56 -2.55 2.78 -11.59
CA GLY A 56 -2.19 4.09 -12.10
C GLY A 56 -3.34 5.06 -11.99
N VAL A 57 -4.29 4.71 -11.14
CA VAL A 57 -5.50 5.49 -10.93
C VAL A 57 -5.24 6.63 -9.95
N PRO A 58 -5.77 7.83 -10.25
CA PRO A 58 -5.60 9.02 -9.40
C PRO A 58 -6.35 8.95 -8.07
N LEU A 59 -5.81 9.68 -7.09
CA LEU A 59 -6.33 9.77 -5.72
C LEU A 59 -7.84 10.03 -5.65
N PRO A 60 -8.42 10.94 -6.47
CA PRO A 60 -9.86 11.24 -6.39
C PRO A 60 -10.75 10.07 -6.80
N PHE A 61 -10.19 9.16 -7.59
CA PHE A 61 -10.95 8.03 -8.12
C PHE A 61 -10.90 6.82 -7.21
N GLN A 62 -9.91 6.77 -6.34
CA GLN A 62 -9.78 5.63 -5.44
C GLN A 62 -9.98 6.06 -4.00
N LYS A 63 -10.89 5.41 -3.33
CA LYS A 63 -10.99 5.56 -1.89
C LYS A 63 -10.25 4.41 -1.23
N LEU A 64 -8.97 4.61 -0.96
CA LEU A 64 -8.15 3.58 -0.37
C LEU A 64 -8.45 3.47 1.11
N ILE A 65 -8.91 2.30 1.48
CA ILE A 65 -9.13 1.92 2.85
C ILE A 65 -8.39 0.62 3.13
N PHE A 66 -7.34 0.71 3.91
CA PHE A 66 -6.67 -0.46 4.42
C PHE A 66 -5.71 -0.09 5.52
N LYS A 67 -5.47 -1.00 6.45
CA LYS A 67 -4.54 -0.82 7.58
C LYS A 67 -5.06 0.27 8.49
N GLY A 68 -6.38 0.39 8.54
CA GLY A 68 -7.03 1.45 9.28
C GLY A 68 -6.68 2.81 8.74
N LYS A 69 -6.09 2.79 7.55
CA LYS A 69 -5.60 3.99 6.93
C LYS A 69 -6.34 4.24 5.63
N SER A 70 -6.52 5.50 5.32
CA SER A 70 -7.17 5.88 4.10
C SER A 70 -6.21 6.73 3.29
N LEU A 71 -6.39 6.72 1.97
CA LEU A 71 -5.43 7.39 1.08
C LEU A 71 -5.47 8.91 1.16
N LYS A 72 -4.31 9.52 1.00
CA LYS A 72 -4.18 10.97 0.95
C LYS A 72 -2.73 11.33 0.64
N GLU A 73 -2.42 12.63 0.55
CA GLU A 73 -1.04 13.10 0.37
C GLU A 73 -0.16 12.52 1.47
N MET A 74 -0.53 12.84 2.70
CA MET A 74 0.17 12.37 3.89
C MET A 74 -0.85 12.15 5.00
N GLU A 75 -1.31 10.92 5.12
CA GLU A 75 -2.45 10.63 5.97
C GLU A 75 -2.06 10.18 7.38
N THR A 76 -2.05 8.88 7.62
CA THR A 76 -1.98 8.35 8.97
C THR A 76 -0.60 7.77 9.35
N PRO A 77 -0.27 7.80 10.67
CA PRO A 77 0.97 7.31 11.26
C PRO A 77 1.73 6.23 10.47
N LEU A 78 2.99 6.55 10.17
CA LEU A 78 3.85 5.75 9.30
C LEU A 78 4.22 4.37 9.86
N SER A 79 4.39 4.23 11.15
CA SER A 79 4.69 2.93 11.74
C SER A 79 3.55 1.96 11.44
N ALA A 80 2.34 2.48 11.51
CA ALA A 80 1.12 1.73 11.23
C ALA A 80 0.90 1.57 9.72
N LEU A 81 1.81 2.11 8.92
CA LEU A 81 1.64 2.22 7.46
C LEU A 81 1.76 0.86 6.75
N GLY A 82 1.57 -0.26 7.44
CA GLY A 82 1.71 -1.53 6.75
C GLY A 82 2.98 -2.29 7.03
N MET A 83 3.48 -2.30 8.28
CA MET A 83 4.67 -3.10 8.59
C MET A 83 4.35 -4.60 8.49
N GLN A 84 4.42 -5.07 7.26
CA GLN A 84 4.43 -6.47 6.89
C GLN A 84 4.79 -6.42 5.44
N ASN A 85 5.01 -7.53 4.72
CA ASN A 85 5.21 -7.35 3.29
C ASN A 85 4.04 -6.56 2.74
N GLY A 86 4.31 -5.31 2.41
CA GLY A 86 3.34 -4.39 1.84
C GLY A 86 2.05 -4.16 2.63
N CYS A 87 1.62 -5.15 3.40
CA CYS A 87 0.33 -5.13 4.08
C CYS A 87 -0.81 -5.20 3.07
N ARG A 88 -1.90 -4.49 3.33
CA ARG A 88 -3.04 -4.49 2.44
C ARG A 88 -3.50 -3.05 2.19
N VAL A 89 -4.05 -2.79 1.00
CA VAL A 89 -4.65 -1.50 0.65
C VAL A 89 -5.75 -1.70 -0.39
N MET A 90 -6.99 -1.47 -0.02
CA MET A 90 -8.04 -1.59 -1.00
C MET A 90 -8.84 -0.33 -1.17
N LEU A 91 -9.00 0.04 -2.41
CA LEU A 91 -9.69 1.25 -2.76
C LEU A 91 -11.04 0.93 -3.35
N ILE A 92 -12.06 1.59 -2.87
CA ILE A 92 -13.35 1.41 -3.44
C ILE A 92 -13.80 2.67 -4.13
N GLY A 93 -13.89 2.55 -5.43
CA GLY A 93 -14.32 3.64 -6.28
C GLY A 93 -14.11 3.25 -7.72
N GLU A 94 -12.95 3.56 -8.25
CA GLU A 94 -12.57 3.16 -9.59
C GLU A 94 -11.07 2.93 -9.67
N LYS A 95 -10.65 1.86 -10.34
CA LYS A 95 -9.25 1.66 -10.68
C LYS A 95 -9.02 2.17 -12.10
N SER A 96 -9.25 3.46 -12.27
CA SER A 96 -9.23 4.09 -13.60
C SER A 96 -7.85 4.06 -14.23
N ASN A 97 -7.85 3.89 -15.55
CA ASN A 97 -6.62 3.96 -16.34
C ASN A 97 -6.63 5.25 -17.14
N MET A 1 0.40 -19.83 5.31
CA MET A 1 0.68 -18.79 4.29
C MET A 1 0.19 -17.44 4.79
N ALA A 2 1.06 -16.71 5.46
CA ALA A 2 0.68 -15.47 6.12
C ALA A 2 1.34 -14.25 5.49
N LYS A 3 0.67 -13.11 5.64
CA LYS A 3 1.22 -11.83 5.21
C LYS A 3 2.04 -11.21 6.34
N THR A 4 1.51 -11.30 7.55
CA THR A 4 2.17 -10.78 8.74
C THR A 4 3.60 -11.32 8.85
N GLU A 5 3.72 -12.64 8.90
CA GLU A 5 5.02 -13.28 8.97
C GLU A 5 5.61 -13.45 7.57
N GLU A 6 6.33 -12.43 7.13
CA GLU A 6 6.92 -12.41 5.79
C GLU A 6 7.98 -11.33 5.69
N MET A 7 7.53 -10.16 5.23
CA MET A 7 8.39 -9.03 4.95
C MET A 7 9.54 -9.42 4.02
N VAL A 8 9.20 -10.20 2.98
CA VAL A 8 10.14 -10.51 1.90
C VAL A 8 9.39 -10.95 0.64
N GLN A 9 8.63 -10.03 0.02
CA GLN A 9 7.94 -10.33 -1.21
C GLN A 9 8.49 -9.53 -2.41
N THR A 10 8.34 -8.21 -2.42
CA THR A 10 8.88 -7.39 -3.50
C THR A 10 9.96 -6.43 -2.99
N GLU A 11 11.19 -6.69 -3.37
CA GLU A 11 12.35 -5.91 -2.90
C GLU A 11 12.52 -4.63 -3.71
N GLU A 12 13.13 -3.63 -3.09
CA GLU A 12 13.40 -2.33 -3.71
C GLU A 12 14.51 -1.63 -2.92
N MET A 13 14.91 -0.43 -3.33
CA MET A 13 16.09 0.25 -2.78
C MET A 13 16.06 0.38 -1.25
N GLU A 14 14.91 0.75 -0.67
CA GLU A 14 14.81 0.80 0.79
C GLU A 14 13.94 -0.32 1.31
N THR A 15 13.04 -0.82 0.46
CA THR A 15 12.02 -1.75 0.90
C THR A 15 12.64 -3.07 1.31
N PRO A 16 12.11 -3.71 2.35
CA PRO A 16 12.68 -4.92 2.87
C PRO A 16 12.05 -6.11 2.19
N ARG A 17 11.89 -5.93 0.88
CA ARG A 17 11.14 -6.84 0.06
C ARG A 17 9.70 -6.88 0.56
N LEU A 18 8.95 -5.81 0.32
CA LEU A 18 7.59 -5.72 0.83
C LEU A 18 6.56 -5.53 -0.27
N SER A 19 5.67 -6.50 -0.38
CA SER A 19 4.62 -6.49 -1.38
C SER A 19 3.25 -6.48 -0.73
N VAL A 20 2.47 -5.50 -1.08
CA VAL A 20 1.15 -5.30 -0.53
C VAL A 20 0.10 -5.73 -1.54
N ILE A 21 -1.04 -6.14 -1.04
CA ILE A 21 -2.13 -6.54 -1.91
C ILE A 21 -3.11 -5.39 -2.09
N VAL A 22 -3.22 -4.90 -3.32
CA VAL A 22 -4.11 -3.80 -3.64
C VAL A 22 -5.28 -4.28 -4.47
N THR A 23 -6.48 -4.12 -3.97
CA THR A 23 -7.64 -4.61 -4.71
C THR A 23 -8.74 -3.54 -4.83
N HIS A 24 -9.56 -3.74 -5.85
CA HIS A 24 -10.74 -2.93 -6.11
C HIS A 24 -11.80 -3.87 -6.68
N SER A 25 -12.83 -4.17 -5.90
CA SER A 25 -13.87 -5.15 -6.27
C SER A 25 -13.28 -6.58 -6.33
N ASN A 26 -12.08 -6.70 -6.88
CA ASN A 26 -11.40 -7.98 -7.09
C ASN A 26 -10.08 -7.71 -7.81
N GLU A 27 -10.15 -6.73 -8.71
CA GLU A 27 -8.99 -6.22 -9.43
C GLU A 27 -7.81 -5.98 -8.50
N ARG A 28 -6.81 -6.82 -8.61
CA ARG A 28 -5.71 -6.84 -7.67
C ARG A 28 -4.36 -6.72 -8.36
N TYR A 29 -3.56 -5.79 -7.89
CA TYR A 29 -2.17 -5.70 -8.28
C TYR A 29 -1.33 -5.72 -7.01
N ASP A 30 -0.29 -6.54 -6.97
CA ASP A 30 0.56 -6.54 -5.80
C ASP A 30 1.52 -5.35 -5.88
N LEU A 31 1.42 -4.51 -4.88
CA LEU A 31 2.06 -3.21 -4.87
C LEU A 31 3.23 -3.25 -3.90
N LEU A 32 4.20 -2.38 -4.05
CA LEU A 32 5.35 -2.44 -3.18
C LEU A 32 5.39 -1.24 -2.25
N VAL A 33 5.69 -1.50 -0.99
CA VAL A 33 5.66 -0.48 0.06
C VAL A 33 6.75 0.55 -0.20
N THR A 34 6.49 1.79 0.18
CA THR A 34 7.21 2.92 -0.34
C THR A 34 8.53 3.11 0.38
N PRO A 35 9.63 3.00 -0.40
CA PRO A 35 10.99 3.13 0.10
C PRO A 35 11.32 4.51 0.65
N GLN A 36 12.37 4.57 1.45
CA GLN A 36 12.79 5.77 2.18
C GLN A 36 11.90 6.01 3.38
N GLN A 37 12.14 5.23 4.44
CA GLN A 37 11.39 5.31 5.69
C GLN A 37 12.07 4.50 6.78
N GLY A 38 12.56 3.34 6.41
CA GLY A 38 13.03 2.36 7.37
C GLY A 38 12.57 0.99 6.95
N ASN A 39 11.72 1.01 5.90
CA ASN A 39 11.23 -0.17 5.17
C ASN A 39 10.24 -0.99 5.97
N SER A 40 10.28 -0.87 7.27
CA SER A 40 9.35 -1.57 8.10
C SER A 40 8.18 -0.68 8.45
N GLU A 41 8.31 0.61 8.22
CA GLU A 41 7.26 1.56 8.54
C GLU A 41 7.13 2.52 7.39
N PRO A 42 6.27 2.20 6.41
CA PRO A 42 6.12 2.98 5.17
C PRO A 42 5.70 4.42 5.42
N VAL A 43 5.86 5.25 4.40
CA VAL A 43 5.60 6.68 4.54
C VAL A 43 4.10 6.97 4.56
N VAL A 44 3.74 8.13 5.09
CA VAL A 44 2.33 8.55 5.15
C VAL A 44 1.66 8.48 3.78
N GLN A 45 2.47 8.68 2.75
CA GLN A 45 2.02 8.62 1.36
C GLN A 45 1.64 7.20 0.93
N ASP A 46 2.33 6.23 1.52
CA ASP A 46 2.36 4.85 1.01
C ASP A 46 0.98 4.23 0.86
N LEU A 47 0.10 4.46 1.83
CA LEU A 47 -1.20 3.84 1.83
C LEU A 47 -1.99 4.22 0.56
N ALA A 48 -1.94 5.50 0.23
CA ALA A 48 -2.56 6.00 -0.97
C ALA A 48 -1.80 5.51 -2.17
N GLN A 49 -0.49 5.49 -2.03
CA GLN A 49 0.43 5.19 -3.10
C GLN A 49 0.18 3.83 -3.67
N LEU A 50 0.05 2.87 -2.78
CA LEU A 50 -0.13 1.49 -3.17
C LEU A 50 -1.40 1.32 -4.00
N VAL A 51 -2.49 1.82 -3.45
CA VAL A 51 -3.78 1.78 -4.12
C VAL A 51 -3.73 2.57 -5.43
N GLU A 52 -2.96 3.67 -5.46
CA GLU A 52 -2.80 4.46 -6.67
C GLU A 52 -2.05 3.67 -7.73
N GLU A 53 -0.91 3.13 -7.32
CA GLU A 53 0.09 2.61 -8.25
C GLU A 53 -0.36 1.31 -8.89
N ALA A 54 -1.29 0.61 -8.24
CA ALA A 54 -1.76 -0.67 -8.75
C ALA A 54 -2.26 -0.55 -10.19
N THR A 55 -3.10 0.45 -10.47
CA THR A 55 -3.51 0.71 -11.83
C THR A 55 -3.03 2.07 -12.36
N GLY A 56 -2.27 2.80 -11.53
CA GLY A 56 -1.78 4.10 -11.94
C GLY A 56 -2.85 5.17 -11.79
N VAL A 57 -3.85 4.88 -10.98
CA VAL A 57 -5.02 5.74 -10.82
C VAL A 57 -4.77 6.84 -9.78
N PRO A 58 -5.23 8.07 -10.08
CA PRO A 58 -5.07 9.24 -9.21
C PRO A 58 -5.86 9.15 -7.91
N LEU A 59 -5.40 9.85 -6.89
CA LEU A 59 -5.99 9.79 -5.55
C LEU A 59 -7.53 9.91 -5.54
N PRO A 60 -8.14 10.89 -6.28
CA PRO A 60 -9.58 11.16 -6.15
C PRO A 60 -10.46 10.02 -6.68
N PHE A 61 -9.92 9.22 -7.58
CA PHE A 61 -10.68 8.17 -8.23
C PHE A 61 -10.78 6.92 -7.35
N GLN A 62 -9.88 6.81 -6.39
CA GLN A 62 -9.91 5.67 -5.50
C GLN A 62 -10.19 6.10 -4.08
N LYS A 63 -10.97 5.30 -3.39
CA LYS A 63 -11.11 5.47 -1.97
C LYS A 63 -10.40 4.32 -1.28
N LEU A 64 -9.12 4.53 -0.98
CA LEU A 64 -8.29 3.49 -0.41
C LEU A 64 -8.62 3.34 1.06
N ILE A 65 -9.07 2.14 1.39
CA ILE A 65 -9.31 1.73 2.74
C ILE A 65 -8.56 0.44 3.02
N PHE A 66 -7.53 0.52 3.83
CA PHE A 66 -6.86 -0.65 4.34
C PHE A 66 -5.93 -0.26 5.46
N LYS A 67 -5.71 -1.18 6.40
CA LYS A 67 -4.77 -0.99 7.51
C LYS A 67 -5.25 0.12 8.44
N GLY A 68 -6.57 0.24 8.54
CA GLY A 68 -7.16 1.29 9.33
C GLY A 68 -6.83 2.65 8.77
N LYS A 69 -6.31 2.64 7.57
CA LYS A 69 -5.88 3.85 6.91
C LYS A 69 -6.69 4.10 5.66
N SER A 70 -6.94 5.35 5.40
CA SER A 70 -7.61 5.75 4.17
C SER A 70 -6.69 6.71 3.41
N LEU A 71 -6.73 6.63 2.09
CA LEU A 71 -5.75 7.34 1.25
C LEU A 71 -5.91 8.85 1.29
N LYS A 72 -4.77 9.53 1.21
CA LYS A 72 -4.70 10.98 1.07
C LYS A 72 -3.32 11.37 0.57
N GLU A 73 -3.05 12.66 0.48
CA GLU A 73 -1.72 13.14 0.09
C GLU A 73 -0.67 12.54 1.04
N MET A 74 -0.97 12.69 2.33
CA MET A 74 -0.14 12.15 3.39
C MET A 74 -1.01 11.98 4.63
N GLU A 75 -1.41 10.76 4.90
CA GLU A 75 -2.46 10.51 5.88
C GLU A 75 -1.91 10.18 7.28
N THR A 76 -2.01 8.91 7.69
CA THR A 76 -1.83 8.56 9.10
C THR A 76 -0.47 7.91 9.39
N PRO A 77 0.00 8.04 10.65
CA PRO A 77 1.28 7.53 11.16
C PRO A 77 1.95 6.39 10.38
N LEU A 78 3.23 6.61 10.10
CA LEU A 78 4.07 5.74 9.27
C LEU A 78 4.36 4.37 9.88
N SER A 79 4.56 4.33 11.19
CA SER A 79 4.76 3.05 11.87
C SER A 79 3.58 2.11 11.61
N ALA A 80 2.39 2.69 11.61
CA ALA A 80 1.16 1.96 11.34
C ALA A 80 0.96 1.73 9.85
N LEU A 81 1.89 2.23 9.02
CA LEU A 81 1.72 2.29 7.57
C LEU A 81 1.77 0.92 6.88
N GLY A 82 1.57 -0.18 7.61
CA GLY A 82 1.67 -1.46 6.95
C GLY A 82 2.95 -2.22 7.25
N MET A 83 3.45 -2.18 8.49
CA MET A 83 4.63 -2.99 8.82
C MET A 83 4.32 -4.48 8.73
N GLN A 84 4.40 -4.96 7.51
CA GLN A 84 4.38 -6.35 7.12
C GLN A 84 4.78 -6.28 5.66
N ASN A 85 4.93 -7.38 4.91
CA ASN A 85 5.27 -7.15 3.51
C ASN A 85 4.13 -6.35 2.89
N GLY A 86 4.41 -5.08 2.64
CA GLY A 86 3.45 -4.15 2.05
C GLY A 86 2.11 -3.97 2.78
N CYS A 87 1.67 -5.00 3.51
CA CYS A 87 0.35 -5.02 4.13
C CYS A 87 -0.74 -5.09 3.06
N ARG A 88 -1.87 -4.47 3.32
CA ARG A 88 -3.00 -4.48 2.39
C ARG A 88 -3.51 -3.06 2.20
N VAL A 89 -4.02 -2.78 1.00
CA VAL A 89 -4.67 -1.51 0.68
C VAL A 89 -5.70 -1.73 -0.42
N MET A 90 -6.97 -1.54 -0.11
CA MET A 90 -7.96 -1.66 -1.16
C MET A 90 -8.77 -0.40 -1.32
N LEU A 91 -8.90 0.00 -2.55
CA LEU A 91 -9.63 1.19 -2.87
C LEU A 91 -10.97 0.83 -3.45
N ILE A 92 -12.01 1.46 -2.94
CA ILE A 92 -13.30 1.25 -3.49
C ILE A 92 -13.76 2.51 -4.20
N GLY A 93 -13.87 2.38 -5.50
CA GLY A 93 -14.32 3.47 -6.34
C GLY A 93 -14.02 3.17 -7.78
N GLU A 94 -12.85 3.58 -8.23
CA GLU A 94 -12.42 3.27 -9.58
C GLU A 94 -10.91 3.13 -9.65
N LYS A 95 -10.45 2.02 -10.21
CA LYS A 95 -9.04 1.85 -10.50
C LYS A 95 -8.79 2.27 -11.94
N SER A 96 -8.85 3.58 -12.18
CA SER A 96 -8.69 4.13 -13.52
C SER A 96 -7.34 3.78 -14.11
N ASN A 97 -7.37 3.00 -15.18
CA ASN A 97 -6.16 2.60 -15.88
C ASN A 97 -6.40 2.71 -17.38
N MET A 1 -4.13 -14.23 10.38
CA MET A 1 -4.76 -13.66 9.17
C MET A 1 -3.83 -13.74 7.97
N ALA A 2 -3.15 -14.89 7.84
CA ALA A 2 -2.21 -15.15 6.74
C ALA A 2 -1.04 -14.15 6.73
N LYS A 3 -1.27 -13.00 6.15
CA LYS A 3 -0.24 -11.97 6.03
C LYS A 3 -0.04 -11.23 7.34
N THR A 4 1.20 -11.27 7.82
CA THR A 4 1.60 -10.55 9.03
C THR A 4 3.12 -10.57 9.17
N GLU A 5 3.67 -11.77 9.20
CA GLU A 5 5.06 -11.96 9.58
C GLU A 5 5.95 -12.20 8.37
N GLU A 6 5.47 -11.82 7.18
CA GLU A 6 6.27 -11.95 5.97
C GLU A 6 7.44 -10.98 5.95
N MET A 7 7.14 -9.76 5.50
CA MET A 7 8.15 -8.77 5.18
C MET A 7 9.18 -9.32 4.19
N VAL A 8 8.68 -9.88 3.09
CA VAL A 8 9.54 -10.40 2.03
C VAL A 8 8.73 -10.87 0.81
N GLN A 9 8.29 -9.93 -0.03
CA GLN A 9 7.70 -10.27 -1.31
C GLN A 9 8.33 -9.45 -2.45
N THR A 10 8.09 -8.15 -2.49
CA THR A 10 8.64 -7.30 -3.55
C THR A 10 9.77 -6.41 -3.02
N GLU A 11 11.00 -6.76 -3.39
CA GLU A 11 12.18 -6.01 -2.96
C GLU A 11 12.43 -4.78 -3.84
N GLU A 12 13.11 -3.79 -3.26
CA GLU A 12 13.44 -2.53 -3.91
C GLU A 12 14.61 -1.89 -3.16
N MET A 13 15.05 -0.71 -3.57
CA MET A 13 16.26 -0.10 -2.99
C MET A 13 16.18 0.08 -1.48
N GLU A 14 15.05 0.54 -0.93
CA GLU A 14 14.94 0.64 0.52
C GLU A 14 14.02 -0.42 1.09
N THR A 15 13.12 -0.97 0.29
CA THR A 15 12.06 -1.82 0.82
C THR A 15 12.64 -3.13 1.33
N PRO A 16 12.06 -3.68 2.41
CA PRO A 16 12.53 -4.91 2.99
C PRO A 16 11.89 -6.07 2.28
N ARG A 17 11.74 -5.87 0.97
CA ARG A 17 10.98 -6.74 0.12
C ARG A 17 9.54 -6.78 0.59
N LEU A 18 8.84 -5.68 0.46
CA LEU A 18 7.48 -5.59 0.95
C LEU A 18 6.46 -5.38 -0.17
N SER A 19 5.51 -6.31 -0.25
CA SER A 19 4.48 -6.27 -1.26
C SER A 19 3.09 -6.27 -0.63
N VAL A 20 2.29 -5.33 -1.05
CA VAL A 20 0.97 -5.10 -0.50
C VAL A 20 -0.09 -5.61 -1.46
N ILE A 21 -1.24 -5.94 -0.91
CA ILE A 21 -2.37 -6.38 -1.68
C ILE A 21 -3.25 -5.18 -1.98
N VAL A 22 -3.29 -4.81 -3.25
CA VAL A 22 -4.12 -3.71 -3.69
C VAL A 22 -5.28 -4.26 -4.47
N THR A 23 -6.47 -4.06 -3.95
CA THR A 23 -7.64 -4.67 -4.51
C THR A 23 -8.75 -3.65 -4.76
N HIS A 24 -9.48 -3.85 -5.85
CA HIS A 24 -10.66 -3.08 -6.18
C HIS A 24 -11.71 -4.03 -6.72
N SER A 25 -12.75 -4.28 -5.93
CA SER A 25 -13.81 -5.25 -6.27
C SER A 25 -13.27 -6.70 -6.21
N ASN A 26 -12.07 -6.88 -6.72
CA ASN A 26 -11.40 -8.19 -6.79
C ASN A 26 -10.06 -7.99 -7.50
N GLU A 27 -10.07 -7.06 -8.45
CA GLU A 27 -8.90 -6.63 -9.21
C GLU A 27 -7.70 -6.39 -8.28
N ARG A 28 -6.70 -7.24 -8.41
CA ARG A 28 -5.63 -7.33 -7.43
C ARG A 28 -4.28 -7.06 -8.08
N TYR A 29 -3.53 -6.12 -7.51
CA TYR A 29 -2.19 -5.78 -7.97
C TYR A 29 -1.20 -5.88 -6.83
N ASP A 30 -0.01 -6.43 -7.10
CA ASP A 30 1.06 -6.41 -6.12
C ASP A 30 1.66 -5.01 -6.14
N LEU A 31 1.62 -4.34 -5.01
CA LEU A 31 2.19 -3.02 -4.89
C LEU A 31 3.27 -3.06 -3.84
N LEU A 32 4.24 -2.18 -3.92
CA LEU A 32 5.36 -2.29 -3.03
C LEU A 32 5.40 -1.10 -2.07
N VAL A 33 5.71 -1.40 -0.81
CA VAL A 33 5.71 -0.39 0.24
C VAL A 33 6.78 0.65 -0.06
N THR A 34 6.53 1.89 0.34
CA THR A 34 7.26 3.01 -0.21
C THR A 34 8.61 3.17 0.47
N PRO A 35 9.67 3.11 -0.35
CA PRO A 35 11.06 3.15 0.09
C PRO A 35 11.46 4.50 0.66
N GLN A 36 12.57 4.49 1.41
CA GLN A 36 13.09 5.65 2.12
C GLN A 36 12.22 6.02 3.33
N GLN A 37 12.09 5.07 4.25
CA GLN A 37 11.46 5.31 5.53
C GLN A 37 12.27 4.61 6.60
N GLY A 38 11.87 3.37 6.83
CA GLY A 38 12.61 2.45 7.64
C GLY A 38 12.41 1.09 7.06
N ASN A 39 12.05 1.12 5.76
CA ASN A 39 11.59 -0.01 4.94
C ASN A 39 10.41 -0.77 5.54
N SER A 40 10.47 -1.04 6.82
CA SER A 40 9.48 -1.83 7.51
C SER A 40 8.33 -0.95 7.95
N GLU A 41 8.56 0.34 7.89
CA GLU A 41 7.66 1.32 8.45
C GLU A 41 7.44 2.37 7.38
N PRO A 42 6.49 2.13 6.46
CA PRO A 42 6.30 2.95 5.27
C PRO A 42 5.93 4.39 5.57
N VAL A 43 6.08 5.25 4.57
CA VAL A 43 5.77 6.67 4.72
C VAL A 43 4.27 6.90 4.67
N VAL A 44 3.81 8.04 5.17
CA VAL A 44 2.38 8.37 5.16
C VAL A 44 1.81 8.25 3.75
N GLN A 45 2.66 8.53 2.77
CA GLN A 45 2.29 8.47 1.36
C GLN A 45 1.88 7.07 0.94
N ASP A 46 2.50 6.07 1.56
CA ASP A 46 2.47 4.69 1.08
C ASP A 46 1.06 4.14 0.94
N LEU A 47 0.21 4.39 1.93
CA LEU A 47 -1.12 3.82 1.94
C LEU A 47 -1.92 4.27 0.71
N ALA A 48 -1.84 5.56 0.42
CA ALA A 48 -2.48 6.11 -0.77
C ALA A 48 -1.75 5.66 -2.02
N GLN A 49 -0.43 5.57 -1.88
CA GLN A 49 0.47 5.26 -2.97
C GLN A 49 0.18 3.91 -3.55
N LEU A 50 0.06 2.94 -2.68
CA LEU A 50 -0.10 1.56 -3.09
C LEU A 50 -1.36 1.38 -3.95
N VAL A 51 -2.48 1.84 -3.43
CA VAL A 51 -3.75 1.75 -4.13
C VAL A 51 -3.71 2.56 -5.43
N GLU A 52 -3.00 3.68 -5.41
CA GLU A 52 -2.84 4.56 -6.56
C GLU A 52 -1.93 3.94 -7.61
N GLU A 53 -0.80 3.40 -7.17
CA GLU A 53 0.23 2.89 -8.08
C GLU A 53 -0.24 1.64 -8.81
N ALA A 54 -1.19 0.93 -8.21
CA ALA A 54 -1.64 -0.33 -8.77
C ALA A 54 -2.12 -0.18 -10.21
N THR A 55 -2.97 0.79 -10.46
CA THR A 55 -3.44 1.03 -11.81
C THR A 55 -3.02 2.40 -12.35
N GLY A 56 -2.47 3.24 -11.49
CA GLY A 56 -2.05 4.57 -11.91
C GLY A 56 -3.17 5.59 -11.76
N VAL A 57 -4.15 5.27 -10.94
CA VAL A 57 -5.33 6.11 -10.77
C VAL A 57 -5.07 7.20 -9.73
N PRO A 58 -5.67 8.39 -9.95
CA PRO A 58 -5.59 9.52 -9.01
C PRO A 58 -6.41 9.33 -7.74
N LEU A 59 -6.05 10.06 -6.69
CA LEU A 59 -6.74 9.99 -5.40
C LEU A 59 -8.29 10.02 -5.52
N PRO A 60 -8.89 10.91 -6.36
CA PRO A 60 -10.35 11.03 -6.43
C PRO A 60 -11.01 9.80 -7.05
N PHE A 61 -10.24 8.99 -7.76
CA PHE A 61 -10.78 7.84 -8.45
C PHE A 61 -10.73 6.59 -7.58
N GLN A 62 -9.88 6.59 -6.57
CA GLN A 62 -9.82 5.44 -5.68
C GLN A 62 -10.07 5.86 -4.25
N LYS A 63 -10.91 5.11 -3.55
CA LYS A 63 -11.05 5.30 -2.13
C LYS A 63 -10.30 4.20 -1.41
N LEU A 64 -9.05 4.47 -1.08
CA LEU A 64 -8.20 3.46 -0.46
C LEU A 64 -8.56 3.33 0.99
N ILE A 65 -9.00 2.12 1.32
CA ILE A 65 -9.28 1.73 2.69
C ILE A 65 -8.53 0.43 2.99
N PHE A 66 -7.51 0.53 3.80
CA PHE A 66 -6.85 -0.64 4.34
C PHE A 66 -5.93 -0.24 5.47
N LYS A 67 -5.73 -1.14 6.42
CA LYS A 67 -4.83 -0.91 7.56
C LYS A 67 -5.35 0.21 8.44
N GLY A 68 -6.67 0.34 8.51
CA GLY A 68 -7.29 1.44 9.23
C GLY A 68 -6.89 2.76 8.65
N LYS A 69 -6.34 2.69 7.45
CA LYS A 69 -5.83 3.85 6.77
C LYS A 69 -6.56 4.08 5.48
N SER A 70 -6.86 5.33 5.22
CA SER A 70 -7.52 5.71 4.01
C SER A 70 -6.61 6.66 3.24
N LEU A 71 -6.68 6.63 1.93
CA LEU A 71 -5.74 7.40 1.12
C LEU A 71 -5.92 8.90 1.28
N LYS A 72 -4.81 9.62 1.29
CA LYS A 72 -4.84 11.06 1.33
C LYS A 72 -3.45 11.61 1.03
N GLU A 73 -2.70 10.88 0.19
CA GLU A 73 -1.28 11.11 0.02
C GLU A 73 -0.56 10.88 1.34
N MET A 74 -0.38 11.95 2.12
CA MET A 74 0.21 11.85 3.44
C MET A 74 -0.88 11.82 4.50
N GLU A 75 -1.25 10.62 4.92
CA GLU A 75 -2.40 10.43 5.79
C GLU A 75 -1.99 10.10 7.24
N THR A 76 -2.05 8.82 7.58
CA THR A 76 -1.91 8.39 8.98
C THR A 76 -0.52 7.80 9.31
N PRO A 77 -0.11 7.90 10.61
CA PRO A 77 1.19 7.46 11.15
C PRO A 77 1.92 6.34 10.39
N LEU A 78 3.21 6.59 10.18
CA LEU A 78 4.11 5.74 9.40
C LEU A 78 4.36 4.36 10.02
N SER A 79 4.51 4.31 11.32
CA SER A 79 4.70 3.03 12.00
C SER A 79 3.52 2.12 11.72
N ALA A 80 2.34 2.70 11.70
CA ALA A 80 1.12 2.01 11.41
C ALA A 80 0.93 1.79 9.91
N LEU A 81 1.90 2.24 9.11
CA LEU A 81 1.77 2.32 7.66
C LEU A 81 1.81 0.95 6.97
N GLY A 82 1.56 -0.13 7.69
CA GLY A 82 1.60 -1.42 7.02
C GLY A 82 2.87 -2.21 7.26
N MET A 83 3.43 -2.16 8.48
CA MET A 83 4.66 -2.92 8.73
C MET A 83 4.37 -4.43 8.72
N GLN A 84 4.38 -4.93 7.52
CA GLN A 84 4.37 -6.33 7.14
C GLN A 84 4.77 -6.26 5.69
N ASN A 85 4.99 -7.34 4.95
CA ASN A 85 5.25 -7.12 3.53
C ASN A 85 4.06 -6.37 2.95
N GLY A 86 4.29 -5.10 2.68
CA GLY A 86 3.33 -4.19 2.07
C GLY A 86 1.97 -4.07 2.76
N CYS A 87 1.57 -5.09 3.52
CA CYS A 87 0.24 -5.25 4.10
C CYS A 87 -0.86 -5.26 3.05
N ARG A 88 -1.97 -4.57 3.32
CA ARG A 88 -3.08 -4.50 2.38
C ARG A 88 -3.51 -3.06 2.17
N VAL A 89 -4.03 -2.77 0.98
CA VAL A 89 -4.67 -1.49 0.65
C VAL A 89 -5.69 -1.72 -0.45
N MET A 90 -6.97 -1.59 -0.14
CA MET A 90 -7.95 -1.74 -1.19
C MET A 90 -8.82 -0.52 -1.35
N LEU A 91 -8.94 -0.10 -2.58
CA LEU A 91 -9.66 1.08 -2.91
C LEU A 91 -11.00 0.72 -3.51
N ILE A 92 -12.04 1.31 -2.99
CA ILE A 92 -13.34 1.09 -3.55
C ILE A 92 -13.75 2.29 -4.36
N GLY A 93 -13.83 2.08 -5.64
CA GLY A 93 -14.25 3.11 -6.55
C GLY A 93 -13.84 2.79 -7.95
N GLU A 94 -12.63 3.19 -8.30
CA GLU A 94 -12.18 3.02 -9.67
C GLU A 94 -10.67 2.81 -9.74
N LYS A 95 -10.29 1.64 -10.23
CA LYS A 95 -8.90 1.40 -10.61
C LYS A 95 -8.76 1.68 -12.10
N SER A 96 -9.11 2.89 -12.48
CA SER A 96 -9.15 3.26 -13.89
C SER A 96 -7.75 3.49 -14.43
N ASN A 97 -7.21 2.48 -15.09
CA ASN A 97 -5.91 2.62 -15.76
C ASN A 97 -6.06 3.51 -16.98
N MET A 1 -4.50 -17.59 4.57
CA MET A 1 -4.14 -16.36 3.83
C MET A 1 -3.82 -15.24 4.80
N ALA A 2 -2.78 -15.43 5.59
CA ALA A 2 -2.40 -14.48 6.61
C ALA A 2 -1.33 -13.51 6.10
N LYS A 3 -0.94 -12.59 6.97
CA LYS A 3 0.14 -11.66 6.68
C LYS A 3 0.67 -11.10 7.99
N THR A 4 1.45 -10.03 7.90
CA THR A 4 1.96 -9.32 9.07
C THR A 4 3.11 -10.11 9.72
N GLU A 5 3.70 -11.02 8.97
CA GLU A 5 4.81 -11.83 9.47
C GLU A 5 5.90 -11.97 8.41
N GLU A 6 5.50 -11.79 7.16
CA GLU A 6 6.38 -11.93 6.01
C GLU A 6 7.53 -10.93 6.01
N MET A 7 7.22 -9.72 5.54
CA MET A 7 8.21 -8.72 5.21
C MET A 7 9.24 -9.28 4.22
N VAL A 8 8.73 -9.88 3.14
CA VAL A 8 9.57 -10.39 2.07
C VAL A 8 8.72 -10.95 0.91
N GLN A 9 8.20 -10.04 0.08
CA GLN A 9 7.62 -10.44 -1.20
C GLN A 9 8.23 -9.65 -2.37
N THR A 10 8.15 -8.33 -2.33
CA THR A 10 8.69 -7.50 -3.42
C THR A 10 9.69 -6.48 -2.90
N GLU A 11 10.95 -6.61 -3.27
CA GLU A 11 11.98 -5.72 -2.75
C GLU A 11 12.55 -4.74 -3.79
N GLU A 12 12.72 -3.53 -3.31
CA GLU A 12 13.33 -2.42 -4.01
C GLU A 12 14.49 -1.93 -3.13
N MET A 13 15.19 -0.87 -3.54
CA MET A 13 16.42 -0.45 -2.86
C MET A 13 16.25 -0.22 -1.34
N GLU A 14 15.15 0.39 -0.89
CA GLU A 14 14.98 0.60 0.55
C GLU A 14 13.96 -0.35 1.16
N THR A 15 13.10 -0.93 0.33
CA THR A 15 12.03 -1.80 0.84
C THR A 15 12.64 -3.09 1.34
N PRO A 16 12.08 -3.67 2.39
CA PRO A 16 12.57 -4.91 2.94
C PRO A 16 11.85 -6.08 2.30
N ARG A 17 11.65 -5.97 0.98
CA ARG A 17 10.88 -6.93 0.21
C ARG A 17 9.42 -6.86 0.62
N LEU A 18 8.81 -5.72 0.44
CA LEU A 18 7.43 -5.58 0.88
C LEU A 18 6.43 -5.42 -0.24
N SER A 19 5.48 -6.35 -0.27
CA SER A 19 4.44 -6.39 -1.26
C SER A 19 3.07 -6.31 -0.60
N VAL A 20 2.30 -5.36 -1.05
CA VAL A 20 0.99 -5.07 -0.52
C VAL A 20 -0.10 -5.61 -1.44
N ILE A 21 -1.25 -5.85 -0.85
CA ILE A 21 -2.41 -6.32 -1.56
C ILE A 21 -3.29 -5.14 -1.93
N VAL A 22 -3.39 -4.86 -3.23
CA VAL A 22 -4.21 -3.76 -3.72
C VAL A 22 -5.39 -4.29 -4.50
N THR A 23 -6.57 -4.06 -3.97
CA THR A 23 -7.78 -4.60 -4.55
C THR A 23 -8.83 -3.52 -4.84
N HIS A 24 -9.52 -3.69 -5.96
CA HIS A 24 -10.65 -2.86 -6.35
C HIS A 24 -11.73 -3.79 -6.89
N SER A 25 -12.86 -3.91 -6.16
CA SER A 25 -13.93 -4.85 -6.51
C SER A 25 -13.50 -6.30 -6.25
N ASN A 26 -12.30 -6.62 -6.71
CA ASN A 26 -11.71 -7.95 -6.63
C ASN A 26 -10.36 -7.89 -7.30
N GLU A 27 -10.30 -6.98 -8.27
CA GLU A 27 -9.12 -6.67 -9.03
C GLU A 27 -7.89 -6.55 -8.15
N ARG A 28 -6.90 -7.39 -8.40
CA ARG A 28 -5.75 -7.52 -7.53
C ARG A 28 -4.46 -7.13 -8.24
N TYR A 29 -3.74 -6.20 -7.65
CA TYR A 29 -2.41 -5.85 -8.12
C TYR A 29 -1.42 -5.95 -6.97
N ASP A 30 -0.27 -6.56 -7.25
CA ASP A 30 0.81 -6.63 -6.28
C ASP A 30 1.56 -5.30 -6.30
N LEU A 31 1.58 -4.63 -5.17
CA LEU A 31 2.17 -3.30 -5.08
C LEU A 31 3.23 -3.30 -4.00
N LEU A 32 4.21 -2.41 -4.07
CA LEU A 32 5.34 -2.48 -3.16
C LEU A 32 5.37 -1.26 -2.24
N VAL A 33 5.70 -1.52 -0.98
CA VAL A 33 5.69 -0.49 0.06
C VAL A 33 6.74 0.57 -0.24
N THR A 34 6.46 1.81 0.16
CA THR A 34 7.19 2.94 -0.36
C THR A 34 8.51 3.13 0.36
N PRO A 35 9.60 2.98 -0.39
CA PRO A 35 10.96 3.04 0.13
C PRO A 35 11.34 4.41 0.67
N GLN A 36 12.37 4.40 1.51
CA GLN A 36 13.00 5.59 2.07
C GLN A 36 12.28 6.07 3.33
N GLN A 37 11.56 5.17 3.98
CA GLN A 37 10.95 5.47 5.27
C GLN A 37 11.72 4.82 6.41
N GLY A 38 12.37 3.71 6.09
CA GLY A 38 12.83 2.80 7.12
C GLY A 38 12.39 1.40 6.80
N ASN A 39 11.79 1.25 5.60
CA ASN A 39 11.35 -0.02 5.00
C ASN A 39 10.25 -0.71 5.78
N SER A 40 10.33 -0.69 7.08
CA SER A 40 9.36 -1.36 7.91
C SER A 40 8.15 -0.49 8.13
N GLU A 41 8.35 0.82 8.08
CA GLU A 41 7.31 1.77 8.44
C GLU A 41 7.11 2.71 7.28
N PRO A 42 6.27 2.34 6.33
CA PRO A 42 6.09 3.09 5.07
C PRO A 42 5.62 4.52 5.29
N VAL A 43 5.75 5.35 4.25
CA VAL A 43 5.48 6.77 4.36
C VAL A 43 3.98 7.05 4.38
N VAL A 44 3.61 8.26 4.82
CA VAL A 44 2.20 8.68 4.83
C VAL A 44 1.59 8.49 3.45
N GLN A 45 2.45 8.62 2.46
CA GLN A 45 2.08 8.46 1.06
C GLN A 45 1.73 7.00 0.74
N ASP A 46 2.39 6.06 1.41
CA ASP A 46 2.48 4.67 0.92
C ASP A 46 1.12 4.01 0.74
N LEU A 47 0.25 4.08 1.74
CA LEU A 47 -1.03 3.43 1.65
C LEU A 47 -1.83 3.96 0.47
N ALA A 48 -1.74 5.27 0.25
CA ALA A 48 -2.36 5.91 -0.89
C ALA A 48 -1.65 5.49 -2.17
N GLN A 49 -0.33 5.37 -2.06
CA GLN A 49 0.53 5.08 -3.20
C GLN A 49 0.26 3.71 -3.75
N LEU A 50 0.16 2.76 -2.86
CA LEU A 50 0.01 1.38 -3.23
C LEU A 50 -1.26 1.18 -4.06
N VAL A 51 -2.37 1.66 -3.52
CA VAL A 51 -3.64 1.60 -4.19
C VAL A 51 -3.62 2.45 -5.48
N GLU A 52 -2.85 3.53 -5.43
CA GLU A 52 -2.70 4.44 -6.57
C GLU A 52 -1.84 3.80 -7.68
N GLU A 53 -0.70 3.23 -7.30
CA GLU A 53 0.30 2.76 -8.25
C GLU A 53 -0.19 1.52 -8.96
N ALA A 54 -1.07 0.77 -8.30
CA ALA A 54 -1.64 -0.42 -8.90
C ALA A 54 -2.38 -0.10 -10.20
N THR A 55 -3.02 1.06 -10.23
CA THR A 55 -3.79 1.46 -11.39
C THR A 55 -3.19 2.67 -12.11
N GLY A 56 -2.25 3.35 -11.47
CA GLY A 56 -1.69 4.56 -12.04
C GLY A 56 -2.67 5.71 -11.94
N VAL A 57 -3.62 5.58 -11.04
CA VAL A 57 -4.75 6.49 -10.93
C VAL A 57 -4.61 7.42 -9.73
N PRO A 58 -5.13 8.65 -9.85
CA PRO A 58 -5.05 9.69 -8.81
C PRO A 58 -5.89 9.41 -7.57
N LEU A 59 -5.45 10.02 -6.47
CA LEU A 59 -6.06 9.87 -5.15
C LEU A 59 -7.59 10.03 -5.13
N PRO A 60 -8.21 10.97 -5.90
CA PRO A 60 -9.67 11.13 -5.91
C PRO A 60 -10.41 9.93 -6.50
N PHE A 61 -9.78 9.24 -7.44
CA PHE A 61 -10.44 8.16 -8.17
C PHE A 61 -10.46 6.87 -7.37
N GLN A 62 -9.58 6.75 -6.39
CA GLN A 62 -9.61 5.59 -5.53
C GLN A 62 -9.88 5.99 -4.10
N LYS A 63 -10.72 5.24 -3.43
CA LYS A 63 -10.88 5.41 -2.01
C LYS A 63 -10.19 4.25 -1.31
N LEU A 64 -8.93 4.45 -0.95
CA LEU A 64 -8.13 3.38 -0.40
C LEU A 64 -8.49 3.18 1.06
N ILE A 65 -8.98 1.98 1.33
CA ILE A 65 -9.29 1.52 2.67
C ILE A 65 -8.59 0.21 2.92
N PHE A 66 -7.57 0.24 3.75
CA PHE A 66 -6.94 -0.96 4.26
C PHE A 66 -6.01 -0.61 5.40
N LYS A 67 -5.82 -1.54 6.32
CA LYS A 67 -4.94 -1.38 7.47
C LYS A 67 -5.47 -0.30 8.41
N GLY A 68 -6.79 -0.18 8.42
CA GLY A 68 -7.46 0.83 9.25
C GLY A 68 -7.07 2.22 8.84
N LYS A 69 -6.43 2.30 7.70
CA LYS A 69 -5.96 3.56 7.18
C LYS A 69 -6.62 3.84 5.84
N SER A 70 -6.77 5.10 5.54
CA SER A 70 -7.38 5.52 4.30
C SER A 70 -6.38 6.38 3.51
N LEU A 71 -6.46 6.38 2.19
CA LEU A 71 -5.48 7.12 1.38
C LEU A 71 -5.63 8.62 1.55
N LYS A 72 -4.52 9.32 1.48
CA LYS A 72 -4.54 10.78 1.55
C LYS A 72 -3.16 11.34 1.21
N GLU A 73 -3.09 12.66 0.99
CA GLU A 73 -1.82 13.38 0.81
C GLU A 73 -0.80 12.92 1.84
N MET A 74 -1.12 13.17 3.10
CA MET A 74 -0.33 12.68 4.22
C MET A 74 -1.27 12.26 5.34
N GLU A 75 -1.65 10.99 5.30
CA GLU A 75 -2.71 10.49 6.16
C GLU A 75 -2.22 10.18 7.57
N THR A 76 -2.24 8.92 7.95
CA THR A 76 -1.99 8.54 9.34
C THR A 76 -0.62 7.90 9.55
N PRO A 77 -0.06 8.03 10.77
CA PRO A 77 1.29 7.60 11.16
C PRO A 77 1.91 6.44 10.37
N LEU A 78 3.18 6.65 10.07
CA LEU A 78 3.99 5.76 9.23
C LEU A 78 4.28 4.41 9.87
N SER A 79 4.42 4.39 11.18
CA SER A 79 4.59 3.13 11.90
C SER A 79 3.39 2.23 11.64
N ALA A 80 2.22 2.84 11.59
CA ALA A 80 0.98 2.13 11.32
C ALA A 80 0.83 1.87 9.82
N LEU A 81 1.79 2.34 9.03
CA LEU A 81 1.67 2.39 7.57
C LEU A 81 1.79 1.00 6.92
N GLY A 82 1.60 -0.08 7.66
CA GLY A 82 1.76 -1.38 7.04
C GLY A 82 3.05 -2.11 7.35
N MET A 83 3.54 -2.06 8.61
CA MET A 83 4.76 -2.81 8.93
C MET A 83 4.50 -4.30 8.80
N GLN A 84 4.61 -4.76 7.56
CA GLN A 84 4.63 -6.14 7.17
C GLN A 84 5.04 -6.08 5.72
N ASN A 85 5.23 -7.19 5.01
CA ASN A 85 5.47 -7.00 3.58
C ASN A 85 4.25 -6.29 3.00
N GLY A 86 4.44 -5.03 2.68
CA GLY A 86 3.44 -4.18 2.06
C GLY A 86 2.10 -4.03 2.79
N CYS A 87 1.69 -5.03 3.56
CA CYS A 87 0.38 -5.07 4.20
C CYS A 87 -0.72 -5.23 3.16
N ARG A 88 -1.85 -4.60 3.40
CA ARG A 88 -2.97 -4.64 2.49
C ARG A 88 -3.53 -3.24 2.30
N VAL A 89 -3.97 -2.93 1.07
CA VAL A 89 -4.61 -1.65 0.73
C VAL A 89 -5.60 -1.84 -0.41
N MET A 90 -6.89 -1.71 -0.13
CA MET A 90 -7.84 -1.83 -1.22
C MET A 90 -8.69 -0.59 -1.36
N LEU A 91 -8.76 -0.11 -2.57
CA LEU A 91 -9.48 1.10 -2.85
C LEU A 91 -10.85 0.77 -3.41
N ILE A 92 -11.85 1.38 -2.84
CA ILE A 92 -13.18 1.20 -3.36
C ILE A 92 -13.59 2.45 -4.11
N GLY A 93 -13.70 2.28 -5.38
CA GLY A 93 -14.04 3.37 -6.26
C GLY A 93 -13.73 2.98 -7.67
N GLU A 94 -12.67 3.52 -8.22
CA GLU A 94 -12.28 3.21 -9.58
C GLU A 94 -10.78 3.13 -9.77
N LYS A 95 -10.30 1.94 -10.06
CA LYS A 95 -8.99 1.78 -10.65
C LYS A 95 -9.14 2.08 -12.13
N SER A 96 -9.25 3.35 -12.45
CA SER A 96 -9.55 3.79 -13.81
C SER A 96 -8.50 3.31 -14.82
N ASN A 97 -8.74 2.15 -15.40
CA ASN A 97 -7.88 1.61 -16.45
C ASN A 97 -8.49 1.94 -17.79
N MET A 1 -2.11 -16.84 6.82
CA MET A 1 -1.95 -15.47 6.29
C MET A 1 -0.49 -15.25 5.90
N ALA A 2 -0.19 -15.51 4.64
CA ALA A 2 1.19 -15.45 4.14
C ALA A 2 1.60 -14.01 3.82
N LYS A 3 1.58 -13.16 4.84
CA LYS A 3 2.01 -11.78 4.67
C LYS A 3 2.48 -11.17 5.98
N THR A 4 1.68 -11.31 7.02
CA THR A 4 2.05 -10.85 8.36
C THR A 4 3.48 -11.29 8.70
N GLU A 5 3.73 -12.58 8.57
CA GLU A 5 5.05 -13.15 8.73
C GLU A 5 5.71 -13.30 7.37
N GLU A 6 6.49 -12.30 6.97
CA GLU A 6 7.09 -12.29 5.64
C GLU A 6 8.15 -11.20 5.53
N MET A 7 7.67 -10.08 4.99
CA MET A 7 8.52 -8.96 4.62
C MET A 7 9.60 -9.37 3.63
N VAL A 8 9.17 -10.01 2.53
CA VAL A 8 10.04 -10.29 1.39
C VAL A 8 9.24 -10.74 0.16
N GLN A 9 8.46 -9.84 -0.44
CA GLN A 9 7.80 -10.18 -1.70
C GLN A 9 8.34 -9.34 -2.87
N THR A 10 8.26 -8.02 -2.77
CA THR A 10 8.77 -7.16 -3.84
C THR A 10 9.87 -6.24 -3.31
N GLU A 11 11.11 -6.49 -3.76
CA GLU A 11 12.28 -5.81 -3.21
C GLU A 11 12.60 -4.49 -3.91
N GLU A 12 13.42 -3.71 -3.23
CA GLU A 12 13.88 -2.38 -3.62
C GLU A 12 14.84 -1.96 -2.51
N MET A 13 15.65 -0.92 -2.72
CA MET A 13 16.79 -0.68 -1.82
C MET A 13 16.39 -0.35 -0.37
N GLU A 14 15.35 0.46 -0.15
CA GLU A 14 14.93 0.71 1.22
C GLU A 14 13.62 0.02 1.53
N THR A 15 13.12 -0.77 0.60
CA THR A 15 12.05 -1.68 0.93
C THR A 15 12.65 -2.94 1.51
N PRO A 16 12.00 -3.57 2.47
CA PRO A 16 12.44 -4.84 2.97
C PRO A 16 11.81 -5.93 2.13
N ARG A 17 11.74 -5.65 0.83
CA ARG A 17 11.05 -6.50 -0.11
C ARG A 17 9.59 -6.61 0.32
N LEU A 18 8.90 -5.49 0.30
CA LEU A 18 7.52 -5.46 0.78
C LEU A 18 6.52 -5.29 -0.35
N SER A 19 5.55 -6.18 -0.39
CA SER A 19 4.52 -6.16 -1.40
C SER A 19 3.13 -6.23 -0.77
N VAL A 20 2.29 -5.30 -1.15
CA VAL A 20 0.96 -5.11 -0.57
C VAL A 20 -0.12 -5.66 -1.49
N ILE A 21 -1.24 -6.02 -0.90
CA ILE A 21 -2.38 -6.47 -1.65
C ILE A 21 -3.29 -5.28 -1.92
N VAL A 22 -3.41 -4.91 -3.19
CA VAL A 22 -4.29 -3.81 -3.58
C VAL A 22 -5.46 -4.34 -4.36
N THR A 23 -6.66 -4.16 -3.84
CA THR A 23 -7.83 -4.68 -4.52
C THR A 23 -8.91 -3.62 -4.67
N HIS A 24 -9.56 -3.66 -5.83
CA HIS A 24 -10.78 -2.93 -6.07
C HIS A 24 -11.83 -3.94 -6.51
N SER A 25 -12.83 -4.12 -5.68
CA SER A 25 -13.94 -5.05 -5.97
C SER A 25 -13.50 -6.52 -5.84
N ASN A 26 -12.28 -6.81 -6.30
CA ASN A 26 -11.73 -8.16 -6.36
C ASN A 26 -10.39 -8.11 -7.10
N GLU A 27 -10.30 -7.15 -8.02
CA GLU A 27 -9.10 -6.92 -8.81
C GLU A 27 -7.90 -6.60 -7.94
N ARG A 28 -6.91 -7.48 -7.95
CA ARG A 28 -5.76 -7.34 -7.07
C ARG A 28 -4.48 -7.11 -7.87
N TYR A 29 -3.77 -6.06 -7.50
CA TYR A 29 -2.42 -5.81 -7.98
C TYR A 29 -1.50 -5.71 -6.79
N ASP A 30 -0.42 -6.48 -6.77
CA ASP A 30 0.51 -6.41 -5.67
C ASP A 30 1.46 -5.23 -5.85
N LEU A 31 1.44 -4.35 -4.88
CA LEU A 31 2.11 -3.06 -4.94
C LEU A 31 3.25 -3.04 -3.92
N LEU A 32 4.27 -2.24 -4.13
CA LEU A 32 5.42 -2.28 -3.25
C LEU A 32 5.43 -1.10 -2.29
N VAL A 33 5.76 -1.40 -1.02
CA VAL A 33 5.77 -0.40 0.05
C VAL A 33 6.86 0.63 -0.19
N THR A 34 6.62 1.86 0.23
CA THR A 34 7.43 2.98 -0.19
C THR A 34 8.72 3.10 0.63
N PRO A 35 9.85 2.94 -0.07
CA PRO A 35 11.19 3.03 0.51
C PRO A 35 11.51 4.41 1.06
N GLN A 36 12.51 4.45 1.92
CA GLN A 36 13.00 5.68 2.56
C GLN A 36 12.11 6.05 3.74
N GLN A 37 11.78 5.04 4.53
CA GLN A 37 11.09 5.24 5.80
C GLN A 37 11.77 4.46 6.94
N GLY A 38 12.52 3.43 6.58
CA GLY A 38 12.95 2.46 7.56
C GLY A 38 12.50 1.09 7.14
N ASN A 39 11.98 1.03 5.89
CA ASN A 39 11.52 -0.19 5.20
C ASN A 39 10.34 -0.86 5.90
N SER A 40 10.38 -0.92 7.20
CA SER A 40 9.37 -1.64 7.96
C SER A 40 8.13 -0.78 8.18
N GLU A 41 8.31 0.53 8.19
CA GLU A 41 7.24 1.43 8.55
C GLU A 41 7.09 2.45 7.44
N PRO A 42 6.27 2.13 6.43
CA PRO A 42 6.16 2.92 5.19
C PRO A 42 5.71 4.35 5.42
N VAL A 43 5.89 5.19 4.41
CA VAL A 43 5.58 6.60 4.54
C VAL A 43 4.08 6.82 4.48
N VAL A 44 3.62 7.95 5.02
CA VAL A 44 2.21 8.32 5.01
C VAL A 44 1.63 8.26 3.60
N GLN A 45 2.50 8.50 2.64
CA GLN A 45 2.15 8.49 1.22
C GLN A 45 1.76 7.08 0.78
N ASP A 46 2.41 6.08 1.37
CA ASP A 46 2.40 4.69 0.88
C ASP A 46 1.00 4.12 0.79
N LEU A 47 0.17 4.41 1.77
CA LEU A 47 -1.17 3.85 1.83
C LEU A 47 -1.97 4.27 0.59
N ALA A 48 -1.87 5.54 0.24
CA ALA A 48 -2.48 6.07 -0.96
C ALA A 48 -1.77 5.53 -2.18
N GLN A 49 -0.45 5.46 -2.05
CA GLN A 49 0.44 5.11 -3.14
C GLN A 49 0.15 3.72 -3.66
N LEU A 50 0.03 2.80 -2.75
CA LEU A 50 -0.15 1.41 -3.09
C LEU A 50 -1.42 1.20 -3.91
N VAL A 51 -2.52 1.70 -3.37
CA VAL A 51 -3.80 1.61 -4.04
C VAL A 51 -3.77 2.39 -5.38
N GLU A 52 -3.04 3.50 -5.38
CA GLU A 52 -2.91 4.36 -6.55
C GLU A 52 -2.07 3.72 -7.64
N GLU A 53 -0.88 3.26 -7.26
CA GLU A 53 0.10 2.77 -8.22
C GLU A 53 -0.30 1.43 -8.79
N ALA A 54 -1.16 0.70 -8.08
CA ALA A 54 -1.60 -0.61 -8.54
C ALA A 54 -2.23 -0.54 -9.93
N THR A 55 -3.04 0.47 -10.16
CA THR A 55 -3.61 0.66 -11.48
C THR A 55 -3.09 1.92 -12.16
N GLY A 56 -2.58 2.86 -11.38
CA GLY A 56 -2.05 4.08 -11.94
C GLY A 56 -3.02 5.22 -11.87
N VAL A 57 -4.15 5.00 -11.21
CA VAL A 57 -5.17 6.03 -11.05
C VAL A 57 -4.78 6.99 -9.95
N PRO A 58 -5.17 8.26 -10.10
CA PRO A 58 -4.88 9.33 -9.14
C PRO A 58 -5.62 9.18 -7.83
N LEU A 59 -5.11 9.81 -6.77
CA LEU A 59 -5.70 9.74 -5.42
C LEU A 59 -7.24 9.89 -5.47
N PRO A 60 -7.82 10.88 -6.21
CA PRO A 60 -9.27 11.09 -6.23
C PRO A 60 -10.07 9.96 -6.89
N PHE A 61 -9.40 9.13 -7.69
CA PHE A 61 -10.09 8.11 -8.48
C PHE A 61 -10.35 6.85 -7.67
N GLN A 62 -9.59 6.68 -6.61
CA GLN A 62 -9.80 5.54 -5.73
C GLN A 62 -10.20 6.01 -4.35
N LYS A 63 -10.71 5.10 -3.55
CA LYS A 63 -10.93 5.38 -2.15
C LYS A 63 -10.29 4.29 -1.33
N LEU A 64 -9.03 4.50 -1.00
CA LEU A 64 -8.23 3.50 -0.34
C LEU A 64 -8.53 3.46 1.14
N ILE A 65 -8.99 2.29 1.54
CA ILE A 65 -9.20 1.94 2.93
C ILE A 65 -8.45 0.65 3.23
N PHE A 66 -7.40 0.76 4.01
CA PHE A 66 -6.73 -0.41 4.54
C PHE A 66 -5.77 -0.02 5.64
N LYS A 67 -5.55 -0.93 6.59
CA LYS A 67 -4.57 -0.76 7.68
C LYS A 67 -4.95 0.37 8.60
N GLY A 68 -6.25 0.60 8.72
CA GLY A 68 -6.75 1.71 9.50
C GLY A 68 -6.33 3.02 8.87
N LYS A 69 -5.90 2.94 7.62
CA LYS A 69 -5.44 4.08 6.88
C LYS A 69 -6.31 4.30 5.67
N SER A 70 -6.53 5.54 5.35
CA SER A 70 -7.22 5.91 4.14
C SER A 70 -6.30 6.75 3.28
N LEU A 71 -6.49 6.71 1.97
CA LEU A 71 -5.55 7.35 1.05
C LEU A 71 -5.57 8.87 1.16
N LYS A 72 -4.38 9.42 1.34
CA LYS A 72 -4.18 10.85 1.37
C LYS A 72 -2.68 11.12 1.46
N GLU A 73 -2.23 12.18 0.83
CA GLU A 73 -0.83 12.54 0.90
C GLU A 73 -0.47 13.03 2.31
N MET A 74 0.45 12.30 2.95
CA MET A 74 0.84 12.57 4.33
C MET A 74 -0.34 12.35 5.27
N GLU A 75 -0.92 11.16 5.21
CA GLU A 75 -2.14 10.86 5.95
C GLU A 75 -1.85 10.28 7.35
N THR A 76 -2.05 8.98 7.52
CA THR A 76 -2.06 8.37 8.85
C THR A 76 -0.70 7.77 9.24
N PRO A 77 -0.41 7.73 10.56
CA PRO A 77 0.84 7.24 11.17
C PRO A 77 1.61 6.19 10.36
N LEU A 78 2.88 6.51 10.09
CA LEU A 78 3.77 5.70 9.25
C LEU A 78 4.11 4.34 9.88
N SER A 79 4.22 4.29 11.20
CA SER A 79 4.45 3.02 11.89
C SER A 79 3.30 2.06 11.58
N ALA A 80 2.11 2.62 11.53
CA ALA A 80 0.89 1.88 11.23
C ALA A 80 0.74 1.65 9.72
N LEU A 81 1.71 2.13 8.94
CA LEU A 81 1.60 2.19 7.48
C LEU A 81 1.73 0.80 6.81
N GLY A 82 1.55 -0.29 7.56
CA GLY A 82 1.67 -1.58 6.89
C GLY A 82 2.96 -2.32 7.17
N MET A 83 3.49 -2.29 8.40
CA MET A 83 4.70 -3.07 8.68
C MET A 83 4.41 -4.58 8.59
N GLN A 84 4.47 -5.04 7.36
CA GLN A 84 4.52 -6.42 6.94
C GLN A 84 4.88 -6.31 5.49
N ASN A 85 5.10 -7.37 4.72
CA ASN A 85 5.33 -7.11 3.30
C ASN A 85 4.12 -6.36 2.78
N GLY A 86 4.32 -5.09 2.48
CA GLY A 86 3.33 -4.19 1.92
C GLY A 86 2.01 -4.02 2.70
N CYS A 87 1.61 -5.04 3.46
CA CYS A 87 0.33 -5.06 4.15
C CYS A 87 -0.84 -5.14 3.16
N ARG A 88 -1.95 -4.48 3.48
CA ARG A 88 -3.11 -4.50 2.61
C ARG A 88 -3.57 -3.07 2.36
N VAL A 89 -4.11 -2.82 1.16
CA VAL A 89 -4.71 -1.53 0.79
C VAL A 89 -5.79 -1.75 -0.26
N MET A 90 -7.03 -1.53 0.10
CA MET A 90 -8.08 -1.67 -0.91
C MET A 90 -8.90 -0.42 -1.08
N LEU A 91 -9.08 -0.08 -2.33
CA LEU A 91 -9.79 1.12 -2.70
C LEU A 91 -11.11 0.75 -3.31
N ILE A 92 -12.15 1.40 -2.87
CA ILE A 92 -13.43 1.19 -3.48
C ILE A 92 -13.79 2.36 -4.37
N GLY A 93 -13.83 2.08 -5.65
CA GLY A 93 -14.15 3.08 -6.62
C GLY A 93 -13.71 2.67 -7.99
N GLU A 94 -12.92 3.51 -8.63
CA GLU A 94 -12.51 3.26 -9.99
C GLU A 94 -11.01 3.03 -10.09
N LYS A 95 -10.64 1.81 -10.43
CA LYS A 95 -9.25 1.51 -10.74
C LYS A 95 -9.04 1.70 -12.23
N SER A 96 -9.27 2.94 -12.66
CA SER A 96 -9.17 3.30 -14.07
C SER A 96 -7.73 3.23 -14.57
N ASN A 97 -7.58 2.91 -15.85
CA ASN A 97 -6.29 2.90 -16.56
C ASN A 97 -5.64 1.51 -16.49
N MET A 1 -6.34 -13.22 2.89
CA MET A 1 -6.67 -12.29 4.00
C MET A 1 -5.63 -12.36 5.11
N ALA A 2 -4.94 -13.49 5.20
CA ALA A 2 -3.90 -13.66 6.21
C ALA A 2 -2.59 -13.03 5.74
N LYS A 3 -2.03 -12.15 6.55
CA LYS A 3 -0.78 -11.49 6.22
C LYS A 3 -0.17 -10.86 7.45
N THR A 4 1.06 -11.26 7.75
CA THR A 4 1.79 -10.74 8.91
C THR A 4 3.28 -10.98 8.72
N GLU A 5 3.72 -12.17 9.10
CA GLU A 5 5.13 -12.52 9.04
C GLU A 5 5.55 -12.91 7.62
N GLU A 6 6.38 -12.08 7.04
CA GLU A 6 6.85 -12.23 5.67
C GLU A 6 7.88 -11.17 5.39
N MET A 7 7.36 -9.98 5.14
CA MET A 7 8.12 -8.83 4.69
C MET A 7 8.75 -9.05 3.32
N VAL A 8 9.46 -10.14 3.13
CA VAL A 8 10.16 -10.37 1.87
C VAL A 8 9.28 -10.97 0.77
N GLN A 9 8.57 -10.12 0.03
CA GLN A 9 7.90 -10.55 -1.20
C GLN A 9 8.39 -9.78 -2.45
N THR A 10 8.39 -8.45 -2.41
CA THR A 10 8.83 -7.65 -3.56
C THR A 10 9.92 -6.64 -3.15
N GLU A 11 11.16 -6.89 -3.57
CA GLU A 11 12.29 -6.09 -3.09
C GLU A 11 12.48 -4.79 -3.91
N GLU A 12 13.22 -3.87 -3.30
CA GLU A 12 13.48 -2.53 -3.82
C GLU A 12 14.51 -1.87 -2.89
N MET A 13 15.10 -0.75 -3.32
CA MET A 13 16.29 -0.20 -2.67
C MET A 13 16.15 0.03 -1.15
N GLU A 14 15.04 0.57 -0.67
CA GLU A 14 14.89 0.72 0.78
C GLU A 14 13.88 -0.27 1.36
N THR A 15 13.06 -0.86 0.50
CA THR A 15 12.02 -1.78 0.95
C THR A 15 12.65 -3.05 1.49
N PRO A 16 12.04 -3.66 2.51
CA PRO A 16 12.50 -4.92 3.03
C PRO A 16 11.88 -6.03 2.22
N ARG A 17 11.87 -5.79 0.90
CA ARG A 17 11.25 -6.65 -0.07
C ARG A 17 9.74 -6.72 0.18
N LEU A 18 9.09 -5.58 0.33
CA LEU A 18 7.72 -5.60 0.86
C LEU A 18 6.66 -5.47 -0.24
N SER A 19 5.77 -6.46 -0.29
CA SER A 19 4.72 -6.50 -1.29
C SER A 19 3.34 -6.44 -0.64
N VAL A 20 2.53 -5.56 -1.18
CA VAL A 20 1.22 -5.24 -0.64
C VAL A 20 0.10 -5.76 -1.53
N ILE A 21 -1.05 -6.00 -0.92
CA ILE A 21 -2.23 -6.43 -1.64
C ILE A 21 -3.12 -5.23 -1.93
N VAL A 22 -3.29 -4.91 -3.20
CA VAL A 22 -4.18 -3.82 -3.60
C VAL A 22 -5.32 -4.36 -4.42
N THR A 23 -6.54 -4.07 -4.03
CA THR A 23 -7.68 -4.53 -4.79
C THR A 23 -8.80 -3.50 -4.84
N HIS A 24 -9.54 -3.54 -5.93
CA HIS A 24 -10.83 -2.90 -6.03
C HIS A 24 -11.79 -3.90 -6.63
N SER A 25 -12.70 -4.41 -5.81
CA SER A 25 -13.71 -5.39 -6.22
C SER A 25 -13.08 -6.75 -6.56
N ASN A 26 -11.90 -6.73 -7.15
CA ASN A 26 -11.26 -7.93 -7.69
C ASN A 26 -9.88 -7.58 -8.22
N GLU A 27 -9.79 -6.41 -8.86
CA GLU A 27 -8.54 -5.93 -9.46
C GLU A 27 -7.44 -5.93 -8.41
N ARG A 28 -6.56 -6.89 -8.54
CA ARG A 28 -5.44 -7.01 -7.62
C ARG A 28 -4.11 -6.87 -8.35
N TYR A 29 -3.32 -5.94 -7.88
CA TYR A 29 -1.96 -5.76 -8.32
C TYR A 29 -1.08 -5.80 -7.08
N ASP A 30 0.03 -6.52 -7.12
CA ASP A 30 0.92 -6.49 -5.97
C ASP A 30 1.72 -5.21 -6.02
N LEU A 31 1.56 -4.41 -5.00
CA LEU A 31 2.17 -3.10 -4.92
C LEU A 31 3.27 -3.19 -3.90
N LEU A 32 4.26 -2.35 -3.98
CA LEU A 32 5.36 -2.45 -3.06
C LEU A 32 5.39 -1.24 -2.13
N VAL A 33 5.71 -1.50 -0.87
CA VAL A 33 5.69 -0.47 0.18
C VAL A 33 6.74 0.59 -0.12
N THR A 34 6.46 1.82 0.27
CA THR A 34 7.19 2.96 -0.22
C THR A 34 8.50 3.14 0.55
N PRO A 35 9.61 2.99 -0.19
CA PRO A 35 10.95 3.09 0.36
C PRO A 35 11.32 4.51 0.74
N GLN A 36 12.33 4.61 1.60
CA GLN A 36 12.81 5.88 2.17
C GLN A 36 12.01 6.21 3.43
N GLN A 37 11.90 5.22 4.32
CA GLN A 37 11.23 5.40 5.60
C GLN A 37 12.02 4.68 6.67
N GLY A 38 11.65 3.43 6.86
CA GLY A 38 12.34 2.53 7.74
C GLY A 38 12.15 1.14 7.23
N ASN A 39 11.94 1.06 5.90
CA ASN A 39 11.56 -0.14 5.15
C ASN A 39 10.27 -0.79 5.67
N SER A 40 10.17 -0.96 6.95
CA SER A 40 9.07 -1.68 7.56
C SER A 40 7.93 -0.73 7.87
N GLU A 41 8.24 0.55 7.96
CA GLU A 41 7.28 1.53 8.40
C GLU A 41 7.09 2.52 7.28
N PRO A 42 6.20 2.21 6.34
CA PRO A 42 6.03 2.98 5.11
C PRO A 42 5.62 4.43 5.36
N VAL A 43 5.77 5.27 4.35
CA VAL A 43 5.51 6.69 4.50
C VAL A 43 4.00 6.95 4.49
N VAL A 44 3.59 8.12 4.97
CA VAL A 44 2.17 8.52 4.95
C VAL A 44 1.60 8.38 3.56
N GLN A 45 2.45 8.59 2.58
CA GLN A 45 2.07 8.52 1.18
C GLN A 45 1.70 7.11 0.79
N ASP A 46 2.36 6.13 1.41
CA ASP A 46 2.35 4.73 0.96
C ASP A 46 0.95 4.16 0.87
N LEU A 47 0.10 4.50 1.83
CA LEU A 47 -1.24 3.97 1.87
C LEU A 47 -2.00 4.37 0.59
N ALA A 48 -1.88 5.63 0.21
CA ALA A 48 -2.45 6.13 -1.03
C ALA A 48 -1.70 5.55 -2.21
N GLN A 49 -0.39 5.46 -2.05
CA GLN A 49 0.53 5.09 -3.11
C GLN A 49 0.23 3.70 -3.63
N LEU A 50 0.06 2.80 -2.70
CA LEU A 50 -0.16 1.41 -3.03
C LEU A 50 -1.42 1.23 -3.87
N VAL A 51 -2.52 1.77 -3.38
CA VAL A 51 -3.79 1.70 -4.08
C VAL A 51 -3.73 2.50 -5.39
N GLU A 52 -2.97 3.61 -5.37
CA GLU A 52 -2.83 4.47 -6.54
C GLU A 52 -1.98 3.81 -7.61
N GLU A 53 -0.83 3.27 -7.21
CA GLU A 53 0.16 2.78 -8.15
C GLU A 53 -0.29 1.45 -8.74
N ALA A 54 -1.17 0.74 -8.03
CA ALA A 54 -1.67 -0.54 -8.51
C ALA A 54 -2.34 -0.38 -9.88
N THR A 55 -3.04 0.72 -10.07
CA THR A 55 -3.69 0.97 -11.35
C THR A 55 -3.07 2.16 -12.09
N GLY A 56 -2.43 3.06 -11.34
CA GLY A 56 -1.89 4.26 -11.92
C GLY A 56 -2.90 5.39 -11.92
N VAL A 57 -3.91 5.24 -11.08
CA VAL A 57 -5.02 6.19 -11.02
C VAL A 57 -4.85 7.18 -9.89
N PRO A 58 -5.37 8.39 -10.07
CA PRO A 58 -5.23 9.51 -9.13
C PRO A 58 -6.04 9.34 -7.84
N LEU A 59 -5.63 10.05 -6.80
CA LEU A 59 -6.29 10.01 -5.49
C LEU A 59 -7.83 10.12 -5.58
N PRO A 60 -8.41 11.04 -6.40
CA PRO A 60 -9.87 11.22 -6.44
C PRO A 60 -10.61 10.01 -7.04
N PHE A 61 -9.89 9.15 -7.74
CA PHE A 61 -10.50 8.02 -8.43
C PHE A 61 -10.57 6.79 -7.54
N GLN A 62 -9.76 6.74 -6.51
CA GLN A 62 -9.76 5.60 -5.63
C GLN A 62 -10.05 6.01 -4.19
N LYS A 63 -10.87 5.24 -3.50
CA LYS A 63 -11.03 5.42 -2.07
C LYS A 63 -10.34 4.27 -1.35
N LEU A 64 -9.07 4.49 -1.02
CA LEU A 64 -8.26 3.46 -0.41
C LEU A 64 -8.59 3.37 1.06
N ILE A 65 -9.03 2.17 1.44
CA ILE A 65 -9.30 1.81 2.80
C ILE A 65 -8.53 0.54 3.13
N PHE A 66 -7.51 0.66 3.93
CA PHE A 66 -6.81 -0.47 4.49
C PHE A 66 -5.88 -0.06 5.59
N LYS A 67 -5.65 -0.95 6.55
CA LYS A 67 -4.70 -0.72 7.67
C LYS A 67 -5.20 0.40 8.56
N GLY A 68 -6.53 0.53 8.63
CA GLY A 68 -7.14 1.62 9.37
C GLY A 68 -6.78 2.94 8.77
N LYS A 69 -6.26 2.86 7.57
CA LYS A 69 -5.79 4.02 6.85
C LYS A 69 -6.59 4.21 5.59
N SER A 70 -6.83 5.45 5.28
CA SER A 70 -7.47 5.82 4.06
C SER A 70 -6.54 6.70 3.25
N LEU A 71 -6.62 6.62 1.93
CA LEU A 71 -5.59 7.25 1.09
C LEU A 71 -5.63 8.78 1.17
N LYS A 72 -4.44 9.36 1.14
CA LYS A 72 -4.25 10.79 1.18
C LYS A 72 -2.78 11.08 0.85
N GLU A 73 -2.42 12.34 0.68
CA GLU A 73 -1.04 12.70 0.42
C GLU A 73 -0.18 12.43 1.65
N MET A 74 -0.58 13.03 2.77
CA MET A 74 0.06 12.77 4.05
C MET A 74 -1.00 12.43 5.08
N GLU A 75 -1.29 11.16 5.24
CA GLU A 75 -2.42 10.72 6.04
C GLU A 75 -2.01 10.24 7.44
N THR A 76 -1.99 8.93 7.64
CA THR A 76 -1.90 8.35 8.99
C THR A 76 -0.53 7.75 9.33
N PRO A 77 -0.19 7.72 10.65
CA PRO A 77 1.08 7.23 11.21
C PRO A 77 1.84 6.19 10.38
N LEU A 78 3.09 6.51 10.10
CA LEU A 78 3.97 5.72 9.23
C LEU A 78 4.32 4.35 9.80
N SER A 79 4.55 4.26 11.09
CA SER A 79 4.81 2.97 11.71
C SER A 79 3.63 2.02 11.48
N ALA A 80 2.44 2.59 11.57
CA ALA A 80 1.20 1.87 11.36
C ALA A 80 0.91 1.70 9.87
N LEU A 81 1.81 2.20 9.02
CA LEU A 81 1.60 2.27 7.57
C LEU A 81 1.70 0.88 6.90
N GLY A 82 1.55 -0.21 7.65
CA GLY A 82 1.66 -1.51 7.01
C GLY A 82 2.96 -2.24 7.27
N MET A 83 3.50 -2.19 8.49
CA MET A 83 4.73 -2.95 8.76
C MET A 83 4.45 -4.45 8.76
N GLN A 84 4.49 -4.97 7.56
CA GLN A 84 4.50 -6.37 7.20
C GLN A 84 4.89 -6.32 5.76
N ASN A 85 5.06 -7.41 5.03
CA ASN A 85 5.29 -7.22 3.61
C ASN A 85 4.11 -6.44 3.06
N GLY A 86 4.35 -5.18 2.74
CA GLY A 86 3.39 -4.32 2.08
C GLY A 86 2.02 -4.13 2.74
N CYS A 87 1.61 -5.08 3.56
CA CYS A 87 0.27 -5.15 4.12
C CYS A 87 -0.81 -5.11 3.05
N ARG A 88 -1.99 -4.62 3.40
CA ARG A 88 -3.11 -4.60 2.50
C ARG A 88 -3.58 -3.16 2.30
N VAL A 89 -4.11 -2.88 1.11
CA VAL A 89 -4.73 -1.61 0.76
C VAL A 89 -5.76 -1.81 -0.33
N MET A 90 -7.03 -1.63 -0.01
CA MET A 90 -8.01 -1.73 -1.08
C MET A 90 -8.84 -0.49 -1.24
N LEU A 91 -8.95 -0.08 -2.47
CA LEU A 91 -9.69 1.12 -2.79
C LEU A 91 -11.02 0.74 -3.39
N ILE A 92 -12.06 1.36 -2.90
CA ILE A 92 -13.36 1.17 -3.47
C ILE A 92 -13.79 2.42 -4.19
N GLY A 93 -13.89 2.30 -5.50
CA GLY A 93 -14.32 3.40 -6.30
C GLY A 93 -14.02 3.16 -7.75
N GLU A 94 -12.81 3.48 -8.16
CA GLU A 94 -12.45 3.33 -9.55
C GLU A 94 -10.96 3.01 -9.71
N LYS A 95 -10.67 1.82 -10.19
CA LYS A 95 -9.34 1.47 -10.63
C LYS A 95 -9.28 1.63 -12.13
N SER A 96 -9.49 2.86 -12.57
CA SER A 96 -9.57 3.17 -14.01
C SER A 96 -8.33 2.70 -14.79
N ASN A 97 -8.56 2.26 -16.01
CA ASN A 97 -7.48 1.91 -16.93
C ASN A 97 -7.74 2.53 -18.29
N MET A 1 -6.23 -15.70 3.75
CA MET A 1 -4.77 -15.45 3.67
C MET A 1 -4.36 -14.37 4.66
N ALA A 2 -3.88 -14.81 5.81
CA ALA A 2 -3.42 -13.90 6.85
C ALA A 2 -2.02 -13.41 6.51
N LYS A 3 -1.89 -12.09 6.36
CA LYS A 3 -0.62 -11.51 5.96
C LYS A 3 0.13 -10.99 7.17
N THR A 4 1.31 -11.54 7.40
CA THR A 4 2.16 -11.17 8.53
C THR A 4 3.52 -11.86 8.37
N GLU A 5 3.46 -13.15 8.08
CA GLU A 5 4.64 -14.02 8.10
C GLU A 5 5.44 -13.91 6.81
N GLU A 6 5.88 -12.70 6.49
CA GLU A 6 6.61 -12.48 5.23
C GLU A 6 7.70 -11.43 5.39
N MET A 7 7.34 -10.20 5.03
CA MET A 7 8.27 -9.08 4.93
C MET A 7 9.37 -9.40 3.93
N VAL A 8 9.00 -10.15 2.88
CA VAL A 8 9.88 -10.44 1.74
C VAL A 8 9.07 -10.92 0.52
N GLN A 9 8.49 -9.97 -0.23
CA GLN A 9 7.84 -10.31 -1.49
C GLN A 9 8.40 -9.48 -2.65
N THR A 10 8.22 -8.17 -2.61
CA THR A 10 8.74 -7.31 -3.67
C THR A 10 9.78 -6.35 -3.11
N GLU A 11 11.04 -6.55 -3.48
CA GLU A 11 12.13 -5.75 -2.94
C GLU A 11 12.41 -4.51 -3.79
N GLU A 12 12.82 -3.46 -3.12
CA GLU A 12 13.23 -2.20 -3.75
C GLU A 12 14.45 -1.71 -2.98
N MET A 13 15.00 -0.55 -3.35
CA MET A 13 16.26 -0.10 -2.75
C MET A 13 16.18 0.03 -1.22
N GLU A 14 15.08 0.58 -0.69
CA GLU A 14 14.95 0.64 0.77
C GLU A 14 13.87 -0.31 1.28
N THR A 15 12.96 -0.73 0.42
CA THR A 15 11.91 -1.64 0.84
C THR A 15 12.54 -2.97 1.20
N PRO A 16 12.09 -3.62 2.26
CA PRO A 16 12.70 -4.84 2.71
C PRO A 16 12.01 -6.01 2.06
N ARG A 17 11.84 -5.87 0.75
CA ARG A 17 11.08 -6.79 -0.06
C ARG A 17 9.64 -6.84 0.47
N LEU A 18 8.96 -5.73 0.38
CA LEU A 18 7.59 -5.64 0.89
C LEU A 18 6.58 -5.45 -0.23
N SER A 19 5.63 -6.38 -0.30
CA SER A 19 4.60 -6.35 -1.31
C SER A 19 3.22 -6.34 -0.66
N VAL A 20 2.42 -5.40 -1.10
CA VAL A 20 1.09 -5.17 -0.57
C VAL A 20 0.02 -5.73 -1.51
N ILE A 21 -1.10 -6.06 -0.93
CA ILE A 21 -2.24 -6.56 -1.67
C ILE A 21 -3.17 -5.39 -1.96
N VAL A 22 -3.30 -5.04 -3.23
CA VAL A 22 -4.14 -3.94 -3.62
C VAL A 22 -5.34 -4.45 -4.39
N THR A 23 -6.52 -4.27 -3.83
CA THR A 23 -7.71 -4.77 -4.46
C THR A 23 -8.79 -3.69 -4.57
N HIS A 24 -9.70 -3.92 -5.49
CA HIS A 24 -10.90 -3.12 -5.64
C HIS A 24 -12.05 -4.10 -5.87
N SER A 25 -12.89 -4.27 -4.87
CA SER A 25 -13.90 -5.34 -4.85
C SER A 25 -13.22 -6.73 -4.83
N ASN A 26 -12.36 -6.97 -5.81
CA ASN A 26 -11.57 -8.20 -5.92
C ASN A 26 -10.42 -7.97 -6.89
N GLU A 27 -10.62 -7.01 -7.80
CA GLU A 27 -9.59 -6.55 -8.75
C GLU A 27 -8.25 -6.33 -8.07
N ARG A 28 -7.30 -7.22 -8.35
CA ARG A 28 -6.07 -7.32 -7.57
C ARG A 28 -4.84 -6.93 -8.38
N TYR A 29 -4.07 -6.01 -7.81
CA TYR A 29 -2.72 -5.72 -8.30
C TYR A 29 -1.74 -5.80 -7.13
N ASP A 30 -0.60 -6.44 -7.35
CA ASP A 30 0.45 -6.48 -6.33
C ASP A 30 1.24 -5.17 -6.38
N LEU A 31 1.52 -4.62 -5.21
CA LEU A 31 2.13 -3.30 -5.11
C LEU A 31 3.23 -3.33 -4.06
N LEU A 32 4.19 -2.42 -4.13
CA LEU A 32 5.33 -2.48 -3.23
C LEU A 32 5.35 -1.27 -2.28
N VAL A 33 5.67 -1.55 -1.01
CA VAL A 33 5.68 -0.54 0.05
C VAL A 33 6.77 0.49 -0.21
N THR A 34 6.54 1.72 0.21
CA THR A 34 7.32 2.84 -0.25
C THR A 34 8.63 2.97 0.52
N PRO A 35 9.73 2.85 -0.24
CA PRO A 35 11.09 2.93 0.29
C PRO A 35 11.41 4.32 0.83
N GLN A 36 12.44 4.37 1.68
CA GLN A 36 12.89 5.62 2.30
C GLN A 36 11.93 6.00 3.42
N GLN A 37 12.14 5.35 4.55
CA GLN A 37 11.29 5.47 5.73
C GLN A 37 11.86 4.68 6.89
N GLY A 38 12.36 3.49 6.57
CA GLY A 38 12.72 2.54 7.58
C GLY A 38 12.28 1.16 7.16
N ASN A 39 11.59 1.13 6.00
CA ASN A 39 11.18 -0.09 5.28
C ASN A 39 10.07 -0.84 6.00
N SER A 40 10.04 -0.74 7.31
CA SER A 40 8.99 -1.34 8.10
C SER A 40 7.93 -0.30 8.43
N GLU A 41 8.24 0.96 8.20
CA GLU A 41 7.31 2.01 8.54
C GLU A 41 7.16 2.96 7.37
N PRO A 42 6.40 2.56 6.35
CA PRO A 42 6.23 3.32 5.11
C PRO A 42 5.65 4.71 5.33
N VAL A 43 5.75 5.57 4.33
CA VAL A 43 5.34 6.95 4.49
C VAL A 43 3.82 7.08 4.47
N VAL A 44 3.31 8.20 5.00
CA VAL A 44 1.88 8.47 5.01
C VAL A 44 1.27 8.34 3.61
N GLN A 45 2.09 8.65 2.62
CA GLN A 45 1.71 8.55 1.22
C GLN A 45 1.46 7.11 0.81
N ASP A 46 2.20 6.19 1.43
CA ASP A 46 2.33 4.81 0.95
C ASP A 46 0.99 4.11 0.80
N LEU A 47 0.11 4.27 1.76
CA LEU A 47 -1.16 3.59 1.72
C LEU A 47 -1.94 3.99 0.47
N ALA A 48 -1.89 5.28 0.15
CA ALA A 48 -2.49 5.82 -1.06
C ALA A 48 -1.73 5.32 -2.26
N GLN A 49 -0.42 5.31 -2.10
CA GLN A 49 0.50 5.00 -3.17
C GLN A 49 0.26 3.61 -3.69
N LEU A 50 0.14 2.70 -2.78
CA LEU A 50 -0.04 1.31 -3.12
C LEU A 50 -1.30 1.09 -3.96
N VAL A 51 -2.41 1.61 -3.48
CA VAL A 51 -3.69 1.52 -4.18
C VAL A 51 -3.65 2.32 -5.49
N GLU A 52 -2.90 3.43 -5.45
CA GLU A 52 -2.73 4.32 -6.61
C GLU A 52 -1.85 3.66 -7.68
N GLU A 53 -0.71 3.15 -7.25
CA GLU A 53 0.31 2.63 -8.17
C GLU A 53 -0.15 1.32 -8.79
N ALA A 54 -1.05 0.62 -8.10
CA ALA A 54 -1.56 -0.65 -8.60
C ALA A 54 -2.21 -0.48 -9.97
N THR A 55 -2.93 0.60 -10.14
CA THR A 55 -3.62 0.86 -11.40
C THR A 55 -3.05 2.08 -12.12
N GLY A 56 -2.43 2.97 -11.37
CA GLY A 56 -1.88 4.18 -11.94
C GLY A 56 -2.86 5.32 -11.92
N VAL A 57 -3.89 5.22 -11.08
CA VAL A 57 -4.92 6.24 -10.99
C VAL A 57 -4.69 7.15 -9.78
N PRO A 58 -5.12 8.41 -9.92
CA PRO A 58 -4.95 9.45 -8.89
C PRO A 58 -5.84 9.27 -7.68
N LEU A 59 -5.39 9.85 -6.57
CA LEU A 59 -6.06 9.80 -5.28
C LEU A 59 -7.58 10.09 -5.34
N PRO A 60 -8.08 11.02 -6.20
CA PRO A 60 -9.53 11.23 -6.34
C PRO A 60 -10.26 10.04 -6.98
N PHE A 61 -9.55 9.27 -7.80
CA PHE A 61 -10.16 8.18 -8.55
C PHE A 61 -10.25 6.91 -7.71
N GLN A 62 -9.45 6.82 -6.67
CA GLN A 62 -9.54 5.68 -5.77
C GLN A 62 -9.99 6.14 -4.41
N LYS A 63 -10.57 5.23 -3.65
CA LYS A 63 -10.81 5.48 -2.25
C LYS A 63 -10.18 4.37 -1.45
N LEU A 64 -8.92 4.58 -1.09
CA LEU A 64 -8.14 3.55 -0.45
C LEU A 64 -8.50 3.42 1.01
N ILE A 65 -8.96 2.24 1.35
CA ILE A 65 -9.24 1.84 2.70
C ILE A 65 -8.51 0.53 2.99
N PHE A 66 -7.50 0.60 3.82
CA PHE A 66 -6.83 -0.59 4.33
C PHE A 66 -5.91 -0.25 5.46
N LYS A 67 -5.69 -1.22 6.35
CA LYS A 67 -4.82 -1.07 7.53
C LYS A 67 -5.41 -0.06 8.48
N GLY A 68 -6.74 0.02 8.48
CA GLY A 68 -7.45 0.99 9.27
C GLY A 68 -7.13 2.40 8.86
N LYS A 69 -6.48 2.51 7.72
CA LYS A 69 -6.02 3.78 7.21
C LYS A 69 -6.63 4.06 5.86
N SER A 70 -6.90 5.32 5.60
CA SER A 70 -7.49 5.73 4.34
C SER A 70 -6.53 6.68 3.63
N LEU A 71 -6.51 6.62 2.30
CA LEU A 71 -5.46 7.29 1.52
C LEU A 71 -5.53 8.81 1.62
N LYS A 72 -4.36 9.44 1.64
CA LYS A 72 -4.25 10.89 1.52
C LYS A 72 -2.76 11.28 1.50
N GLU A 73 -2.48 12.56 1.66
CA GLU A 73 -1.12 13.07 1.56
C GLU A 73 -0.29 12.73 2.81
N MET A 74 -0.63 13.35 3.92
CA MET A 74 0.12 13.14 5.17
C MET A 74 -0.80 12.58 6.25
N GLU A 75 -1.43 11.46 5.94
CA GLU A 75 -2.43 10.86 6.77
C GLU A 75 -1.85 10.13 8.02
N THR A 76 -2.34 8.92 8.27
CA THR A 76 -2.07 8.18 9.51
C THR A 76 -0.58 7.83 9.69
N PRO A 77 -0.11 7.81 10.96
CA PRO A 77 1.27 7.45 11.34
C PRO A 77 1.96 6.42 10.44
N LEU A 78 3.19 6.76 10.07
CA LEU A 78 4.03 5.97 9.16
C LEU A 78 4.42 4.61 9.74
N SER A 79 4.63 4.55 11.03
CA SER A 79 4.89 3.29 11.70
C SER A 79 3.72 2.32 11.47
N ALA A 80 2.52 2.88 11.47
CA ALA A 80 1.30 2.13 11.24
C ALA A 80 1.07 1.84 9.76
N LEU A 81 2.01 2.29 8.92
CA LEU A 81 1.82 2.31 7.48
C LEU A 81 1.89 0.92 6.82
N GLY A 82 1.69 -0.16 7.58
CA GLY A 82 1.77 -1.47 6.95
C GLY A 82 3.03 -2.25 7.23
N MET A 83 3.54 -2.20 8.48
CA MET A 83 4.72 -3.00 8.82
C MET A 83 4.42 -4.50 8.74
N GLN A 84 4.52 -4.99 7.53
CA GLN A 84 4.60 -6.37 7.14
C GLN A 84 4.97 -6.29 5.69
N ASN A 85 5.18 -7.37 4.96
CA ASN A 85 5.41 -7.16 3.53
C ASN A 85 4.23 -6.39 2.96
N GLY A 86 4.45 -5.12 2.66
CA GLY A 86 3.47 -4.26 2.00
C GLY A 86 2.11 -4.11 2.68
N CYS A 87 1.71 -5.09 3.48
CA CYS A 87 0.38 -5.21 4.07
C CYS A 87 -0.73 -5.23 3.02
N ARG A 88 -1.83 -4.53 3.30
CA ARG A 88 -2.99 -4.55 2.43
C ARG A 88 -3.51 -3.12 2.22
N VAL A 89 -4.02 -2.85 1.02
CA VAL A 89 -4.63 -1.56 0.67
C VAL A 89 -5.67 -1.75 -0.41
N MET A 90 -6.93 -1.52 -0.10
CA MET A 90 -7.94 -1.64 -1.13
C MET A 90 -8.74 -0.36 -1.33
N LEU A 91 -8.87 0.01 -2.56
CA LEU A 91 -9.60 1.21 -2.92
C LEU A 91 -10.92 0.84 -3.52
N ILE A 92 -11.96 1.49 -3.05
CA ILE A 92 -13.26 1.30 -3.66
C ILE A 92 -13.68 2.55 -4.38
N GLY A 93 -13.75 2.40 -5.67
CA GLY A 93 -14.11 3.49 -6.54
C GLY A 93 -13.79 3.15 -7.96
N GLU A 94 -12.59 3.49 -8.39
CA GLU A 94 -12.17 3.18 -9.73
C GLU A 94 -10.66 2.97 -9.84
N LYS A 95 -10.29 1.77 -10.24
CA LYS A 95 -8.95 1.51 -10.73
C LYS A 95 -8.97 1.73 -12.24
N SER A 96 -9.19 2.97 -12.64
CA SER A 96 -9.38 3.30 -14.05
C SER A 96 -8.09 3.15 -14.87
N ASN A 97 -7.80 1.92 -15.28
CA ASN A 97 -6.66 1.67 -16.15
C ASN A 97 -7.13 1.02 -17.46
N MET A 1 -5.63 -14.74 5.08
CA MET A 1 -4.91 -15.40 3.97
C MET A 1 -3.40 -15.21 4.12
N ALA A 2 -2.94 -15.22 5.38
CA ALA A 2 -1.53 -15.22 5.73
C ALA A 2 -0.76 -14.02 5.18
N LYS A 3 -0.81 -12.91 5.91
CA LYS A 3 0.07 -11.79 5.62
C LYS A 3 0.39 -11.00 6.87
N THR A 4 1.63 -11.11 7.28
CA THR A 4 2.16 -10.42 8.43
C THR A 4 3.61 -10.87 8.65
N GLU A 5 3.78 -12.18 8.84
CA GLU A 5 5.09 -12.78 8.94
C GLU A 5 5.66 -13.01 7.55
N GLU A 6 6.38 -12.02 7.05
CA GLU A 6 7.02 -12.10 5.75
C GLU A 6 8.13 -11.07 5.66
N MET A 7 7.75 -9.89 5.15
CA MET A 7 8.69 -8.83 4.86
C MET A 7 9.82 -9.32 3.98
N VAL A 8 9.42 -10.02 2.90
CA VAL A 8 10.35 -10.43 1.84
C VAL A 8 9.58 -10.86 0.58
N GLN A 9 8.77 -9.94 0.02
CA GLN A 9 8.10 -10.23 -1.24
C GLN A 9 8.71 -9.44 -2.39
N THR A 10 8.54 -8.11 -2.39
CA THR A 10 9.01 -7.28 -3.50
C THR A 10 10.12 -6.33 -3.07
N GLU A 11 11.34 -6.64 -3.50
CA GLU A 11 12.53 -5.90 -3.13
C GLU A 11 12.67 -4.57 -3.88
N GLU A 12 13.32 -3.62 -3.22
CA GLU A 12 13.66 -2.32 -3.78
C GLU A 12 14.90 -1.82 -3.03
N MET A 13 15.26 -0.55 -3.17
CA MET A 13 16.49 -0.06 -2.57
C MET A 13 16.36 0.10 -1.05
N GLU A 14 15.22 0.58 -0.57
CA GLU A 14 15.02 0.70 0.86
C GLU A 14 14.03 -0.33 1.38
N THR A 15 13.23 -0.91 0.50
CA THR A 15 12.19 -1.84 0.95
C THR A 15 12.79 -3.17 1.33
N PRO A 16 12.25 -3.82 2.36
CA PRO A 16 12.74 -5.10 2.82
C PRO A 16 12.01 -6.20 2.09
N ARG A 17 11.84 -6.00 0.79
CA ARG A 17 10.97 -6.84 -0.01
C ARG A 17 9.56 -6.78 0.55
N LEU A 18 8.90 -5.66 0.40
CA LEU A 18 7.54 -5.57 0.88
C LEU A 18 6.52 -5.42 -0.24
N SER A 19 5.65 -6.40 -0.32
CA SER A 19 4.58 -6.41 -1.30
C SER A 19 3.23 -6.32 -0.61
N VAL A 20 2.46 -5.37 -1.07
CA VAL A 20 1.18 -5.01 -0.49
C VAL A 20 0.04 -5.53 -1.38
N ILE A 21 -1.09 -5.73 -0.76
CA ILE A 21 -2.28 -6.18 -1.45
C ILE A 21 -3.15 -4.99 -1.81
N VAL A 22 -3.28 -4.71 -3.09
CA VAL A 22 -4.16 -3.63 -3.54
C VAL A 22 -5.30 -4.19 -4.35
N THR A 23 -6.49 -4.06 -3.84
CA THR A 23 -7.63 -4.63 -4.51
C THR A 23 -8.79 -3.64 -4.60
N HIS A 24 -9.61 -3.86 -5.61
CA HIS A 24 -10.89 -3.19 -5.75
C HIS A 24 -11.90 -4.28 -6.02
N SER A 25 -12.75 -4.57 -5.03
CA SER A 25 -13.66 -5.73 -5.08
C SER A 25 -12.88 -7.06 -5.08
N ASN A 26 -11.98 -7.19 -6.04
CA ASN A 26 -11.18 -8.39 -6.25
C ASN A 26 -10.01 -8.03 -7.14
N GLU A 27 -10.27 -7.07 -8.02
CA GLU A 27 -9.29 -6.47 -8.93
C GLU A 27 -7.97 -6.19 -8.20
N ARG A 28 -7.00 -7.04 -8.43
CA ARG A 28 -5.80 -7.10 -7.61
C ARG A 28 -4.54 -6.75 -8.38
N TYR A 29 -3.79 -5.81 -7.84
CA TYR A 29 -2.42 -5.56 -8.28
C TYR A 29 -1.52 -5.62 -7.05
N ASP A 30 -0.42 -6.34 -7.15
CA ASP A 30 0.54 -6.36 -6.04
C ASP A 30 1.41 -5.12 -6.09
N LEU A 31 1.35 -4.35 -5.02
CA LEU A 31 1.99 -3.06 -4.94
C LEU A 31 3.11 -3.13 -3.92
N LEU A 32 4.11 -2.27 -4.02
CA LEU A 32 5.24 -2.38 -3.10
C LEU A 32 5.28 -1.18 -2.16
N VAL A 33 5.63 -1.46 -0.90
CA VAL A 33 5.65 -0.45 0.16
C VAL A 33 6.73 0.58 -0.14
N THR A 34 6.51 1.83 0.26
CA THR A 34 7.30 2.92 -0.23
C THR A 34 8.60 3.07 0.54
N PRO A 35 9.71 2.92 -0.20
CA PRO A 35 11.05 3.01 0.35
C PRO A 35 11.39 4.43 0.77
N GLN A 36 12.41 4.54 1.62
CA GLN A 36 12.88 5.81 2.18
C GLN A 36 12.18 6.09 3.51
N GLN A 37 11.75 5.03 4.17
CA GLN A 37 11.22 5.14 5.52
C GLN A 37 12.12 4.38 6.49
N GLY A 38 11.66 3.20 6.86
CA GLY A 38 12.43 2.33 7.71
C GLY A 38 12.25 0.93 7.22
N ASN A 39 11.96 0.85 5.91
CA ASN A 39 11.57 -0.37 5.17
C ASN A 39 10.36 -1.08 5.76
N SER A 40 10.29 -1.19 7.06
CA SER A 40 9.20 -1.90 7.71
C SER A 40 8.03 -0.97 7.95
N GLU A 41 8.32 0.30 8.10
CA GLU A 41 7.31 1.27 8.50
C GLU A 41 7.21 2.29 7.42
N PRO A 42 6.34 2.06 6.43
CA PRO A 42 6.23 2.89 5.23
C PRO A 42 5.86 4.33 5.53
N VAL A 43 6.06 5.21 4.55
CA VAL A 43 5.74 6.62 4.73
C VAL A 43 4.24 6.81 4.64
N VAL A 44 3.71 7.90 5.18
CA VAL A 44 2.26 8.13 5.16
C VAL A 44 1.73 8.02 3.75
N GLN A 45 2.58 8.46 2.83
CA GLN A 45 2.29 8.48 1.41
C GLN A 45 2.04 7.07 0.88
N ASP A 46 2.72 6.09 1.49
CA ASP A 46 2.77 4.74 0.96
C ASP A 46 1.41 4.14 0.80
N LEU A 47 0.55 4.32 1.80
CA LEU A 47 -0.72 3.69 1.78
C LEU A 47 -1.48 4.16 0.54
N ALA A 48 -1.53 5.48 0.33
CA ALA A 48 -2.21 6.06 -0.81
C ALA A 48 -1.56 5.65 -2.10
N GLN A 49 -0.24 5.56 -2.06
CA GLN A 49 0.55 5.23 -3.23
C GLN A 49 0.18 3.87 -3.74
N LEU A 50 0.03 2.96 -2.83
CA LEU A 50 -0.19 1.56 -3.14
C LEU A 50 -1.47 1.35 -3.97
N VAL A 51 -2.57 1.84 -3.45
CA VAL A 51 -3.87 1.75 -4.12
C VAL A 51 -3.84 2.53 -5.44
N GLU A 52 -3.10 3.63 -5.43
CA GLU A 52 -2.96 4.50 -6.60
C GLU A 52 -2.09 3.86 -7.67
N GLU A 53 -0.94 3.34 -7.25
CA GLU A 53 0.09 2.84 -8.17
C GLU A 53 -0.33 1.53 -8.80
N ALA A 54 -1.23 0.81 -8.14
CA ALA A 54 -1.66 -0.49 -8.62
C ALA A 54 -2.19 -0.40 -10.05
N THR A 55 -3.04 0.57 -10.30
CA THR A 55 -3.60 0.74 -11.64
C THR A 55 -3.16 2.06 -12.28
N GLY A 56 -2.44 2.89 -11.55
CA GLY A 56 -2.02 4.18 -12.09
C GLY A 56 -3.08 5.25 -11.88
N VAL A 57 -3.94 5.01 -10.91
CA VAL A 57 -5.13 5.82 -10.70
C VAL A 57 -4.86 7.01 -9.79
N PRO A 58 -5.41 8.18 -10.12
CA PRO A 58 -5.31 9.36 -9.26
C PRO A 58 -6.12 9.21 -7.98
N LEU A 59 -5.67 9.93 -6.96
CA LEU A 59 -6.27 9.92 -5.63
C LEU A 59 -7.80 10.07 -5.62
N PRO A 60 -8.41 10.99 -6.41
CA PRO A 60 -9.86 11.21 -6.37
C PRO A 60 -10.68 10.04 -6.91
N PHE A 61 -10.03 9.16 -7.68
CA PHE A 61 -10.74 8.07 -8.34
C PHE A 61 -10.83 6.83 -7.48
N GLN A 62 -9.97 6.73 -6.49
CA GLN A 62 -10.00 5.59 -5.61
C GLN A 62 -10.28 6.01 -4.18
N LYS A 63 -11.09 5.23 -3.50
CA LYS A 63 -11.27 5.38 -2.09
C LYS A 63 -10.52 4.27 -1.38
N LEU A 64 -9.27 4.54 -1.04
CA LEU A 64 -8.42 3.54 -0.44
C LEU A 64 -8.77 3.41 1.01
N ILE A 65 -9.18 2.20 1.35
CA ILE A 65 -9.44 1.80 2.72
C ILE A 65 -8.70 0.51 3.01
N PHE A 66 -7.67 0.61 3.83
CA PHE A 66 -7.03 -0.56 4.40
C PHE A 66 -6.09 -0.15 5.50
N LYS A 67 -5.90 -1.01 6.50
CA LYS A 67 -4.95 -0.77 7.59
C LYS A 67 -5.36 0.42 8.44
N GLY A 68 -6.68 0.61 8.55
CA GLY A 68 -7.21 1.76 9.27
C GLY A 68 -6.82 3.04 8.60
N LYS A 69 -6.29 2.90 7.40
CA LYS A 69 -5.77 4.02 6.66
C LYS A 69 -6.54 4.22 5.38
N SER A 70 -6.88 5.45 5.13
CA SER A 70 -7.55 5.83 3.92
C SER A 70 -6.68 6.81 3.15
N LEU A 71 -6.64 6.68 1.83
CA LEU A 71 -5.74 7.52 1.04
C LEU A 71 -6.19 8.98 1.08
N LYS A 72 -5.23 9.89 1.00
CA LYS A 72 -5.60 11.28 0.94
C LYS A 72 -4.51 12.16 0.33
N GLU A 73 -3.34 12.17 0.97
CA GLU A 73 -2.30 13.16 0.68
C GLU A 73 -1.06 12.83 1.51
N MET A 74 -1.17 13.10 2.81
CA MET A 74 -0.18 12.70 3.80
C MET A 74 -0.94 12.18 5.02
N GLU A 75 -1.24 10.90 4.98
CA GLU A 75 -2.23 10.28 5.82
C GLU A 75 -1.70 9.91 7.21
N THR A 76 -2.26 8.86 7.78
CA THR A 76 -2.02 8.49 9.18
C THR A 76 -0.64 7.83 9.43
N PRO A 77 -0.11 7.98 10.66
CA PRO A 77 1.23 7.53 11.10
C PRO A 77 1.88 6.36 10.36
N LEU A 78 3.19 6.53 10.17
CA LEU A 78 4.05 5.65 9.38
C LEU A 78 4.27 4.27 10.00
N SER A 79 4.38 4.18 11.31
CA SER A 79 4.51 2.89 11.98
C SER A 79 3.29 2.01 11.67
N ALA A 80 2.14 2.65 11.60
CA ALA A 80 0.89 1.99 11.27
C ALA A 80 0.75 1.78 9.75
N LEU A 81 1.78 2.19 8.99
CA LEU A 81 1.70 2.24 7.54
C LEU A 81 1.78 0.86 6.86
N GLY A 82 1.56 -0.23 7.59
CA GLY A 82 1.67 -1.52 6.94
C GLY A 82 2.95 -2.27 7.23
N MET A 83 3.46 -2.20 8.46
CA MET A 83 4.67 -2.95 8.78
C MET A 83 4.41 -4.46 8.77
N GLN A 84 4.49 -4.97 7.56
CA GLN A 84 4.51 -6.37 7.20
C GLN A 84 4.98 -6.32 5.78
N ASN A 85 5.18 -7.42 5.07
CA ASN A 85 5.39 -7.23 3.64
C ASN A 85 4.21 -6.44 3.11
N GLY A 86 4.47 -5.19 2.78
CA GLY A 86 3.53 -4.29 2.13
C GLY A 86 2.17 -4.04 2.81
N CYS A 87 1.70 -5.00 3.59
CA CYS A 87 0.36 -4.92 4.19
C CYS A 87 -0.72 -4.96 3.11
N ARG A 88 -1.84 -4.33 3.38
CA ARG A 88 -2.99 -4.35 2.48
C ARG A 88 -3.59 -2.96 2.34
N VAL A 89 -4.11 -2.65 1.16
CA VAL A 89 -4.80 -1.40 0.85
C VAL A 89 -5.81 -1.63 -0.27
N MET A 90 -7.09 -1.46 0.02
CA MET A 90 -8.06 -1.62 -1.05
C MET A 90 -8.88 -0.38 -1.27
N LEU A 91 -8.99 -0.01 -2.51
CA LEU A 91 -9.74 1.15 -2.90
C LEU A 91 -11.05 0.73 -3.51
N ILE A 92 -12.12 1.37 -3.07
CA ILE A 92 -13.40 1.11 -3.67
C ILE A 92 -13.84 2.31 -4.46
N GLY A 93 -13.90 2.11 -5.76
CA GLY A 93 -14.31 3.16 -6.65
C GLY A 93 -13.93 2.83 -8.07
N GLU A 94 -12.92 3.51 -8.58
CA GLU A 94 -12.45 3.26 -9.91
C GLU A 94 -10.93 3.07 -9.93
N LYS A 95 -10.50 1.87 -10.26
CA LYS A 95 -9.10 1.65 -10.58
C LYS A 95 -8.90 1.99 -12.04
N SER A 96 -8.95 3.29 -12.34
CA SER A 96 -8.82 3.81 -13.69
C SER A 96 -7.51 3.36 -14.35
N ASN A 97 -7.58 2.27 -15.09
CA ASN A 97 -6.45 1.77 -15.85
C ASN A 97 -6.58 2.22 -17.30
#